data_2AJQ
#
_entry.id   2AJQ
#
_cell.length_a   168.312
_cell.length_b   169.235
_cell.length_c   179.788
_cell.angle_alpha   90.00
_cell.angle_beta   90.00
_cell.angle_gamma   90.00
#
_symmetry.space_group_name_H-M   'C 2 2 21'
#
loop_
_entity.id
_entity.type
_entity.pdbx_description
1 polymer 'DNA Primer'
2 polymer 'DNA Template'
3 polymer 'T7 DNA polymerase'
4 polymer 'thioredoxin 1'
5 water water
#
loop_
_entity_poly.entity_id
_entity_poly.type
_entity_poly.pdbx_seq_one_letter_code
_entity_poly.pdbx_strand_id
1 'polydeoxyribonucleotide'
;(DC)(DG)(DA)(DA)(DA)(DA)(DC)(DG)(DA)(DC)(DG)(DG)(DC)(DC)(DA)(DG)(DT)(DG)(DC)(DC)
(DA)(2DT)
;
P,X
2 'polydeoxyribonucleotide'
;(DA)(DT)(DG)(DG)(DA)(DT)(DG)(DG)(DC)(DA)(DC)(DT)(DG)(DG)(DC)(DC)(DG)(DT)(DC)(DG)
(DT)(DT)(DT)(DT)(DC)(DG)
;
T,Z
3 'polypeptide(L)'
;MIVSAIAANALLESVTKFHCGVIYDYSTAEYVSYRPSDFGAYLDALEAEVARGGLIVFHNGHKYDVPALTKLAKLQLNRE
FHLPRENCIDTLVLSRLIHSNLKDTDMGLLRSGKLPGKRFGSHALEAWGYRLGEMKGEYKDDFKRMLEEQGEEYVDGMEW
WNFNEEMMDYNVQDVVVTKALLEKLLSDKHYFPPEIDFTDVGYTTFWSESLEAVDIEHRAAWLLAKQERNGFPFDTKAIE
ELYVELAARRSELLRKLTETFGSWYQPKGGTEMFCHPRTGKPLPKYPRIKTPKVGGIFKKPKNKAQREGREPCELDTREY
VAGAPYTPVEHVVFNPSSRDHIQKKLQEAGWVPTKYTDKGAPVVDDEVLEGVRVDDPEKQAAIDLIKEYLMIQKRIGQSA
EGDKAWLRYVAEDGKIHGSVNPNGAVTGRATHAFPNLAQIPGVRSPYGEQCRAAFGAEHHLDGITGKPWVQAGIDASGLE
LRCLAHFMARFDNGEYAHEILNGDIHTKNQIAAELPTRDNAKTFIYGFLYGAGDEKIGQIVGAGKERGKELKKKFLENTP
AIAALRESIQQTLVESSQWVAGEQQVKWKRRWIKGLDGRKVHVRSPHAALNTLLQSAGALICKLWIIKTEEMLVEKGLKH
GWDGDFAYMAWVHDEIQVGCRTEEIAQVVIETAQEAMRWVGDHWNFRCLLDTEGKMGPNWAICH
;
A,F
4 'polypeptide(L)'
;SDKIIHLTDDSFDTDVLKADGAILVDFWAEWCGPCKMIAPILDEIADEYQGKLTVAKLNIDQNPGTAPKYGIRGIPTLLL
FKNGEVAATKVGALSKGQLKEFLDANLA
;
B,I
#
loop_
_chem_comp.id
_chem_comp.type
_chem_comp.name
_chem_comp.formula
2DT DNA linking 3'-DEOXYTHYMIDINE-5'-MONOPHOSPHATE 'C10 H15 N2 O7 P'
DA DNA linking 2'-DEOXYADENOSINE-5'-MONOPHOSPHATE 'C10 H14 N5 O6 P'
DC DNA linking 2'-DEOXYCYTIDINE-5'-MONOPHOSPHATE 'C9 H14 N3 O7 P'
DG DNA linking 2'-DEOXYGUANOSINE-5'-MONOPHOSPHATE 'C10 H14 N5 O7 P'
DT DNA linking THYMIDINE-5'-MONOPHOSPHATE 'C10 H15 N2 O8 P'
#
# COMPACT_ATOMS: atom_id res chain seq x y z
P 2DT A 22 17.41 -17.51 31.37
OP1 2DT A 22 18.78 -17.97 31.69
OP2 2DT A 22 16.32 -17.75 32.34
O5' 2DT A 22 17.41 -15.95 30.99
N1 2DT A 22 14.34 -13.31 29.85
C6 2DT A 22 14.10 -14.39 30.69
C2 2DT A 22 13.29 -12.60 29.31
O2 2DT A 22 13.44 -11.65 28.55
N3 2DT A 22 12.05 -13.02 29.69
C4 2DT A 22 11.74 -14.07 30.51
O4 2DT A 22 10.56 -14.34 30.73
C5 2DT A 22 12.89 -14.78 31.06
C5M 2DT A 22 12.67 -15.92 32.02
C2' 2DT A 22 16.50 -12.52 30.79
C5' 2DT A 22 18.18 -15.49 29.87
C4' 2DT A 22 17.76 -14.09 29.45
O4' 2DT A 22 16.38 -14.06 29.00
C1' 2DT A 22 15.72 -12.92 29.54
C3' 2DT A 22 17.92 -12.96 30.48
P 2DT C 22 -20.06 22.12 -9.27
OP1 2DT C 22 -20.27 22.31 -7.82
OP2 2DT C 22 -21.03 21.32 -10.05
O5' 2DT C 22 -19.88 23.54 -9.99
N1 2DT C 22 -19.27 24.97 -13.86
C6 2DT C 22 -19.94 23.79 -13.61
C2 2DT C 22 -18.83 25.28 -15.14
O2 2DT C 22 -18.20 26.29 -15.41
N3 2DT C 22 -19.15 24.34 -16.09
C4 2DT C 22 -19.82 23.16 -15.91
O4 2DT C 22 -20.02 22.42 -16.88
C5 2DT C 22 -20.23 22.88 -14.55
C5M 2DT C 22 -20.99 21.64 -14.26
C2' 2DT C 22 -20.35 26.41 -12.13
C5' 2DT C 22 -18.95 24.50 -9.48
C4' 2DT C 22 -18.80 25.69 -10.42
O4' 2DT C 22 -18.34 25.25 -11.72
C1' 2DT C 22 -19.05 25.93 -12.76
C3' 2DT C 22 -20.02 26.57 -10.65
N MET E 1 32.13 5.36 -2.96
CA MET E 1 31.09 4.36 -2.58
C MET E 1 30.52 3.63 -3.79
N ILE E 2 30.55 2.30 -3.73
CA ILE E 2 30.02 1.46 -4.80
C ILE E 2 28.89 0.61 -4.22
N VAL E 3 28.03 0.10 -5.08
CA VAL E 3 26.93 -0.74 -4.63
C VAL E 3 27.03 -2.07 -5.36
N SER E 4 26.86 -3.16 -4.62
CA SER E 4 26.99 -4.45 -5.24
C SER E 4 26.05 -5.54 -4.75
N ALA E 5 26.04 -6.63 -5.49
CA ALA E 5 25.24 -7.80 -5.20
C ALA E 5 25.84 -8.91 -6.03
N ILE E 6 25.78 -10.14 -5.53
CA ILE E 6 26.32 -11.25 -6.27
C ILE E 6 25.33 -12.39 -6.31
N ALA E 7 25.70 -13.45 -7.01
CA ALA E 7 24.86 -14.62 -7.12
C ALA E 7 25.82 -15.80 -7.06
N ALA E 8 25.51 -16.75 -6.20
CA ALA E 8 26.33 -17.94 -6.04
C ALA E 8 25.42 -19.16 -6.19
N ASN E 9 26.00 -20.35 -6.11
CA ASN E 9 25.22 -21.56 -6.30
C ASN E 9 24.52 -22.14 -5.09
N ALA E 10 24.64 -21.49 -3.93
CA ALA E 10 23.98 -22.00 -2.72
C ALA E 10 24.07 -21.08 -1.52
N LEU E 11 23.55 -21.57 -0.40
CA LEU E 11 23.59 -20.85 0.86
C LEU E 11 25.04 -20.88 1.33
N LEU E 12 25.41 -19.98 2.23
CA LEU E 12 26.78 -19.92 2.71
C LEU E 12 27.33 -21.30 3.10
N GLU E 13 26.52 -22.06 3.81
CA GLU E 13 26.87 -23.38 4.27
C GLU E 13 27.57 -24.25 3.22
N SER E 14 26.97 -24.40 2.04
CA SER E 14 27.56 -25.23 1.00
C SER E 14 27.90 -24.54 -0.33
N VAL E 15 28.07 -23.23 -0.32
CA VAL E 15 28.38 -22.50 -1.54
C VAL E 15 29.75 -22.90 -2.10
N THR E 16 29.85 -23.13 -3.42
CA THR E 16 31.12 -23.51 -4.04
C THR E 16 31.51 -22.69 -5.26
N LYS E 17 30.52 -22.22 -6.02
CA LYS E 17 30.82 -21.44 -7.21
C LYS E 17 30.17 -20.07 -7.31
N PHE E 18 30.97 -19.11 -7.74
CA PHE E 18 30.55 -17.73 -7.92
C PHE E 18 30.00 -17.59 -9.33
N HIS E 19 28.75 -17.17 -9.46
CA HIS E 19 28.15 -16.99 -10.77
C HIS E 19 28.40 -15.61 -11.35
N CYS E 20 27.65 -14.61 -10.89
CA CYS E 20 27.82 -13.26 -11.40
C CYS E 20 27.85 -12.19 -10.32
N GLY E 21 28.18 -10.96 -10.73
CA GLY E 21 28.24 -9.85 -9.80
C GLY E 21 28.21 -8.50 -10.49
N VAL E 22 27.45 -7.56 -9.92
CA VAL E 22 27.34 -6.23 -10.49
C VAL E 22 27.85 -5.14 -9.54
N ILE E 23 28.57 -4.17 -10.07
CA ILE E 23 29.08 -3.07 -9.27
C ILE E 23 28.70 -1.69 -9.79
N TYR E 24 27.76 -1.03 -9.12
CA TYR E 24 27.39 0.31 -9.53
C TYR E 24 28.26 1.29 -8.75
N ASP E 25 29.06 2.07 -9.44
CA ASP E 25 29.94 3.04 -8.78
C ASP E 25 29.28 4.42 -8.87
N TYR E 26 29.29 5.16 -7.76
CA TYR E 26 28.69 6.49 -7.73
C TYR E 26 29.53 7.56 -8.42
N SER E 27 30.84 7.35 -8.49
CA SER E 27 31.72 8.30 -9.15
C SER E 27 31.48 8.26 -10.66
N THR E 28 31.68 7.10 -11.28
CA THR E 28 31.49 6.96 -12.72
C THR E 28 30.02 7.05 -13.11
N ALA E 29 29.14 6.59 -12.23
CA ALA E 29 27.70 6.59 -12.48
C ALA E 29 27.24 5.49 -13.42
N GLU E 30 28.06 4.45 -13.58
CA GLU E 30 27.67 3.34 -14.45
C GLU E 30 27.92 1.95 -13.86
N TYR E 31 27.09 1.00 -14.29
CA TYR E 31 27.18 -0.38 -13.85
C TYR E 31 28.30 -1.11 -14.57
N VAL E 32 28.64 -2.30 -14.09
CA VAL E 32 29.67 -3.14 -14.67
C VAL E 32 29.28 -4.57 -14.28
N SER E 33 29.30 -5.48 -15.24
CA SER E 33 28.92 -6.85 -14.96
C SER E 33 30.07 -7.84 -14.98
N TYR E 34 30.00 -8.82 -14.09
CA TYR E 34 31.03 -9.84 -13.97
C TYR E 34 30.43 -11.24 -14.07
N ARG E 35 31.00 -12.05 -14.96
CA ARG E 35 30.53 -13.41 -15.17
C ARG E 35 31.51 -14.39 -14.53
N PRO E 36 31.16 -15.68 -14.47
CA PRO E 36 32.03 -16.70 -13.86
C PRO E 36 33.54 -16.46 -13.94
N SER E 37 34.05 -16.24 -15.15
CA SER E 37 35.48 -16.02 -15.33
C SER E 37 35.94 -14.61 -14.96
N ASP E 38 35.01 -13.78 -14.50
CA ASP E 38 35.33 -12.41 -14.11
C ASP E 38 35.48 -12.26 -12.60
N PHE E 39 35.23 -13.34 -11.87
CA PHE E 39 35.32 -13.33 -10.41
C PHE E 39 36.66 -12.74 -9.93
N GLY E 40 37.73 -13.02 -10.65
CA GLY E 40 39.02 -12.49 -10.26
C GLY E 40 39.02 -10.97 -10.32
N ALA E 41 38.46 -10.41 -11.39
CA ALA E 41 38.39 -8.97 -11.57
C ALA E 41 37.39 -8.34 -10.60
N TYR E 42 36.31 -9.05 -10.31
CA TYR E 42 35.28 -8.57 -9.39
C TYR E 42 35.89 -8.29 -8.04
N LEU E 43 36.62 -9.27 -7.51
CA LEU E 43 37.28 -9.12 -6.22
C LEU E 43 38.30 -7.97 -6.25
N ASP E 44 38.92 -7.75 -7.40
CA ASP E 44 39.88 -6.65 -7.50
C ASP E 44 39.14 -5.33 -7.40
N ALA E 45 37.98 -5.26 -8.05
CA ALA E 45 37.17 -4.05 -8.02
C ALA E 45 36.78 -3.67 -6.59
N LEU E 46 36.58 -4.68 -5.75
CA LEU E 46 36.20 -4.44 -4.37
C LEU E 46 37.39 -3.96 -3.56
N GLU E 47 38.56 -4.54 -3.82
CA GLU E 47 39.77 -4.15 -3.11
C GLU E 47 40.17 -2.72 -3.43
N ALA E 48 39.84 -2.26 -4.64
CA ALA E 48 40.18 -0.90 -5.07
C ALA E 48 39.43 0.14 -4.26
N GLU E 49 38.15 -0.12 -4.01
CA GLU E 49 37.32 0.78 -3.23
C GLU E 49 37.86 0.86 -1.81
N VAL E 50 38.43 -0.24 -1.33
CA VAL E 50 38.98 -0.27 0.01
C VAL E 50 40.31 0.47 0.03
N ALA E 51 41.00 0.44 -1.10
CA ALA E 51 42.27 1.14 -1.21
C ALA E 51 42.00 2.63 -1.17
N ARG E 52 40.95 3.07 -1.86
CA ARG E 52 40.58 4.48 -1.88
C ARG E 52 39.97 4.97 -0.57
N GLY E 53 39.78 4.06 0.38
CA GLY E 53 39.17 4.44 1.64
C GLY E 53 37.68 4.67 1.44
N GLY E 54 37.13 4.00 0.44
CA GLY E 54 35.72 4.14 0.14
C GLY E 54 34.81 3.19 0.89
N LEU E 55 33.60 3.02 0.37
CA LEU E 55 32.61 2.14 0.97
C LEU E 55 32.00 1.14 -0.03
N ILE E 56 31.51 0.03 0.47
CA ILE E 56 30.91 -0.98 -0.38
C ILE E 56 29.55 -1.34 0.20
N VAL E 57 28.49 -1.11 -0.58
CA VAL E 57 27.13 -1.39 -0.13
C VAL E 57 26.59 -2.73 -0.63
N PHE E 58 26.22 -3.59 0.30
CA PHE E 58 25.66 -4.91 -0.01
C PHE E 58 24.37 -5.05 0.79
N HIS E 59 23.37 -5.69 0.21
CA HIS E 59 22.15 -5.92 0.98
C HIS E 59 22.32 -7.32 1.59
N ASN E 60 22.42 -7.37 2.92
CA ASN E 60 22.62 -8.63 3.65
C ASN E 60 24.04 -9.15 3.43
N GLY E 61 24.98 -8.22 3.30
CA GLY E 61 26.37 -8.58 3.08
C GLY E 61 27.13 -9.10 4.30
N HIS E 62 26.85 -8.52 5.46
CA HIS E 62 27.53 -8.95 6.66
C HIS E 62 27.33 -10.44 6.92
N LYS E 63 26.12 -10.93 6.66
CA LYS E 63 25.83 -12.33 6.92
C LYS E 63 26.08 -13.27 5.74
N TYR E 64 25.89 -12.77 4.53
CA TYR E 64 26.11 -13.58 3.34
C TYR E 64 27.25 -13.18 2.38
N ASP E 65 27.02 -12.17 1.56
CA ASP E 65 28.00 -11.70 0.56
C ASP E 65 29.48 -11.62 0.96
N VAL E 66 29.81 -10.92 2.03
CA VAL E 66 31.22 -10.80 2.44
C VAL E 66 31.85 -12.14 2.83
N PRO E 67 31.22 -12.89 3.76
CA PRO E 67 31.84 -14.16 4.12
C PRO E 67 31.80 -15.16 2.96
N ALA E 68 30.84 -14.99 2.06
CA ALA E 68 30.72 -15.87 0.90
C ALA E 68 31.81 -15.58 -0.10
N LEU E 69 32.27 -14.33 -0.15
CA LEU E 69 33.33 -13.94 -1.07
C LEU E 69 34.67 -14.37 -0.47
N THR E 70 34.67 -14.54 0.85
CA THR E 70 35.88 -14.97 1.55
C THR E 70 36.09 -16.46 1.31
N LYS E 71 35.01 -17.21 1.40
CA LYS E 71 35.04 -18.65 1.21
C LYS E 71 35.21 -19.02 -0.27
N LEU E 72 34.54 -18.30 -1.17
CA LEU E 72 34.64 -18.57 -2.60
C LEU E 72 35.97 -18.18 -3.18
N ALA E 73 36.62 -17.17 -2.61
CA ALA E 73 37.91 -16.70 -3.10
C ALA E 73 39.05 -17.64 -2.73
N LYS E 74 38.80 -18.47 -1.71
CA LYS E 74 39.80 -19.41 -1.23
C LYS E 74 39.76 -20.70 -2.05
N LEU E 75 38.58 -21.28 -2.19
CA LEU E 75 38.49 -22.52 -2.96
C LEU E 75 38.52 -22.33 -4.48
N GLN E 76 38.08 -21.18 -4.96
CA GLN E 76 38.08 -20.94 -6.40
C GLN E 76 39.33 -20.24 -6.93
N LEU E 77 39.82 -19.22 -6.24
CA LEU E 77 40.99 -18.51 -6.71
C LEU E 77 42.18 -18.70 -5.77
N ASN E 78 41.96 -19.47 -4.71
CA ASN E 78 42.98 -19.72 -3.69
C ASN E 78 43.64 -18.41 -3.26
N ARG E 79 42.83 -17.37 -3.09
CA ARG E 79 43.37 -16.08 -2.67
C ARG E 79 42.71 -15.63 -1.37
N GLU E 80 43.45 -14.84 -0.58
CA GLU E 80 42.94 -14.33 0.67
C GLU E 80 42.14 -13.08 0.44
N PHE E 81 40.85 -13.15 0.72
CA PHE E 81 39.97 -12.01 0.54
C PHE E 81 39.25 -11.69 1.86
N HIS E 82 39.54 -10.51 2.41
CA HIS E 82 38.92 -10.09 3.66
C HIS E 82 38.57 -8.61 3.66
N LEU E 83 37.31 -8.31 3.36
CA LEU E 83 36.85 -6.93 3.35
C LEU E 83 36.79 -6.37 4.76
N PRO E 84 37.57 -5.33 5.04
CA PRO E 84 37.57 -4.73 6.38
C PRO E 84 36.19 -4.21 6.78
N ARG E 85 35.68 -4.69 7.92
CA ARG E 85 34.39 -4.28 8.44
C ARG E 85 34.06 -2.80 8.22
N GLU E 86 35.00 -1.91 8.54
CA GLU E 86 34.81 -0.46 8.40
C GLU E 86 34.51 0.02 6.98
N ASN E 87 34.66 -0.84 5.99
CA ASN E 87 34.41 -0.44 4.61
C ASN E 87 33.08 -0.93 4.08
N CYS E 88 32.37 -1.74 4.87
CA CYS E 88 31.10 -2.31 4.42
C CYS E 88 29.83 -1.75 5.01
N ILE E 89 28.85 -1.52 4.14
CA ILE E 89 27.57 -1.01 4.54
C ILE E 89 26.56 -2.10 4.19
N ASP E 90 25.55 -2.25 5.02
CA ASP E 90 24.57 -3.28 4.81
C ASP E 90 23.15 -2.70 4.89
N THR E 91 22.51 -2.57 3.73
CA THR E 91 21.16 -2.04 3.67
C THR E 91 20.19 -2.83 4.52
N LEU E 92 20.40 -4.13 4.62
CA LEU E 92 19.52 -4.94 5.45
C LEU E 92 19.63 -4.50 6.93
N VAL E 93 20.83 -4.11 7.32
CA VAL E 93 21.07 -3.65 8.68
C VAL E 93 20.47 -2.25 8.89
N LEU E 94 20.66 -1.36 7.93
CA LEU E 94 20.10 -0.01 8.05
C LEU E 94 18.59 -0.14 7.99
N SER E 95 18.11 -0.97 7.09
CA SER E 95 16.68 -1.18 6.95
C SER E 95 16.08 -1.59 8.29
N ARG E 96 16.73 -2.54 8.98
CA ARG E 96 16.24 -3.01 10.27
C ARG E 96 16.39 -2.00 11.39
N LEU E 97 17.25 -1.03 11.19
CA LEU E 97 17.44 -0.02 12.20
C LEU E 97 16.46 1.13 11.99
N ILE E 98 16.34 1.59 10.75
CA ILE E 98 15.46 2.71 10.42
C ILE E 98 13.97 2.37 10.33
N HIS E 99 13.65 1.18 9.82
CA HIS E 99 12.26 0.77 9.69
C HIS E 99 12.04 -0.41 10.64
N SER E 100 12.14 -0.16 11.93
CA SER E 100 11.98 -1.20 12.94
C SER E 100 10.52 -1.50 13.20
N ASN E 101 9.64 -0.86 12.45
CA ASN E 101 8.21 -1.06 12.63
C ASN E 101 7.51 -1.36 11.32
N LEU E 102 8.21 -2.04 10.41
CA LEU E 102 7.64 -2.39 9.11
C LEU E 102 6.28 -3.06 9.20
N LYS E 103 6.04 -3.81 10.28
CA LYS E 103 4.76 -4.50 10.47
C LYS E 103 3.56 -3.57 10.32
N ASP E 104 3.61 -2.41 10.96
CA ASP E 104 2.52 -1.44 10.89
C ASP E 104 2.51 -0.64 9.58
N THR E 105 3.65 -0.06 9.24
CA THR E 105 3.78 0.72 8.01
C THR E 105 3.30 -0.07 6.80
N ASP E 106 3.28 -1.39 6.95
CA ASP E 106 2.87 -2.27 5.86
C ASP E 106 1.38 -2.57 5.75
N MET E 107 0.64 -2.48 6.87
CA MET E 107 -0.79 -2.74 6.83
C MET E 107 -1.41 -1.96 5.67
N GLY E 108 -0.94 -0.72 5.49
CA GLY E 108 -1.45 0.11 4.41
C GLY E 108 -1.05 -0.47 3.07
N LEU E 109 0.14 -1.05 3.00
CA LEU E 109 0.65 -1.65 1.77
C LEU E 109 -0.08 -2.96 1.44
N LEU E 110 -0.57 -3.62 2.48
CA LEU E 110 -1.30 -4.88 2.33
C LEU E 110 -2.69 -4.61 1.75
N ARG E 111 -3.37 -3.62 2.34
CA ARG E 111 -4.71 -3.24 1.90
C ARG E 111 -4.75 -2.69 0.47
N SER E 112 -3.77 -1.85 0.13
CA SER E 112 -3.69 -1.26 -1.21
C SER E 112 -3.37 -2.27 -2.29
N GLY E 113 -2.52 -3.23 -1.95
CA GLY E 113 -2.15 -4.24 -2.91
C GLY E 113 -0.80 -4.00 -3.57
N LYS E 114 -0.01 -3.09 -3.02
CA LYS E 114 1.29 -2.82 -3.62
C LYS E 114 2.35 -3.75 -3.03
N LEU E 115 1.98 -4.52 -2.02
CA LEU E 115 2.90 -5.45 -1.38
C LEU E 115 2.22 -6.79 -1.12
N PRO E 116 2.68 -7.86 -1.78
CA PRO E 116 2.13 -9.21 -1.63
C PRO E 116 2.05 -9.65 -0.17
N GLY E 117 1.06 -10.48 0.15
CA GLY E 117 0.88 -10.94 1.50
C GLY E 117 2.06 -11.67 2.13
N LYS E 118 2.69 -12.56 1.38
CA LYS E 118 3.81 -13.34 1.90
C LYS E 118 4.99 -12.46 2.31
N ARG E 119 5.15 -11.32 1.63
CA ARG E 119 6.23 -10.40 1.93
C ARG E 119 5.84 -9.36 2.97
N PHE E 120 4.81 -9.68 3.74
CA PHE E 120 4.35 -8.76 4.77
C PHE E 120 5.40 -8.50 5.84
N GLY E 121 5.91 -7.27 5.88
CA GLY E 121 6.89 -6.92 6.88
C GLY E 121 8.23 -7.60 6.71
N SER E 122 8.62 -7.82 5.46
CA SER E 122 9.89 -8.45 5.17
C SER E 122 10.90 -7.40 4.77
N HIS E 123 12.12 -7.53 5.26
CA HIS E 123 13.17 -6.60 4.93
C HIS E 123 13.96 -7.14 3.73
N ALA E 124 13.52 -8.29 3.22
CA ALA E 124 14.19 -8.91 2.08
C ALA E 124 14.30 -7.88 0.96
N LEU E 125 15.30 -8.05 0.09
CA LEU E 125 15.49 -7.13 -1.01
C LEU E 125 14.22 -7.01 -1.87
N GLU E 126 13.63 -8.15 -2.22
CA GLU E 126 12.42 -8.13 -3.03
C GLU E 126 11.33 -7.30 -2.36
N ALA E 127 11.04 -7.59 -1.10
CA ALA E 127 10.02 -6.85 -0.36
C ALA E 127 10.22 -5.34 -0.53
N TRP E 128 11.47 -4.89 -0.50
CA TRP E 128 11.75 -3.47 -0.67
C TRP E 128 11.50 -3.02 -2.09
N GLY E 129 11.63 -3.94 -3.03
CA GLY E 129 11.38 -3.60 -4.42
C GLY E 129 9.94 -3.13 -4.59
N TYR E 130 9.01 -3.84 -3.96
CA TYR E 130 7.59 -3.48 -4.04
C TYR E 130 7.31 -2.17 -3.29
N ARG E 131 8.02 -1.93 -2.20
CA ARG E 131 7.82 -0.71 -1.43
C ARG E 131 8.32 0.51 -2.18
N LEU E 132 9.37 0.32 -2.97
CA LEU E 132 9.98 1.42 -3.72
C LEU E 132 9.50 1.52 -5.17
N GLY E 133 8.76 0.52 -5.64
CA GLY E 133 8.29 0.53 -7.00
C GLY E 133 9.45 0.33 -7.98
N GLU E 134 10.24 -0.71 -7.73
CA GLU E 134 11.38 -1.04 -8.58
C GLU E 134 11.24 -2.48 -9.06
N MET E 135 10.23 -3.16 -8.54
CA MET E 135 9.98 -4.56 -8.88
C MET E 135 9.31 -4.80 -10.23
N LYS E 136 10.07 -5.34 -11.17
CA LYS E 136 9.57 -5.65 -12.51
C LYS E 136 9.42 -7.17 -12.62
N GLY E 137 9.86 -7.88 -11.58
CA GLY E 137 9.76 -9.33 -11.57
C GLY E 137 10.75 -9.97 -10.62
N GLU E 138 10.63 -11.28 -10.44
CA GLU E 138 11.52 -12.03 -9.55
C GLU E 138 12.15 -13.18 -10.33
N TYR E 139 13.47 -13.28 -10.26
CA TYR E 139 14.21 -14.32 -10.97
C TYR E 139 13.59 -15.72 -10.89
N LYS E 140 13.40 -16.21 -9.67
CA LYS E 140 12.83 -17.53 -9.44
C LYS E 140 11.52 -17.75 -10.19
N ASP E 141 10.89 -16.68 -10.65
CA ASP E 141 9.63 -16.79 -11.37
C ASP E 141 9.83 -16.77 -12.87
N ASP E 142 10.83 -16.02 -13.33
CA ASP E 142 11.13 -15.92 -14.75
C ASP E 142 11.86 -17.21 -15.14
N PHE E 143 12.05 -18.07 -14.14
CA PHE E 143 12.74 -19.34 -14.32
C PHE E 143 11.76 -20.50 -14.19
N LYS E 144 10.99 -20.50 -13.10
CA LYS E 144 10.00 -21.54 -12.85
C LYS E 144 8.97 -21.62 -13.98
N ARG E 145 8.36 -20.49 -14.32
CA ARG E 145 7.36 -20.48 -15.39
C ARG E 145 8.03 -20.70 -16.74
N MET E 146 9.22 -20.13 -16.91
CA MET E 146 9.95 -20.28 -18.16
C MET E 146 10.47 -21.71 -18.27
N LEU E 147 10.27 -22.50 -17.21
CA LEU E 147 10.69 -23.89 -17.20
C LEU E 147 9.60 -24.73 -17.84
N GLU E 148 8.37 -24.22 -17.79
CA GLU E 148 7.23 -24.90 -18.38
C GLU E 148 7.35 -24.78 -19.89
N GLU E 149 7.70 -23.57 -20.34
CA GLU E 149 7.88 -23.27 -21.75
C GLU E 149 9.22 -23.81 -22.23
N GLN E 150 9.64 -24.93 -21.64
CA GLN E 150 10.90 -25.59 -22.00
C GLN E 150 10.79 -27.08 -21.72
N GLY E 151 9.78 -27.47 -20.96
CA GLY E 151 9.56 -28.88 -20.67
C GLY E 151 9.95 -29.38 -19.29
N GLU E 152 11.26 -29.39 -19.01
CA GLU E 152 11.79 -29.86 -17.72
C GLU E 152 10.98 -29.46 -16.49
N GLU E 153 11.12 -30.24 -15.43
CA GLU E 153 10.40 -29.97 -14.18
C GLU E 153 11.10 -28.91 -13.33
N TYR E 154 10.92 -29.01 -12.01
CA TYR E 154 11.53 -28.07 -11.07
C TYR E 154 11.86 -28.78 -9.76
N VAL E 155 12.99 -28.43 -9.17
CA VAL E 155 13.42 -29.01 -7.89
C VAL E 155 13.65 -27.90 -6.88
N ASP E 156 12.96 -27.99 -5.74
CA ASP E 156 13.07 -26.99 -4.67
C ASP E 156 14.42 -26.30 -4.59
N GLY E 157 14.47 -25.04 -5.02
CA GLY E 157 15.71 -24.28 -5.00
C GLY E 157 16.73 -24.80 -5.98
N MET E 158 16.49 -24.56 -7.27
CA MET E 158 17.41 -25.02 -8.29
C MET E 158 17.66 -23.96 -9.35
N GLU E 159 17.11 -22.77 -9.14
CA GLU E 159 17.30 -21.68 -10.09
C GLU E 159 18.71 -21.12 -10.02
N TRP E 160 19.51 -21.62 -9.07
CA TRP E 160 20.87 -21.13 -8.89
C TRP E 160 21.98 -22.14 -9.20
N TRP E 161 21.64 -23.31 -9.71
CA TRP E 161 22.65 -24.30 -10.02
C TRP E 161 23.68 -23.85 -11.06
N ASN E 162 23.21 -23.26 -12.16
CA ASN E 162 24.13 -22.81 -13.21
C ASN E 162 23.87 -21.38 -13.67
N PHE E 163 24.95 -20.69 -14.04
CA PHE E 163 24.85 -19.31 -14.50
C PHE E 163 24.20 -19.22 -15.88
N ASN E 164 23.32 -18.23 -16.04
CA ASN E 164 22.66 -17.99 -17.31
C ASN E 164 22.36 -16.50 -17.40
N GLU E 165 22.47 -15.94 -18.60
CA GLU E 165 22.24 -14.51 -18.80
C GLU E 165 20.97 -13.95 -18.17
N GLU E 166 19.98 -14.80 -17.94
CA GLU E 166 18.73 -14.36 -17.32
C GLU E 166 19.01 -14.00 -15.87
N MET E 167 19.96 -14.72 -15.28
CA MET E 167 20.38 -14.51 -13.91
C MET E 167 21.21 -13.23 -13.85
N MET E 168 22.10 -13.06 -14.82
CA MET E 168 22.96 -11.88 -14.89
C MET E 168 22.21 -10.57 -14.98
N ASP E 169 20.96 -10.61 -15.42
CA ASP E 169 20.19 -9.38 -15.54
C ASP E 169 19.33 -9.12 -14.33
N TYR E 170 18.88 -10.18 -13.67
CA TYR E 170 18.08 -10.03 -12.48
C TYR E 170 19.06 -9.67 -11.36
N ASN E 171 20.34 -9.89 -11.65
CA ASN E 171 21.42 -9.58 -10.71
C ASN E 171 21.53 -8.05 -10.70
N VAL E 172 21.43 -7.46 -11.88
CA VAL E 172 21.47 -6.01 -12.04
C VAL E 172 20.23 -5.42 -11.37
N GLN E 173 19.10 -6.08 -11.59
CA GLN E 173 17.83 -5.67 -11.03
C GLN E 173 17.99 -5.50 -9.52
N ASP E 174 18.76 -6.41 -8.92
CA ASP E 174 19.00 -6.39 -7.48
C ASP E 174 19.97 -5.32 -7.01
N VAL E 175 20.75 -4.78 -7.92
CA VAL E 175 21.68 -3.72 -7.56
C VAL E 175 20.96 -2.38 -7.59
N VAL E 176 20.03 -2.20 -8.52
CA VAL E 176 19.32 -0.93 -8.58
C VAL E 176 18.36 -0.86 -7.38
N VAL E 177 17.82 -2.00 -6.96
CA VAL E 177 16.93 -1.98 -5.81
C VAL E 177 17.75 -1.65 -4.57
N THR E 178 18.97 -2.17 -4.51
CA THR E 178 19.85 -1.90 -3.38
C THR E 178 20.16 -0.40 -3.37
N LYS E 179 20.56 0.14 -4.52
CA LYS E 179 20.87 1.56 -4.64
C LYS E 179 19.69 2.43 -4.26
N ALA E 180 18.50 2.08 -4.76
CA ALA E 180 17.29 2.83 -4.45
C ALA E 180 16.92 2.71 -2.99
N LEU E 181 17.22 1.54 -2.41
CA LEU E 181 16.93 1.28 -1.01
C LEU E 181 17.87 2.10 -0.15
N LEU E 182 19.13 2.18 -0.57
CA LEU E 182 20.15 2.93 0.15
C LEU E 182 19.85 4.42 0.19
N GLU E 183 19.46 4.99 -0.96
CA GLU E 183 19.14 6.40 -1.03
C GLU E 183 17.89 6.68 -0.21
N LYS E 184 16.97 5.72 -0.16
CA LYS E 184 15.74 5.86 0.61
C LYS E 184 16.08 5.90 2.10
N LEU E 185 17.15 5.21 2.47
CA LEU E 185 17.58 5.15 3.85
C LEU E 185 18.47 6.34 4.19
N LEU E 186 19.32 6.74 3.24
CA LEU E 186 20.20 7.88 3.48
C LEU E 186 19.40 9.18 3.56
N SER E 187 18.17 9.15 3.05
CA SER E 187 17.34 10.34 3.07
C SER E 187 16.63 10.53 4.40
N ASP E 188 16.89 9.65 5.36
CA ASP E 188 16.27 9.78 6.68
C ASP E 188 17.21 10.65 7.50
N LYS E 189 16.89 11.94 7.56
CA LYS E 189 17.70 12.93 8.26
C LYS E 189 17.90 12.77 9.76
N HIS E 190 17.24 11.79 10.35
CA HIS E 190 17.39 11.55 11.77
C HIS E 190 18.65 10.71 11.98
N TYR E 191 18.98 9.90 10.98
CA TYR E 191 20.18 9.06 11.05
C TYR E 191 21.30 9.60 10.19
N PHE E 192 20.95 10.35 9.16
CA PHE E 192 21.94 10.92 8.26
C PHE E 192 21.70 12.41 8.02
N PRO E 193 22.52 13.27 8.64
CA PRO E 193 22.38 14.72 8.47
C PRO E 193 22.45 15.16 7.00
N PRO E 194 21.67 16.19 6.62
CA PRO E 194 21.66 16.70 5.24
C PRO E 194 22.93 17.43 4.83
N GLU E 195 23.56 18.11 5.79
CA GLU E 195 24.76 18.88 5.52
C GLU E 195 25.88 18.04 4.90
N ILE E 196 25.67 16.74 4.81
CA ILE E 196 26.69 15.87 4.23
C ILE E 196 26.05 14.99 3.16
N ASP E 197 26.79 14.73 2.09
CA ASP E 197 26.27 13.83 1.05
C ASP E 197 26.95 12.49 1.29
N PHE E 198 26.21 11.55 1.87
CA PHE E 198 26.80 10.26 2.17
C PHE E 198 27.12 9.36 0.99
N THR E 199 26.55 9.64 -0.17
CA THR E 199 26.87 8.81 -1.32
C THR E 199 28.22 9.27 -1.87
N ASP E 200 28.82 10.26 -1.22
CA ASP E 200 30.11 10.76 -1.67
C ASP E 200 31.11 11.16 -0.58
N VAL E 201 31.39 10.25 0.35
CA VAL E 201 32.35 10.52 1.41
C VAL E 201 33.18 9.29 1.75
N GLY E 202 34.24 9.50 2.53
CA GLY E 202 35.11 8.40 2.92
C GLY E 202 34.50 7.64 4.09
N TYR E 203 34.90 6.38 4.26
CA TYR E 203 34.36 5.57 5.33
C TYR E 203 34.53 6.19 6.70
N THR E 204 35.63 6.89 6.93
CA THR E 204 35.82 7.52 8.23
C THR E 204 34.80 8.63 8.49
N THR E 205 34.39 9.33 7.43
CA THR E 205 33.41 10.40 7.58
C THR E 205 32.00 9.82 7.63
N PHE E 206 31.79 8.69 6.97
CA PHE E 206 30.49 8.04 6.96
C PHE E 206 30.10 7.57 8.35
N TRP E 207 31.04 6.99 9.10
CA TRP E 207 30.74 6.52 10.44
C TRP E 207 30.68 7.64 11.48
N SER E 208 31.51 8.67 11.31
CA SER E 208 31.51 9.76 12.28
C SER E 208 30.42 10.82 12.10
N GLU E 209 29.90 10.99 10.89
CA GLU E 209 28.86 11.99 10.68
C GLU E 209 27.44 11.44 10.76
N SER E 210 27.30 10.12 10.82
CA SER E 210 25.98 9.52 10.93
C SER E 210 25.64 9.31 12.40
N LEU E 211 24.36 9.11 12.68
CA LEU E 211 23.91 8.86 14.05
C LEU E 211 24.70 7.64 14.57
N GLU E 212 25.06 7.62 15.83
CA GLU E 212 25.84 6.52 16.40
C GLU E 212 25.22 5.12 16.24
N ALA E 213 23.90 5.06 16.23
CA ALA E 213 23.23 3.79 16.07
C ALA E 213 23.65 3.09 14.77
N VAL E 214 23.95 3.87 13.73
CA VAL E 214 24.34 3.32 12.44
C VAL E 214 25.61 2.49 12.52
N ASP E 215 26.56 2.98 13.30
CA ASP E 215 27.85 2.34 13.52
C ASP E 215 27.68 1.11 14.44
N ILE E 216 26.94 1.26 15.52
CA ILE E 216 26.74 0.16 16.42
C ILE E 216 26.03 -1.03 15.78
N GLU E 217 24.98 -0.78 15.02
CA GLU E 217 24.25 -1.88 14.38
C GLU E 217 25.10 -2.57 13.34
N HIS E 218 26.05 -1.85 12.75
CA HIS E 218 26.90 -2.49 11.76
C HIS E 218 28.00 -3.35 12.39
N ARG E 219 28.50 -2.91 13.53
CA ARG E 219 29.52 -3.65 14.23
C ARG E 219 28.83 -4.88 14.85
N ALA E 220 27.63 -4.69 15.37
CA ALA E 220 26.91 -5.79 15.99
C ALA E 220 26.57 -6.87 14.97
N ALA E 221 26.24 -6.48 13.74
CA ALA E 221 25.90 -7.43 12.71
C ALA E 221 27.10 -8.24 12.23
N TRP E 222 28.23 -7.58 12.15
CA TRP E 222 29.46 -8.20 11.71
C TRP E 222 29.89 -9.24 12.73
N LEU E 223 29.86 -8.84 13.99
CA LEU E 223 30.24 -9.72 15.08
C LEU E 223 29.25 -10.89 15.25
N LEU E 224 27.95 -10.64 15.17
CA LEU E 224 26.97 -11.70 15.33
C LEU E 224 26.98 -12.68 14.18
N ALA E 225 27.25 -12.20 12.97
CA ALA E 225 27.34 -13.10 11.81
C ALA E 225 28.49 -14.07 12.12
N LYS E 226 29.57 -13.52 12.65
CA LYS E 226 30.75 -14.28 13.04
C LYS E 226 30.41 -15.36 14.08
N GLN E 227 29.58 -14.98 15.06
CA GLN E 227 29.17 -15.90 16.10
C GLN E 227 28.33 -17.05 15.54
N GLU E 228 27.51 -16.78 14.54
CA GLU E 228 26.68 -17.81 13.93
C GLU E 228 27.56 -18.86 13.25
N ARG E 229 28.66 -18.38 12.66
CA ARG E 229 29.61 -19.26 11.98
C ARG E 229 30.45 -20.06 12.96
N ASN E 230 30.79 -19.50 14.12
CA ASN E 230 31.56 -20.27 15.10
C ASN E 230 30.67 -21.44 15.51
N GLY E 231 29.42 -21.15 15.82
CA GLY E 231 28.48 -22.17 16.24
C GLY E 231 28.68 -22.50 17.70
N PHE E 232 27.79 -23.31 18.25
CA PHE E 232 27.89 -23.69 19.66
C PHE E 232 28.17 -25.21 19.75
N PRO E 233 29.36 -25.60 20.23
CA PRO E 233 29.69 -27.04 20.33
C PRO E 233 28.55 -27.73 21.07
N PHE E 234 28.07 -28.84 20.52
CA PHE E 234 26.93 -29.56 21.06
C PHE E 234 27.18 -31.05 21.27
N ASP E 235 26.83 -31.56 22.44
CA ASP E 235 27.04 -32.98 22.74
C ASP E 235 25.86 -33.85 22.30
N THR E 236 25.89 -34.31 21.05
CA THR E 236 24.84 -35.15 20.48
C THR E 236 24.57 -36.46 21.21
N LYS E 237 25.61 -37.22 21.57
CA LYS E 237 25.40 -38.50 22.26
C LYS E 237 24.60 -38.31 23.55
N ALA E 238 24.89 -37.25 24.30
CA ALA E 238 24.18 -36.98 25.55
C ALA E 238 22.69 -36.71 25.28
N ILE E 239 22.42 -35.86 24.29
CA ILE E 239 21.02 -35.56 23.97
C ILE E 239 20.30 -36.80 23.43
N GLU E 240 20.94 -37.60 22.60
CA GLU E 240 20.26 -38.80 22.11
C GLU E 240 19.99 -39.74 23.29
N GLU E 241 20.95 -39.82 24.21
CA GLU E 241 20.81 -40.65 25.40
C GLU E 241 19.63 -40.16 26.25
N LEU E 242 19.49 -38.84 26.34
CA LEU E 242 18.42 -38.22 27.10
C LEU E 242 17.08 -38.54 26.46
N TYR E 243 17.05 -38.52 25.13
CA TYR E 243 15.83 -38.80 24.38
C TYR E 243 15.29 -40.19 24.67
N VAL E 244 16.20 -41.14 24.89
CA VAL E 244 15.80 -42.51 25.18
C VAL E 244 15.18 -42.57 26.56
N GLU E 245 15.82 -41.93 27.52
CA GLU E 245 15.33 -41.93 28.89
C GLU E 245 13.94 -41.27 28.94
N LEU E 246 13.79 -40.14 28.26
CA LEU E 246 12.54 -39.41 28.24
C LEU E 246 11.42 -40.13 27.49
N ALA E 247 11.75 -40.73 26.35
CA ALA E 247 10.75 -41.47 25.57
C ALA E 247 10.21 -42.66 26.37
N ALA E 248 11.11 -43.38 27.05
CA ALA E 248 10.70 -44.53 27.86
C ALA E 248 9.78 -44.03 28.99
N ARG E 249 10.12 -42.89 29.57
CA ARG E 249 9.30 -42.34 30.64
C ARG E 249 7.97 -41.86 30.04
N ARG E 250 8.02 -41.34 28.82
CA ARG E 250 6.79 -40.88 28.17
C ARG E 250 5.83 -42.07 27.97
N SER E 251 6.37 -43.21 27.53
CA SER E 251 5.58 -44.42 27.29
C SER E 251 4.97 -44.99 28.56
N GLU E 252 5.78 -45.10 29.60
CA GLU E 252 5.30 -45.65 30.84
C GLU E 252 4.17 -44.76 31.34
N LEU E 253 4.33 -43.45 31.20
CA LEU E 253 3.31 -42.50 31.64
C LEU E 253 2.07 -42.59 30.78
N LEU E 254 2.26 -42.76 29.48
CA LEU E 254 1.11 -42.87 28.58
C LEU E 254 0.28 -44.08 28.97
N ARG E 255 0.95 -45.21 29.19
CA ARG E 255 0.27 -46.44 29.57
C ARG E 255 -0.56 -46.26 30.84
N LYS E 256 0.07 -45.76 31.90
CA LYS E 256 -0.65 -45.55 33.14
C LYS E 256 -1.83 -44.59 33.01
N LEU E 257 -1.69 -43.56 32.18
CA LEU E 257 -2.76 -42.58 32.02
C LEU E 257 -3.92 -43.08 31.17
N THR E 258 -3.67 -44.02 30.26
CA THR E 258 -4.74 -44.57 29.45
C THR E 258 -5.47 -45.64 30.26
N GLU E 259 -4.91 -45.99 31.41
CA GLU E 259 -5.51 -47.00 32.29
C GLU E 259 -6.46 -46.28 33.24
N THR E 260 -6.10 -45.07 33.65
CA THR E 260 -6.93 -44.27 34.55
C THR E 260 -8.11 -43.70 33.79
N PHE E 261 -7.83 -43.07 32.66
CA PHE E 261 -8.84 -42.50 31.79
C PHE E 261 -8.78 -43.50 30.65
N GLY E 262 -9.91 -43.83 30.05
CA GLY E 262 -9.84 -44.81 28.98
C GLY E 262 -10.03 -44.22 27.62
N SER E 263 -11.03 -44.73 26.93
CA SER E 263 -11.38 -44.27 25.61
C SER E 263 -12.78 -43.76 25.82
N TRP E 264 -13.27 -43.00 24.84
CA TRP E 264 -14.62 -42.45 24.93
C TRP E 264 -14.94 -41.90 23.57
N TYR E 265 -16.22 -41.66 23.34
CA TYR E 265 -16.69 -41.11 22.09
C TYR E 265 -16.95 -39.62 22.30
N GLN E 266 -16.74 -38.82 21.25
CA GLN E 266 -16.98 -37.40 21.33
C GLN E 266 -17.40 -36.82 19.98
N PRO E 267 -18.33 -35.85 20.00
CA PRO E 267 -18.78 -35.25 18.76
C PRO E 267 -17.64 -34.83 17.87
N LYS E 268 -17.78 -35.13 16.59
CA LYS E 268 -16.75 -34.80 15.62
C LYS E 268 -17.36 -34.72 14.24
N GLY E 269 -17.45 -33.52 13.67
CA GLY E 269 -17.99 -33.40 12.33
C GLY E 269 -19.29 -32.64 12.15
N GLY E 270 -20.17 -32.69 13.15
CA GLY E 270 -21.43 -31.98 13.03
C GLY E 270 -21.27 -30.59 12.44
N THR E 271 -22.24 -30.18 11.62
CA THR E 271 -22.22 -28.87 10.99
C THR E 271 -23.42 -27.99 11.34
N GLU E 272 -24.62 -28.57 11.34
CA GLU E 272 -25.80 -27.78 11.66
C GLU E 272 -26.19 -27.91 13.12
N MET E 273 -27.05 -27.00 13.58
CA MET E 273 -27.51 -27.00 14.95
C MET E 273 -28.72 -27.87 15.23
N PHE E 274 -28.61 -28.70 16.26
CA PHE E 274 -29.69 -29.58 16.67
C PHE E 274 -30.85 -28.69 17.10
N CYS E 275 -32.05 -29.01 16.65
CA CYS E 275 -33.23 -28.23 17.03
C CYS E 275 -34.14 -28.99 17.97
N HIS E 276 -34.70 -28.30 18.94
CA HIS E 276 -35.60 -28.92 19.91
C HIS E 276 -36.65 -29.74 19.15
N PRO E 277 -36.86 -31.00 19.55
CA PRO E 277 -37.82 -31.91 18.91
C PRO E 277 -39.26 -31.40 18.84
N ARG E 278 -39.78 -30.85 19.94
CA ARG E 278 -41.16 -30.36 19.95
C ARG E 278 -41.30 -28.91 19.46
N THR E 279 -40.46 -28.02 20.00
CA THR E 279 -40.49 -26.61 19.65
C THR E 279 -39.80 -26.18 18.37
N GLY E 280 -38.66 -26.79 18.06
CA GLY E 280 -37.95 -26.44 16.84
C GLY E 280 -36.83 -25.42 17.06
N LYS E 281 -36.67 -24.92 18.28
CA LYS E 281 -35.62 -23.92 18.49
C LYS E 281 -34.21 -24.50 18.53
N PRO E 282 -33.25 -23.77 17.96
CA PRO E 282 -31.85 -24.21 17.94
C PRO E 282 -31.33 -24.34 19.36
N LEU E 283 -30.66 -25.45 19.64
CA LEU E 283 -30.07 -25.69 20.96
C LEU E 283 -28.55 -25.71 20.80
N PRO E 284 -27.90 -24.55 21.03
CA PRO E 284 -26.46 -24.32 20.93
C PRO E 284 -25.56 -25.21 21.78
N LYS E 285 -25.95 -25.46 23.02
CA LYS E 285 -25.13 -26.26 23.92
C LYS E 285 -25.14 -27.77 23.68
N TYR E 286 -25.67 -28.19 22.54
CA TYR E 286 -25.70 -29.61 22.18
C TYR E 286 -24.77 -29.75 20.99
N PRO E 287 -24.02 -30.85 20.92
CA PRO E 287 -23.12 -31.02 19.78
C PRO E 287 -23.85 -30.76 18.47
N ARG E 288 -23.14 -30.30 17.44
CA ARG E 288 -23.76 -30.07 16.15
C ARG E 288 -24.13 -31.45 15.56
N ILE E 289 -24.98 -31.45 14.55
CA ILE E 289 -25.40 -32.73 13.95
C ILE E 289 -25.28 -32.76 12.43
N LYS E 290 -25.55 -33.93 11.88
CA LYS E 290 -25.51 -34.16 10.45
C LYS E 290 -26.90 -34.62 10.02
N THR E 291 -27.43 -34.00 8.97
CA THR E 291 -28.74 -34.35 8.43
C THR E 291 -28.51 -34.90 7.03
N PRO E 292 -28.46 -36.24 6.90
CA PRO E 292 -28.24 -36.88 5.61
C PRO E 292 -29.30 -36.52 4.57
N LYS E 293 -28.85 -36.26 3.34
CA LYS E 293 -29.75 -35.88 2.25
C LYS E 293 -30.24 -37.08 1.44
N VAL E 294 -29.72 -38.27 1.76
CA VAL E 294 -30.13 -39.48 1.05
C VAL E 294 -30.11 -40.69 1.97
N GLY E 295 -30.69 -41.79 1.50
CA GLY E 295 -30.74 -43.00 2.28
C GLY E 295 -32.18 -43.37 2.62
N GLY E 296 -32.43 -44.66 2.79
CA GLY E 296 -33.78 -45.11 3.12
C GLY E 296 -33.77 -46.54 3.63
N ILE E 297 -34.89 -47.23 3.46
CA ILE E 297 -35.00 -48.62 3.91
C ILE E 297 -35.05 -49.56 2.70
N PHE E 298 -35.61 -49.06 1.59
CA PHE E 298 -35.71 -49.85 0.35
C PHE E 298 -35.21 -49.05 -0.84
N LYS E 299 -34.37 -49.67 -1.68
CA LYS E 299 -33.84 -49.01 -2.86
C LYS E 299 -34.96 -48.70 -3.86
N LYS E 300 -35.08 -47.42 -4.20
CA LYS E 300 -36.10 -46.97 -5.16
C LYS E 300 -36.18 -47.92 -6.36
N PRO E 301 -37.39 -48.09 -6.93
CA PRO E 301 -37.60 -48.96 -8.08
C PRO E 301 -36.85 -48.58 -9.36
N LYS E 302 -36.94 -49.46 -10.36
CA LYS E 302 -36.30 -49.27 -11.66
C LYS E 302 -36.66 -50.48 -12.52
N ASN E 303 -37.56 -51.31 -12.00
CA ASN E 303 -38.02 -52.51 -12.67
C ASN E 303 -39.53 -52.39 -12.84
N LYS E 304 -40.04 -52.78 -14.00
CA LYS E 304 -41.47 -52.69 -14.30
C LYS E 304 -42.34 -53.32 -13.21
N ALA E 305 -41.75 -54.21 -12.41
CA ALA E 305 -42.46 -54.87 -11.32
C ALA E 305 -42.72 -53.89 -10.19
N GLN E 306 -41.73 -53.05 -9.92
CA GLN E 306 -41.83 -52.06 -8.86
C GLN E 306 -42.17 -50.68 -9.39
N ARG E 307 -42.35 -50.57 -10.71
CA ARG E 307 -42.69 -49.30 -11.35
C ARG E 307 -44.19 -49.03 -11.25
N GLU E 308 -44.79 -49.49 -10.15
CA GLU E 308 -46.21 -49.31 -9.89
C GLU E 308 -46.56 -49.97 -8.55
N GLY E 309 -46.04 -51.17 -8.34
CA GLY E 309 -46.30 -51.88 -7.10
C GLY E 309 -46.52 -53.37 -7.34
N ARG E 310 -45.53 -54.18 -7.01
CA ARG E 310 -45.62 -55.63 -7.18
C ARG E 310 -44.40 -56.32 -6.59
N GLU E 311 -43.62 -56.98 -7.45
CA GLU E 311 -42.42 -57.70 -7.00
C GLU E 311 -41.50 -56.81 -6.14
N PRO E 312 -41.09 -57.32 -4.96
CA PRO E 312 -40.21 -56.61 -4.03
C PRO E 312 -38.92 -56.13 -4.68
N CYS E 313 -38.54 -54.88 -4.37
CA CYS E 313 -37.32 -54.27 -4.92
C CYS E 313 -36.06 -54.87 -4.29
N GLU E 314 -35.46 -54.14 -3.36
CA GLU E 314 -34.25 -54.58 -2.68
C GLU E 314 -33.96 -53.68 -1.48
N LEU E 315 -33.88 -54.28 -0.29
CA LEU E 315 -33.61 -53.54 0.94
C LEU E 315 -32.32 -52.73 0.82
N ASP E 316 -32.21 -51.67 1.62
CA ASP E 316 -31.05 -50.80 1.59
C ASP E 316 -29.98 -51.17 2.61
N THR E 317 -28.73 -51.25 2.14
CA THR E 317 -27.60 -51.59 2.98
C THR E 317 -27.13 -50.34 3.72
N ARG E 318 -27.32 -49.18 3.08
CA ARG E 318 -26.95 -47.89 3.64
C ARG E 318 -27.38 -47.80 5.10
N GLU E 319 -26.56 -47.19 5.95
CA GLU E 319 -26.88 -47.06 7.37
C GLU E 319 -27.70 -45.83 7.72
N TYR E 320 -27.63 -44.79 6.89
CA TYR E 320 -28.38 -43.56 7.15
C TYR E 320 -29.75 -43.56 6.50
N VAL E 321 -30.58 -42.62 6.96
CA VAL E 321 -31.93 -42.47 6.45
C VAL E 321 -32.18 -40.98 6.22
N ALA E 322 -32.30 -40.58 4.96
CA ALA E 322 -32.54 -39.19 4.61
C ALA E 322 -33.58 -38.59 5.55
N GLY E 323 -33.20 -37.56 6.29
CA GLY E 323 -34.11 -36.93 7.22
C GLY E 323 -33.71 -37.08 8.68
N ALA E 324 -33.48 -38.31 9.12
CA ALA E 324 -33.09 -38.58 10.51
C ALA E 324 -31.70 -38.07 10.87
N PRO E 325 -31.63 -37.10 11.79
CA PRO E 325 -30.34 -36.54 12.19
C PRO E 325 -29.59 -37.38 13.22
N TYR E 326 -28.27 -37.44 13.08
CA TYR E 326 -27.43 -38.18 14.02
C TYR E 326 -26.21 -37.32 14.36
N THR E 327 -25.61 -37.58 15.51
CA THR E 327 -24.43 -36.86 15.94
C THR E 327 -23.19 -37.66 15.56
N PRO E 328 -22.41 -37.15 14.60
CA PRO E 328 -21.19 -37.88 14.20
C PRO E 328 -20.27 -37.95 15.41
N VAL E 329 -19.54 -39.05 15.58
CA VAL E 329 -18.64 -39.17 16.71
C VAL E 329 -17.39 -39.93 16.35
N GLU E 330 -16.33 -39.74 17.12
CA GLU E 330 -15.10 -40.45 16.89
C GLU E 330 -14.77 -41.09 18.22
N HIS E 331 -14.01 -42.16 18.20
CA HIS E 331 -13.61 -42.82 19.44
C HIS E 331 -12.19 -42.30 19.65
N VAL E 332 -11.92 -41.73 20.82
CA VAL E 332 -10.56 -41.23 21.04
C VAL E 332 -9.92 -41.83 22.27
N VAL E 333 -8.61 -41.98 22.19
CA VAL E 333 -7.85 -42.51 23.29
C VAL E 333 -7.29 -41.30 24.00
N PHE E 334 -7.29 -41.34 25.32
CA PHE E 334 -6.77 -40.22 26.08
C PHE E 334 -5.40 -39.85 25.55
N ASN E 335 -5.20 -38.56 25.34
CA ASN E 335 -3.94 -38.01 24.85
C ASN E 335 -3.59 -36.96 25.93
N PRO E 336 -2.57 -37.24 26.74
CA PRO E 336 -2.25 -36.24 27.77
C PRO E 336 -1.76 -34.90 27.23
N SER E 337 -1.45 -34.84 25.93
CA SER E 337 -0.98 -33.61 25.31
C SER E 337 -2.14 -32.71 24.97
N SER E 338 -3.34 -33.25 25.10
CA SER E 338 -4.55 -32.50 24.77
C SER E 338 -5.13 -31.78 25.98
N ARG E 339 -5.06 -30.45 25.95
CA ARG E 339 -5.59 -29.65 27.03
C ARG E 339 -7.07 -29.91 27.01
N ASP E 340 -7.61 -30.13 25.81
CA ASP E 340 -9.02 -30.43 25.65
C ASP E 340 -9.37 -31.76 26.34
N HIS E 341 -8.55 -32.78 26.16
CA HIS E 341 -8.83 -34.05 26.80
C HIS E 341 -8.67 -33.95 28.31
N ILE E 342 -7.71 -33.15 28.77
CA ILE E 342 -7.46 -33.00 30.19
C ILE E 342 -8.63 -32.32 30.90
N GLN E 343 -9.14 -31.27 30.30
CA GLN E 343 -10.25 -30.53 30.88
C GLN E 343 -11.55 -31.35 30.79
N LYS E 344 -11.66 -32.18 29.76
CA LYS E 344 -12.86 -33.00 29.63
C LYS E 344 -12.89 -34.05 30.73
N LYS E 345 -11.79 -34.80 30.89
CA LYS E 345 -11.71 -35.86 31.89
C LYS E 345 -11.83 -35.35 33.32
N LEU E 346 -11.19 -34.23 33.62
CA LEU E 346 -11.23 -33.68 34.98
C LEU E 346 -12.61 -33.14 35.34
N GLN E 347 -13.26 -32.42 34.42
CA GLN E 347 -14.59 -31.88 34.71
C GLN E 347 -15.52 -33.04 35.02
N GLU E 348 -15.37 -34.13 34.26
CA GLU E 348 -16.17 -35.33 34.46
C GLU E 348 -15.99 -35.86 35.87
N ALA E 349 -14.80 -35.64 36.45
CA ALA E 349 -14.51 -36.14 37.78
C ALA E 349 -14.87 -35.16 38.89
N GLY E 350 -15.56 -34.09 38.54
CA GLY E 350 -15.96 -33.13 39.56
C GLY E 350 -15.16 -31.84 39.65
N TRP E 351 -14.45 -31.49 38.58
CA TRP E 351 -13.69 -30.25 38.59
C TRP E 351 -14.52 -29.14 37.96
N VAL E 352 -14.64 -28.03 38.68
CA VAL E 352 -15.37 -26.89 38.15
C VAL E 352 -14.36 -25.78 37.86
N PRO E 353 -14.07 -25.55 36.57
CA PRO E 353 -13.11 -24.54 36.14
C PRO E 353 -13.50 -23.16 36.63
N THR E 354 -12.49 -22.38 37.01
CA THR E 354 -12.68 -21.02 37.47
C THR E 354 -12.38 -20.03 36.34
N LYS E 355 -11.18 -20.11 35.78
CA LYS E 355 -10.78 -19.20 34.71
C LYS E 355 -10.93 -19.77 33.30
N TYR E 356 -11.48 -18.94 32.41
CA TYR E 356 -11.68 -19.32 31.02
C TYR E 356 -10.90 -18.39 30.10
N THR E 357 -10.85 -18.75 28.83
CA THR E 357 -10.15 -17.96 27.83
C THR E 357 -11.19 -17.21 27.01
N ASP E 358 -10.75 -16.15 26.33
CA ASP E 358 -11.67 -15.33 25.54
C ASP E 358 -12.53 -16.17 24.59
N LYS E 359 -11.96 -17.27 24.09
CA LYS E 359 -12.69 -18.14 23.16
C LYS E 359 -13.64 -19.09 23.89
N GLY E 360 -13.72 -18.97 25.20
CA GLY E 360 -14.63 -19.80 25.98
C GLY E 360 -14.07 -21.03 26.66
N ALA E 361 -13.09 -21.68 26.05
CA ALA E 361 -12.51 -22.89 26.65
C ALA E 361 -11.90 -22.61 28.02
N PRO E 362 -11.97 -23.59 28.93
CA PRO E 362 -11.40 -23.46 30.27
C PRO E 362 -9.88 -23.53 30.22
N VAL E 363 -9.22 -22.68 31.00
CA VAL E 363 -7.77 -22.63 31.06
C VAL E 363 -7.19 -23.87 31.71
N VAL E 364 -6.20 -24.47 31.07
CA VAL E 364 -5.58 -25.66 31.64
C VAL E 364 -4.06 -25.57 31.54
N ASP E 365 -3.48 -24.67 32.33
CA ASP E 365 -2.04 -24.51 32.33
C ASP E 365 -1.46 -25.06 33.62
N ASP E 366 -0.13 -25.05 33.74
CA ASP E 366 0.56 -25.55 34.91
C ASP E 366 -0.05 -25.01 36.20
N GLU E 367 -0.31 -23.72 36.23
CA GLU E 367 -0.88 -23.06 37.41
C GLU E 367 -2.20 -23.68 37.88
N VAL E 368 -3.22 -23.64 37.03
CA VAL E 368 -4.50 -24.19 37.45
C VAL E 368 -4.44 -25.69 37.77
N LEU E 369 -3.72 -26.45 36.96
CA LEU E 369 -3.58 -27.89 37.21
C LEU E 369 -3.03 -28.13 38.62
N GLU E 370 -2.06 -27.33 39.01
CA GLU E 370 -1.46 -27.46 40.33
C GLU E 370 -2.53 -27.37 41.43
N GLY E 371 -3.60 -26.62 41.17
CA GLY E 371 -4.66 -26.45 42.15
C GLY E 371 -5.91 -27.30 42.00
N VAL E 372 -5.99 -28.10 40.94
CA VAL E 372 -7.17 -28.93 40.73
C VAL E 372 -7.31 -30.01 41.81
N ARG E 373 -8.56 -30.26 42.19
CA ARG E 373 -8.86 -31.25 43.21
C ARG E 373 -10.16 -31.95 42.85
N VAL E 374 -10.14 -33.27 42.90
CA VAL E 374 -11.32 -34.07 42.61
C VAL E 374 -11.41 -35.15 43.66
N ASP E 375 -12.62 -35.64 43.92
CA ASP E 375 -12.84 -36.67 44.93
C ASP E 375 -12.29 -38.04 44.57
N ASP E 376 -12.09 -38.31 43.28
CA ASP E 376 -11.55 -39.60 42.88
C ASP E 376 -10.05 -39.61 43.14
N PRO E 377 -9.63 -40.25 44.25
CA PRO E 377 -8.21 -40.32 44.62
C PRO E 377 -7.29 -40.70 43.47
N GLU E 378 -7.71 -41.67 42.66
CA GLU E 378 -6.92 -42.10 41.52
C GLU E 378 -6.80 -40.94 40.54
N LYS E 379 -7.95 -40.35 40.18
CA LYS E 379 -7.99 -39.23 39.26
C LYS E 379 -7.07 -38.10 39.72
N GLN E 380 -7.12 -37.80 41.01
CA GLN E 380 -6.30 -36.76 41.58
C GLN E 380 -4.81 -37.02 41.36
N ALA E 381 -4.35 -38.18 41.81
CA ALA E 381 -2.94 -38.57 41.69
C ALA E 381 -2.47 -38.60 40.25
N ALA E 382 -3.41 -38.69 39.31
CA ALA E 382 -3.05 -38.74 37.90
C ALA E 382 -2.66 -37.34 37.41
N ILE E 383 -3.19 -36.31 38.05
CA ILE E 383 -2.87 -34.96 37.64
C ILE E 383 -1.36 -34.72 37.66
N ASP E 384 -0.67 -35.20 38.70
CA ASP E 384 0.77 -35.00 38.72
C ASP E 384 1.47 -35.78 37.60
N LEU E 385 0.84 -36.86 37.13
CA LEU E 385 1.42 -37.64 36.03
C LEU E 385 1.21 -36.90 34.71
N ILE E 386 0.15 -36.11 34.63
CA ILE E 386 -0.11 -35.33 33.43
C ILE E 386 0.88 -34.17 33.40
N LYS E 387 1.13 -33.58 34.55
CA LYS E 387 2.07 -32.47 34.64
C LYS E 387 3.43 -32.97 34.17
N GLU E 388 3.87 -34.10 34.70
CA GLU E 388 5.16 -34.66 34.31
C GLU E 388 5.19 -34.93 32.81
N TYR E 389 4.13 -35.57 32.33
CA TYR E 389 4.03 -35.88 30.92
C TYR E 389 4.22 -34.64 30.02
N LEU E 390 3.47 -33.56 30.29
CA LEU E 390 3.57 -32.33 29.49
C LEU E 390 4.99 -31.77 29.47
N MET E 391 5.62 -31.79 30.64
CA MET E 391 6.97 -31.31 30.75
C MET E 391 7.88 -32.24 29.94
N ILE E 392 7.64 -33.55 30.02
CA ILE E 392 8.46 -34.48 29.25
C ILE E 392 8.37 -34.12 27.76
N GLN E 393 7.14 -33.97 27.27
CA GLN E 393 6.92 -33.62 25.86
C GLN E 393 7.59 -32.32 25.44
N LYS E 394 7.56 -31.33 26.31
CA LYS E 394 8.19 -30.06 26.00
C LYS E 394 9.67 -30.28 25.75
N ARG E 395 10.33 -31.03 26.63
CA ARG E 395 11.75 -31.32 26.48
C ARG E 395 12.04 -32.14 25.23
N ILE E 396 11.29 -33.23 25.02
CA ILE E 396 11.48 -34.06 23.83
C ILE E 396 11.26 -33.23 22.56
N GLY E 397 10.24 -32.38 22.56
CA GLY E 397 9.93 -31.54 21.41
C GLY E 397 11.03 -30.55 21.10
N GLN E 398 11.68 -30.02 22.13
CA GLN E 398 12.74 -29.06 21.88
C GLN E 398 14.08 -29.70 21.53
N SER E 399 14.36 -30.85 22.14
CA SER E 399 15.62 -31.53 21.90
C SER E 399 15.66 -32.52 20.75
N ALA E 400 14.55 -33.17 20.46
CA ALA E 400 14.57 -34.18 19.40
C ALA E 400 13.47 -34.24 18.34
N GLU E 401 12.21 -34.19 18.75
CA GLU E 401 11.09 -34.32 17.81
C GLU E 401 10.55 -33.11 17.06
N GLY E 402 10.68 -31.91 17.60
CA GLY E 402 10.14 -30.74 16.91
C GLY E 402 10.77 -30.46 15.56
N ASP E 403 10.11 -29.64 14.74
CA ASP E 403 10.63 -29.27 13.43
C ASP E 403 12.01 -28.67 13.63
N LYS E 404 12.14 -27.90 14.70
CA LYS E 404 13.37 -27.21 15.01
C LYS E 404 14.17 -27.71 16.20
N ALA E 405 14.08 -29.02 16.46
CA ALA E 405 14.81 -29.64 17.56
C ALA E 405 16.31 -29.58 17.35
N TRP E 406 17.07 -29.61 18.44
CA TRP E 406 18.53 -29.54 18.32
C TRP E 406 19.12 -30.69 17.51
N LEU E 407 18.63 -31.90 17.72
CA LEU E 407 19.14 -33.04 16.96
C LEU E 407 18.99 -32.82 15.47
N ARG E 408 18.01 -32.02 15.06
CA ARG E 408 17.85 -31.76 13.63
C ARG E 408 18.78 -30.66 13.13
N TYR E 409 19.47 -29.96 14.02
CA TYR E 409 20.36 -28.87 13.59
C TYR E 409 21.85 -29.07 13.77
N VAL E 410 22.25 -30.09 14.53
CA VAL E 410 23.68 -30.34 14.73
C VAL E 410 24.29 -30.50 13.36
N ALA E 411 25.42 -29.83 13.11
CA ALA E 411 26.08 -29.96 11.82
C ALA E 411 27.13 -31.09 11.90
N GLU E 412 27.82 -31.36 10.79
CA GLU E 412 28.84 -32.40 10.76
C GLU E 412 29.97 -31.99 11.69
N ASP E 413 30.18 -30.69 11.83
CA ASP E 413 31.24 -30.19 12.68
C ASP E 413 30.91 -30.26 14.18
N GLY E 414 29.81 -30.93 14.51
CA GLY E 414 29.39 -31.10 15.90
C GLY E 414 29.04 -29.81 16.63
N LYS E 415 28.45 -28.86 15.90
CA LYS E 415 28.07 -27.60 16.47
C LYS E 415 26.69 -27.19 15.98
N ILE E 416 25.97 -26.42 16.79
CA ILE E 416 24.66 -25.94 16.38
C ILE E 416 24.86 -24.46 15.98
N HIS E 417 24.56 -24.15 14.73
CA HIS E 417 24.71 -22.79 14.22
C HIS E 417 23.41 -22.01 14.26
N GLY E 418 23.09 -21.48 15.43
CA GLY E 418 21.86 -20.72 15.56
C GLY E 418 22.01 -19.37 14.90
N SER E 419 20.99 -18.97 14.15
CA SER E 419 21.03 -17.67 13.50
C SER E 419 20.53 -16.64 14.49
N VAL E 420 20.87 -15.37 14.25
CA VAL E 420 20.42 -14.33 15.14
C VAL E 420 20.23 -13.02 14.40
N ASN E 421 19.06 -12.41 14.60
CA ASN E 421 18.75 -11.13 13.98
C ASN E 421 19.17 -10.17 15.09
N PRO E 422 20.30 -9.48 14.88
CA PRO E 422 20.87 -8.53 15.85
C PRO E 422 19.89 -7.46 16.31
N ASN E 423 18.99 -7.09 15.41
CA ASN E 423 18.01 -6.02 15.67
C ASN E 423 16.57 -6.47 15.43
N GLY E 424 16.24 -7.68 15.84
CA GLY E 424 14.90 -8.21 15.61
C GLY E 424 13.71 -7.71 16.39
N ALA E 425 13.92 -7.20 17.61
CA ALA E 425 12.82 -6.71 18.45
C ALA E 425 12.76 -5.19 18.44
N VAL E 426 11.56 -4.62 18.57
CA VAL E 426 11.38 -3.16 18.57
C VAL E 426 12.34 -2.40 19.49
N THR E 427 12.53 -2.92 20.70
CA THR E 427 13.40 -2.29 21.68
C THR E 427 14.87 -2.37 21.29
N GLY E 428 15.16 -3.06 20.20
CA GLY E 428 16.54 -3.19 19.80
C GLY E 428 17.19 -4.49 20.26
N ARG E 429 16.49 -5.29 21.06
CA ARG E 429 17.05 -6.57 21.49
C ARG E 429 17.21 -7.43 20.25
N ALA E 430 18.06 -8.44 20.33
CA ALA E 430 18.23 -9.37 19.20
C ALA E 430 17.16 -10.45 19.38
N THR E 431 16.96 -11.24 18.33
CA THR E 431 16.01 -12.35 18.36
C THR E 431 16.80 -13.55 17.88
N HIS E 432 16.47 -14.73 18.39
CA HIS E 432 17.20 -15.94 18.04
C HIS E 432 16.30 -17.04 17.48
N ALA E 433 16.81 -17.78 16.50
CA ALA E 433 16.00 -18.84 15.93
C ALA E 433 16.80 -19.82 15.09
N PHE E 434 16.14 -20.94 14.76
CA PHE E 434 16.69 -21.99 13.92
C PHE E 434 17.97 -22.69 14.39
N PRO E 435 18.01 -23.16 15.64
CA PRO E 435 17.01 -23.11 16.71
C PRO E 435 17.27 -21.89 17.59
N ASN E 436 16.34 -21.63 18.51
CA ASN E 436 16.45 -20.52 19.43
C ASN E 436 17.35 -20.90 20.59
N LEU E 437 18.64 -20.60 20.47
CA LEU E 437 19.58 -20.91 21.54
C LEU E 437 19.36 -20.02 22.76
N ALA E 438 18.47 -19.05 22.65
CA ALA E 438 18.18 -18.16 23.77
C ALA E 438 17.03 -18.75 24.61
N GLN E 439 16.66 -20.00 24.34
CA GLN E 439 15.56 -20.58 25.11
C GLN E 439 15.77 -22.03 25.57
N ILE E 440 17.02 -22.39 25.86
CA ILE E 440 17.34 -23.72 26.33
C ILE E 440 16.99 -23.74 27.80
N PRO E 441 16.22 -24.74 28.26
CA PRO E 441 15.85 -24.80 29.67
C PRO E 441 17.00 -24.42 30.63
N GLY E 442 16.68 -23.69 31.69
CA GLY E 442 17.70 -23.30 32.65
C GLY E 442 18.08 -24.46 33.56
N VAL E 443 19.24 -24.37 34.21
CA VAL E 443 19.68 -25.44 35.09
C VAL E 443 18.77 -25.60 36.29
N ARG E 444 17.78 -24.72 36.42
CA ARG E 444 16.84 -24.78 37.54
C ARG E 444 15.56 -25.52 37.20
N SER E 445 15.30 -25.74 35.92
CA SER E 445 14.08 -26.46 35.55
C SER E 445 14.40 -27.94 35.33
N PRO E 446 13.39 -28.82 35.37
CA PRO E 446 13.57 -30.28 35.19
C PRO E 446 14.29 -30.64 33.90
N TYR E 447 15.34 -31.43 34.03
CA TYR E 447 16.17 -31.86 32.91
C TYR E 447 16.98 -30.70 32.33
N GLY E 448 16.93 -29.55 32.99
CA GLY E 448 17.66 -28.39 32.53
C GLY E 448 19.16 -28.54 32.64
N GLU E 449 19.61 -29.16 33.72
CA GLU E 449 21.02 -29.36 33.91
C GLU E 449 21.60 -30.16 32.72
N GLN E 450 20.97 -31.28 32.39
CA GLN E 450 21.42 -32.12 31.29
C GLN E 450 21.39 -31.39 29.95
N CYS E 451 20.34 -30.61 29.73
CA CYS E 451 20.20 -29.87 28.49
C CYS E 451 21.32 -28.85 28.34
N ARG E 452 21.55 -28.07 29.39
CA ARG E 452 22.58 -27.04 29.38
C ARG E 452 23.96 -27.65 29.18
N ALA E 453 24.25 -28.75 29.88
CA ALA E 453 25.57 -29.36 29.74
C ALA E 453 25.86 -29.84 28.32
N ALA E 454 24.82 -30.05 27.53
CA ALA E 454 25.05 -30.49 26.17
C ALA E 454 25.64 -29.36 25.31
N PHE E 455 25.47 -28.12 25.75
CA PHE E 455 26.04 -26.99 25.00
C PHE E 455 27.26 -26.52 25.78
N GLY E 456 28.44 -26.75 25.23
CA GLY E 456 29.64 -26.32 25.93
C GLY E 456 30.90 -26.45 25.13
N ALA E 457 31.85 -25.57 25.42
CA ALA E 457 33.12 -25.54 24.74
C ALA E 457 33.83 -26.88 24.94
N GLU E 458 33.61 -27.51 26.08
CA GLU E 458 34.24 -28.80 26.33
C GLU E 458 33.92 -29.77 25.21
N HIS E 459 32.83 -29.56 24.46
CA HIS E 459 32.48 -30.46 23.37
C HIS E 459 33.19 -30.14 22.06
N HIS E 460 34.08 -29.16 22.09
CA HIS E 460 34.89 -28.84 20.94
C HIS E 460 36.29 -29.24 21.35
N LEU E 461 36.96 -30.07 20.55
CA LEU E 461 38.32 -30.47 20.89
C LEU E 461 39.23 -29.58 20.05
N ASP E 462 40.31 -29.07 20.65
CA ASP E 462 41.20 -28.20 19.91
C ASP E 462 41.78 -28.88 18.68
N GLY E 463 41.82 -28.15 17.56
CA GLY E 463 42.33 -28.68 16.31
C GLY E 463 43.80 -29.09 16.31
N ILE E 464 44.57 -28.54 17.25
CA ILE E 464 45.99 -28.85 17.36
C ILE E 464 46.25 -29.90 18.45
N THR E 465 45.97 -29.51 19.69
CA THR E 465 46.17 -30.37 20.85
C THR E 465 45.17 -31.52 21.07
N GLY E 466 43.99 -31.40 20.49
CA GLY E 466 42.99 -32.44 20.68
C GLY E 466 42.32 -32.27 22.03
N LYS E 467 42.77 -31.31 22.83
CA LYS E 467 42.19 -31.08 24.14
C LYS E 467 40.88 -30.28 24.12
N PRO E 468 39.92 -30.64 24.98
CA PRO E 468 38.64 -29.92 25.03
C PRO E 468 38.80 -28.46 25.42
N TRP E 469 37.98 -27.58 24.85
CA TRP E 469 38.06 -26.16 25.15
C TRP E 469 37.38 -25.86 26.48
N VAL E 470 37.54 -24.64 26.93
CA VAL E 470 36.99 -24.22 28.19
C VAL E 470 35.95 -23.13 27.92
N GLN E 471 35.06 -22.91 28.88
CA GLN E 471 34.01 -21.93 28.70
C GLN E 471 34.03 -20.79 29.68
N ALA E 472 33.68 -19.61 29.20
CA ALA E 472 33.60 -18.41 30.02
C ALA E 472 32.18 -17.86 29.89
N GLY E 473 31.48 -17.76 31.01
CA GLY E 473 30.14 -17.24 30.97
C GLY E 473 30.07 -15.89 31.65
N ILE E 474 29.75 -14.83 30.91
CA ILE E 474 29.70 -13.53 31.55
C ILE E 474 28.33 -12.88 31.50
N ASP E 475 27.87 -12.39 32.66
CA ASP E 475 26.59 -11.73 32.70
C ASP E 475 26.73 -10.29 33.19
N ALA E 476 25.82 -9.43 32.74
CA ALA E 476 25.79 -8.03 33.15
C ALA E 476 24.91 -8.00 34.40
N SER E 477 25.51 -7.74 35.55
CA SER E 477 24.78 -7.74 36.81
C SER E 477 23.67 -6.70 36.88
N GLY E 478 22.50 -7.14 37.34
CA GLY E 478 21.32 -6.30 37.49
C GLY E 478 21.18 -5.14 36.52
N LEU E 479 21.33 -5.44 35.23
CA LEU E 479 21.28 -4.41 34.20
C LEU E 479 19.98 -3.58 34.09
N GLU E 480 18.82 -4.19 34.27
CA GLU E 480 17.57 -3.45 34.17
C GLU E 480 17.36 -2.37 35.23
N LEU E 481 17.64 -2.72 36.49
CA LEU E 481 17.48 -1.79 37.59
C LEU E 481 18.55 -0.70 37.57
N ARG E 482 19.71 -1.00 37.01
CA ARG E 482 20.76 -0.01 36.95
C ARG E 482 20.39 1.02 35.88
N CYS E 483 19.76 0.57 34.81
CA CYS E 483 19.31 1.46 33.74
C CYS E 483 18.23 2.37 34.30
N LEU E 484 17.38 1.82 35.16
CA LEU E 484 16.32 2.61 35.76
C LEU E 484 16.95 3.66 36.65
N ALA E 485 18.08 3.31 37.28
CA ALA E 485 18.76 4.23 38.17
C ALA E 485 19.40 5.37 37.38
N HIS E 486 19.80 5.10 36.15
CA HIS E 486 20.40 6.13 35.32
C HIS E 486 19.35 7.15 34.89
N PHE E 487 18.15 6.68 34.61
CA PHE E 487 17.09 7.56 34.17
C PHE E 487 16.42 8.35 35.26
N MET E 488 16.49 7.89 36.50
CA MET E 488 15.86 8.69 37.54
C MET E 488 16.86 9.61 38.22
N ALA E 489 18.13 9.45 37.87
CA ALA E 489 19.18 10.30 38.43
C ALA E 489 18.87 11.76 38.06
N ARG E 490 18.08 11.93 37.01
CA ARG E 490 17.67 13.24 36.51
C ARG E 490 16.76 13.93 37.51
N PHE E 491 16.04 13.13 38.29
CA PHE E 491 15.11 13.65 39.28
C PHE E 491 15.58 13.40 40.71
N ASP E 492 16.54 12.51 40.89
CA ASP E 492 17.00 12.20 42.25
C ASP E 492 18.50 12.36 42.44
N ASN E 493 19.15 12.94 41.44
CA ASN E 493 20.58 13.19 41.49
C ASN E 493 21.43 12.00 41.97
N GLY E 494 21.23 10.83 41.36
CA GLY E 494 21.99 9.64 41.70
C GLY E 494 21.65 8.95 43.00
N GLU E 495 20.55 9.34 43.64
CA GLU E 495 20.16 8.72 44.91
C GLU E 495 19.96 7.21 44.73
N TYR E 496 19.09 6.81 43.81
CA TYR E 496 18.82 5.39 43.58
C TYR E 496 20.05 4.65 43.07
N ALA E 497 20.86 5.32 42.26
CA ALA E 497 22.07 4.69 41.73
C ALA E 497 22.98 4.29 42.89
N HIS E 498 23.05 5.15 43.90
CA HIS E 498 23.89 4.89 45.06
C HIS E 498 23.30 3.75 45.87
N GLU E 499 21.98 3.57 45.79
CA GLU E 499 21.32 2.49 46.51
C GLU E 499 21.76 1.16 45.93
N ILE E 500 21.90 1.13 44.60
CA ILE E 500 22.35 -0.07 43.90
C ILE E 500 23.74 -0.41 44.44
N LEU E 501 24.65 0.54 44.28
CA LEU E 501 26.03 0.36 44.74
C LEU E 501 26.14 -0.20 46.16
N ASN E 502 25.50 0.48 47.11
CA ASN E 502 25.54 0.05 48.50
C ASN E 502 25.06 -1.40 48.62
N GLY E 503 24.30 -1.85 47.64
CA GLY E 503 23.81 -3.21 47.65
C GLY E 503 22.41 -3.36 48.21
N ASP E 504 21.84 -4.55 48.02
CA ASP E 504 20.50 -4.86 48.50
C ASP E 504 19.41 -3.89 48.07
N ILE E 505 19.35 -3.63 46.77
CA ILE E 505 18.35 -2.74 46.20
C ILE E 505 16.95 -3.34 46.45
N HIS E 506 16.86 -4.67 46.49
CA HIS E 506 15.57 -5.33 46.70
C HIS E 506 15.05 -5.13 48.12
N THR E 507 15.97 -4.99 49.06
CA THR E 507 15.57 -4.74 50.42
C THR E 507 15.04 -3.31 50.46
N LYS E 508 15.66 -2.41 49.70
CA LYS E 508 15.21 -1.03 49.70
C LYS E 508 13.84 -0.87 49.06
N ASN E 509 13.58 -1.62 47.99
CA ASN E 509 12.29 -1.54 47.34
C ASN E 509 11.25 -2.20 48.25
N GLN E 510 11.67 -3.22 49.00
CA GLN E 510 10.77 -3.91 49.91
C GLN E 510 10.30 -2.94 50.99
N ILE E 511 11.24 -2.21 51.57
CA ILE E 511 10.94 -1.24 52.59
C ILE E 511 10.04 -0.13 52.07
N ALA E 512 10.27 0.30 50.83
CA ALA E 512 9.47 1.37 50.24
C ALA E 512 8.08 0.95 49.80
N ALA E 513 7.94 -0.31 49.38
CA ALA E 513 6.65 -0.82 48.94
C ALA E 513 5.98 -1.52 50.12
N GLU E 514 6.75 -1.71 51.19
CA GLU E 514 6.30 -2.34 52.41
C GLU E 514 5.84 -3.79 52.26
N LEU E 515 6.59 -4.58 51.49
CA LEU E 515 6.27 -6.00 51.28
C LEU E 515 6.82 -6.85 52.43
N PRO E 516 6.17 -7.98 52.73
CA PRO E 516 6.60 -8.89 53.82
C PRO E 516 7.90 -9.65 53.59
N THR E 517 8.20 -10.00 52.34
CA THR E 517 9.43 -10.74 52.06
C THR E 517 10.26 -10.13 50.94
N ARG E 518 11.56 -10.39 51.01
CA ARG E 518 12.47 -9.88 50.00
C ARG E 518 12.08 -10.43 48.64
N ASP E 519 11.62 -11.67 48.60
CA ASP E 519 11.23 -12.25 47.32
C ASP E 519 10.00 -11.58 46.72
N ASN E 520 9.07 -11.16 47.57
CA ASN E 520 7.88 -10.47 47.08
C ASN E 520 8.31 -9.17 46.38
N ALA E 521 9.38 -8.55 46.90
CA ALA E 521 9.90 -7.31 46.36
C ALA E 521 10.55 -7.46 44.98
N LYS E 522 11.32 -8.53 44.77
CA LYS E 522 11.94 -8.75 43.48
C LYS E 522 10.84 -8.97 42.47
N THR E 523 9.85 -9.77 42.86
CA THR E 523 8.73 -10.06 41.95
C THR E 523 7.80 -8.85 41.76
N PHE E 524 7.88 -7.89 42.67
CA PHE E 524 7.07 -6.68 42.60
C PHE E 524 7.65 -5.69 41.60
N ILE E 525 8.88 -5.25 41.86
CA ILE E 525 9.52 -4.26 41.00
C ILE E 525 9.44 -4.53 39.51
N TYR E 526 9.74 -5.76 39.08
CA TYR E 526 9.66 -6.07 37.66
C TYR E 526 8.22 -6.04 37.17
N GLY E 527 7.31 -6.53 38.00
CA GLY E 527 5.91 -6.52 37.62
C GLY E 527 5.41 -5.09 37.51
N PHE E 528 5.75 -4.28 38.51
CA PHE E 528 5.33 -2.88 38.56
C PHE E 528 5.93 -2.00 37.46
N LEU E 529 7.25 -2.09 37.31
CA LEU E 529 7.96 -1.29 36.33
C LEU E 529 7.50 -1.55 34.90
N TYR E 530 7.03 -2.76 34.63
CA TYR E 530 6.63 -3.11 33.27
C TYR E 530 5.15 -3.08 32.90
N GLY E 531 4.30 -2.57 33.80
CA GLY E 531 2.89 -2.48 33.46
C GLY E 531 1.84 -3.28 34.20
N ALA E 532 2.25 -4.23 35.03
CA ALA E 532 1.29 -5.05 35.79
C ALA E 532 0.11 -4.29 36.34
N GLY E 533 -1.07 -4.88 36.20
CA GLY E 533 -2.28 -4.25 36.72
C GLY E 533 -2.34 -4.42 38.22
N ASP E 534 -3.22 -3.67 38.87
CA ASP E 534 -3.35 -3.71 40.31
C ASP E 534 -3.66 -5.10 40.87
N GLU E 535 -4.33 -5.93 40.08
CA GLU E 535 -4.68 -7.27 40.52
C GLU E 535 -3.47 -8.17 40.63
N LYS E 536 -2.71 -8.31 39.54
CA LYS E 536 -1.52 -9.16 39.54
C LYS E 536 -0.56 -8.75 40.66
N ILE E 537 -0.50 -7.44 40.94
CA ILE E 537 0.37 -6.91 41.99
C ILE E 537 -0.15 -7.36 43.34
N GLY E 538 -1.45 -7.23 43.54
CA GLY E 538 -2.04 -7.64 44.80
C GLY E 538 -1.81 -9.12 45.04
N GLN E 539 -1.93 -9.92 43.98
CA GLN E 539 -1.74 -11.36 44.08
C GLN E 539 -0.37 -11.79 44.56
N ILE E 540 0.58 -10.87 44.59
CA ILE E 540 1.91 -11.20 45.06
C ILE E 540 1.84 -11.56 46.53
N VAL E 541 1.13 -10.76 47.31
CA VAL E 541 0.98 -11.00 48.74
C VAL E 541 -0.30 -11.75 49.09
N GLY E 542 -0.93 -12.35 48.09
CA GLY E 542 -2.16 -13.09 48.32
C GLY E 542 -3.35 -12.19 48.52
N ALA E 543 -3.62 -11.34 47.54
CA ALA E 543 -4.74 -10.41 47.60
C ALA E 543 -5.23 -10.07 46.20
N GLY E 544 -5.94 -8.95 46.06
CA GLY E 544 -6.47 -8.56 44.77
C GLY E 544 -6.15 -7.12 44.41
N LYS E 545 -6.94 -6.53 43.52
CA LYS E 545 -6.69 -5.16 43.10
C LYS E 545 -6.65 -4.18 44.26
N GLU E 546 -7.43 -4.43 45.30
CA GLU E 546 -7.46 -3.54 46.45
C GLU E 546 -6.05 -3.35 47.04
N ARG E 547 -5.42 -4.46 47.41
CA ARG E 547 -4.08 -4.42 47.99
C ARG E 547 -3.09 -3.93 46.93
N GLY E 548 -3.45 -4.14 45.66
CA GLY E 548 -2.59 -3.71 44.58
C GLY E 548 -2.44 -2.20 44.49
N LYS E 549 -3.55 -1.49 44.37
CA LYS E 549 -3.51 -0.05 44.27
C LYS E 549 -2.75 0.61 45.42
N GLU E 550 -2.89 0.06 46.63
CA GLU E 550 -2.20 0.63 47.79
C GLU E 550 -0.74 0.27 47.81
N LEU E 551 -0.41 -0.85 47.18
CA LEU E 551 0.96 -1.33 47.12
C LEU E 551 1.80 -0.46 46.19
N LYS E 552 1.18 -0.02 45.09
CA LYS E 552 1.85 0.83 44.11
C LYS E 552 1.93 2.28 44.54
N LYS E 553 0.83 2.80 45.10
CA LYS E 553 0.81 4.18 45.56
C LYS E 553 1.79 4.37 46.70
N LYS E 554 2.00 3.32 47.49
CA LYS E 554 2.93 3.40 48.60
C LYS E 554 4.33 3.47 48.05
N PHE E 555 4.61 2.59 47.09
CA PHE E 555 5.91 2.53 46.44
C PHE E 555 6.27 3.86 45.78
N LEU E 556 5.32 4.45 45.07
CA LEU E 556 5.55 5.72 44.39
C LEU E 556 5.74 6.90 45.35
N GLU E 557 5.07 6.87 46.50
CA GLU E 557 5.22 7.96 47.46
C GLU E 557 6.60 7.87 48.07
N ASN E 558 7.05 6.66 48.33
CA ASN E 558 8.36 6.46 48.92
C ASN E 558 9.50 6.58 47.91
N THR E 559 9.18 6.46 46.63
CA THR E 559 10.21 6.55 45.59
C THR E 559 9.81 7.59 44.53
N PRO E 560 9.69 8.86 44.94
CA PRO E 560 9.32 10.01 44.11
C PRO E 560 9.94 10.02 42.71
N ALA E 561 11.24 9.80 42.64
CA ALA E 561 11.94 9.79 41.37
C ALA E 561 11.29 8.90 40.32
N ILE E 562 10.84 7.71 40.72
CA ILE E 562 10.19 6.81 39.77
C ILE E 562 8.88 7.42 39.28
N ALA E 563 8.08 7.94 40.21
CA ALA E 563 6.82 8.60 39.82
C ALA E 563 7.11 9.72 38.82
N ALA E 564 8.12 10.53 39.10
CA ALA E 564 8.47 11.64 38.22
C ALA E 564 8.87 11.14 36.84
N LEU E 565 9.67 10.07 36.83
CA LEU E 565 10.13 9.49 35.58
C LEU E 565 8.97 8.99 34.72
N ARG E 566 8.03 8.27 35.33
CA ARG E 566 6.90 7.78 34.56
C ARG E 566 6.05 8.91 33.99
N GLU E 567 5.71 9.89 34.84
CA GLU E 567 4.91 11.04 34.45
C GLU E 567 5.59 11.74 33.26
N SER E 568 6.90 11.86 33.33
CA SER E 568 7.69 12.50 32.28
C SER E 568 7.52 11.76 30.96
N ILE E 569 7.61 10.43 31.03
CA ILE E 569 7.46 9.60 29.84
C ILE E 569 6.03 9.69 29.33
N GLN E 570 5.06 9.61 30.25
CA GLN E 570 3.65 9.70 29.89
C GLN E 570 3.29 10.99 29.17
N GLN E 571 3.84 12.12 29.62
CA GLN E 571 3.51 13.40 28.99
C GLN E 571 4.26 13.71 27.70
N THR E 572 5.34 13.00 27.43
CA THR E 572 6.05 13.24 26.20
C THR E 572 5.36 12.49 25.06
N LEU E 573 4.76 11.35 25.39
CA LEU E 573 4.13 10.50 24.39
C LEU E 573 2.63 10.54 24.17
N VAL E 574 1.87 10.62 25.25
CA VAL E 574 0.41 10.57 25.14
C VAL E 574 -0.33 11.89 25.26
N GLU E 575 -1.27 12.09 24.34
CA GLU E 575 -2.12 13.26 24.35
C GLU E 575 -3.31 12.84 25.21
N SER E 576 -4.01 11.79 24.77
CA SER E 576 -5.14 11.26 25.50
C SER E 576 -5.31 9.77 25.22
N SER E 577 -6.06 9.10 26.07
CA SER E 577 -6.30 7.67 25.90
C SER E 577 -7.62 7.29 26.54
N GLN E 578 -8.23 6.22 26.06
CA GLN E 578 -9.50 5.77 26.60
C GLN E 578 -9.65 4.26 26.48
N TRP E 579 -10.45 3.66 27.34
CA TRP E 579 -10.71 2.22 27.29
C TRP E 579 -12.03 1.93 26.56
N VAL E 580 -11.99 0.94 25.67
CA VAL E 580 -13.13 0.54 24.89
C VAL E 580 -13.14 -0.97 24.72
N ALA E 581 -14.21 -1.60 25.22
CA ALA E 581 -14.36 -3.07 25.12
C ALA E 581 -13.11 -3.84 25.50
N GLY E 582 -12.44 -3.44 26.58
CA GLY E 582 -11.24 -4.16 27.00
C GLY E 582 -9.91 -3.66 26.43
N GLU E 583 -9.93 -2.99 25.28
CA GLU E 583 -8.70 -2.49 24.68
C GLU E 583 -8.51 -0.99 24.92
N GLN E 584 -7.25 -0.55 25.04
CA GLN E 584 -6.96 0.87 25.24
C GLN E 584 -6.75 1.57 23.90
N GLN E 585 -7.45 2.69 23.69
CA GLN E 585 -7.32 3.44 22.45
C GLN E 585 -6.50 4.68 22.74
N VAL E 586 -5.30 4.74 22.17
CA VAL E 586 -4.41 5.86 22.44
C VAL E 586 -4.26 6.88 21.32
N LYS E 587 -4.06 8.12 21.73
CA LYS E 587 -3.79 9.21 20.80
C LYS E 587 -2.42 9.72 21.24
N TRP E 588 -1.45 9.60 20.36
CA TRP E 588 -0.08 9.99 20.65
C TRP E 588 0.36 11.39 20.26
N LYS E 589 1.34 11.90 21.00
CA LYS E 589 1.95 13.18 20.70
C LYS E 589 3.10 12.74 19.82
N ARG E 590 3.77 11.66 20.25
CA ARG E 590 4.90 11.08 19.55
C ARG E 590 4.87 9.59 19.84
N ARG E 591 5.20 8.75 18.86
CA ARG E 591 5.19 7.32 19.09
C ARG E 591 6.57 6.72 19.30
N TRP E 592 7.55 7.53 19.67
CA TRP E 592 8.88 7.01 19.88
C TRP E 592 9.74 7.76 20.90
N ILE E 593 10.57 7.00 21.59
CA ILE E 593 11.50 7.47 22.60
C ILE E 593 12.88 7.40 21.97
N LYS E 594 13.80 8.26 22.41
CA LYS E 594 15.15 8.25 21.88
C LYS E 594 16.00 7.24 22.64
N GLY E 595 16.82 6.49 21.93
CA GLY E 595 17.68 5.52 22.59
C GLY E 595 19.07 6.05 22.94
N LEU E 596 19.79 5.30 23.76
CA LEU E 596 21.14 5.68 24.18
C LEU E 596 22.05 6.11 23.00
N ASP E 597 21.91 5.45 21.86
CA ASP E 597 22.73 5.79 20.70
C ASP E 597 22.01 6.62 19.64
N GLY E 598 20.97 7.33 20.06
CA GLY E 598 20.24 8.19 19.14
C GLY E 598 19.09 7.68 18.29
N ARG E 599 18.95 6.36 18.15
CA ARG E 599 17.88 5.78 17.31
C ARG E 599 16.49 6.03 17.86
N LYS E 600 15.49 5.91 17.00
CA LYS E 600 14.11 6.07 17.42
C LYS E 600 13.65 4.68 17.87
N VAL E 601 13.19 4.57 19.10
CA VAL E 601 12.70 3.29 19.57
C VAL E 601 11.17 3.37 19.67
N HIS E 602 10.50 2.74 18.72
CA HIS E 602 9.05 2.72 18.68
C HIS E 602 8.41 2.20 19.97
N VAL E 603 7.37 2.89 20.44
CA VAL E 603 6.65 2.51 21.65
C VAL E 603 5.28 1.93 21.27
N ARG E 604 4.93 0.76 21.78
CA ARG E 604 3.66 0.15 21.45
C ARG E 604 2.50 0.59 22.32
N SER E 605 2.74 0.66 23.62
CA SER E 605 1.69 1.02 24.56
C SER E 605 2.16 1.87 25.74
N PRO E 606 1.30 2.76 26.25
CA PRO E 606 1.69 3.61 27.37
C PRO E 606 2.11 2.87 28.65
N HIS E 607 1.36 1.86 29.06
CA HIS E 607 1.70 1.14 30.29
C HIS E 607 3.05 0.43 30.16
N ALA E 608 3.46 0.17 28.93
CA ALA E 608 4.75 -0.47 28.66
C ALA E 608 5.87 0.48 28.19
N ALA E 609 5.66 1.80 28.22
CA ALA E 609 6.71 2.72 27.75
C ALA E 609 8.00 2.64 28.57
N LEU E 610 7.88 2.61 29.88
CA LEU E 610 9.06 2.53 30.75
C LEU E 610 9.81 1.23 30.47
N ASN E 611 9.09 0.13 30.25
CA ASN E 611 9.77 -1.12 29.94
C ASN E 611 10.46 -0.96 28.60
N THR E 612 9.84 -0.26 27.67
CA THR E 612 10.45 -0.02 26.37
C THR E 612 11.78 0.71 26.55
N LEU E 613 11.77 1.72 27.40
CA LEU E 613 12.98 2.51 27.67
C LEU E 613 14.10 1.68 28.31
N LEU E 614 13.77 0.84 29.29
CA LEU E 614 14.78 0.03 29.98
C LEU E 614 15.29 -1.18 29.21
N GLN E 615 14.39 -1.85 28.49
CA GLN E 615 14.79 -3.04 27.75
C GLN E 615 15.69 -2.54 26.63
N SER E 616 15.36 -1.36 26.14
CA SER E 616 16.13 -0.75 25.07
C SER E 616 17.53 -0.34 25.52
N ALA E 617 17.64 0.22 26.72
CA ALA E 617 18.93 0.65 27.22
C ALA E 617 19.78 -0.58 27.48
N GLY E 618 19.18 -1.59 28.12
CA GLY E 618 19.89 -2.81 28.43
C GLY E 618 20.34 -3.48 27.15
N ALA E 619 19.51 -3.40 26.12
CA ALA E 619 19.85 -4.01 24.85
C ALA E 619 21.03 -3.29 24.19
N LEU E 620 21.03 -1.96 24.22
CA LEU E 620 22.10 -1.19 23.59
C LEU E 620 23.36 -1.21 24.41
N ILE E 621 23.22 -1.27 25.72
CA ILE E 621 24.39 -1.34 26.57
C ILE E 621 25.07 -2.67 26.27
N CYS E 622 24.29 -3.74 26.20
CA CYS E 622 24.85 -5.06 25.90
C CYS E 622 25.39 -5.17 24.49
N LYS E 623 24.77 -4.46 23.55
CA LYS E 623 25.26 -4.53 22.19
C LYS E 623 26.66 -3.90 22.12
N LEU E 624 26.79 -2.71 22.71
CA LEU E 624 28.05 -1.99 22.69
C LEU E 624 29.09 -2.76 23.47
N TRP E 625 28.66 -3.31 24.60
CA TRP E 625 29.52 -4.09 25.47
C TRP E 625 30.17 -5.30 24.79
N ILE E 626 29.39 -6.19 24.19
CA ILE E 626 29.99 -7.36 23.56
C ILE E 626 30.84 -6.99 22.36
N ILE E 627 30.62 -5.78 21.84
CA ILE E 627 31.36 -5.29 20.71
C ILE E 627 32.73 -4.85 21.21
N LYS E 628 32.69 -4.06 22.29
CA LYS E 628 33.89 -3.52 22.89
C LYS E 628 34.73 -4.65 23.48
N THR E 629 34.09 -5.65 24.07
CA THR E 629 34.83 -6.76 24.64
C THR E 629 35.63 -7.45 23.54
N GLU E 630 34.98 -7.80 22.44
CA GLU E 630 35.72 -8.47 21.36
C GLU E 630 36.81 -7.56 20.80
N GLU E 631 36.56 -6.25 20.78
CA GLU E 631 37.53 -5.30 20.27
C GLU E 631 38.76 -5.22 21.20
N MET E 632 38.54 -5.26 22.50
CA MET E 632 39.65 -5.20 23.44
C MET E 632 40.41 -6.52 23.42
N LEU E 633 39.70 -7.63 23.24
CA LEU E 633 40.35 -8.95 23.19
C LEU E 633 41.26 -9.07 21.97
N VAL E 634 40.76 -8.62 20.83
CA VAL E 634 41.51 -8.66 19.59
C VAL E 634 42.70 -7.71 19.67
N GLU E 635 42.51 -6.59 20.37
CA GLU E 635 43.54 -5.59 20.54
C GLU E 635 44.61 -6.06 21.53
N LYS E 636 44.27 -7.00 22.40
CA LYS E 636 45.23 -7.52 23.34
C LYS E 636 46.01 -8.65 22.68
N GLY E 637 45.71 -8.93 21.42
CA GLY E 637 46.44 -9.98 20.72
C GLY E 637 45.73 -11.30 20.52
N LEU E 638 44.67 -11.56 21.28
CA LEU E 638 43.91 -12.80 21.14
C LEU E 638 43.19 -12.87 19.80
N LYS E 639 43.16 -14.05 19.20
CA LYS E 639 42.53 -14.26 17.91
C LYS E 639 41.14 -14.88 18.03
N HIS E 640 40.19 -14.36 17.27
CA HIS E 640 38.81 -14.82 17.30
C HIS E 640 38.51 -15.95 16.30
N GLY E 641 38.15 -17.11 16.82
CA GLY E 641 37.83 -18.25 15.99
C GLY E 641 38.30 -19.55 16.63
N TRP E 642 37.83 -20.68 16.13
CA TRP E 642 38.23 -21.96 16.69
C TRP E 642 39.70 -22.25 16.41
N ASP E 643 40.18 -21.72 15.30
CA ASP E 643 41.58 -21.91 14.94
C ASP E 643 42.39 -20.90 15.72
N GLY E 644 41.74 -20.26 16.70
CA GLY E 644 42.39 -19.23 17.51
C GLY E 644 42.41 -19.39 19.01
N ASP E 645 42.09 -18.32 19.73
CA ASP E 645 42.11 -18.35 21.19
C ASP E 645 40.76 -18.39 21.90
N PHE E 646 39.75 -17.77 21.28
CA PHE E 646 38.42 -17.71 21.86
C PHE E 646 37.43 -17.60 20.72
N ALA E 647 36.19 -18.01 21.00
CA ALA E 647 35.14 -17.98 20.02
C ALA E 647 33.80 -17.62 20.68
N TYR E 648 33.15 -16.57 20.19
CA TYR E 648 31.84 -16.17 20.71
C TYR E 648 30.87 -17.27 20.32
N MET E 649 30.11 -17.80 21.28
CA MET E 649 29.19 -18.87 20.93
C MET E 649 27.73 -18.43 21.07
N ALA E 650 27.43 -17.66 22.10
CA ALA E 650 26.06 -17.24 22.29
C ALA E 650 25.95 -15.94 23.05
N TRP E 651 25.01 -15.11 22.61
CA TRP E 651 24.71 -13.85 23.26
C TRP E 651 23.22 -13.92 23.57
N VAL E 652 22.88 -13.94 24.84
CA VAL E 652 21.48 -14.04 25.24
C VAL E 652 21.09 -12.86 26.10
N HIS E 653 20.80 -11.74 25.43
CA HIS E 653 20.40 -10.50 26.10
C HIS E 653 21.52 -9.98 27.02
N ASP E 654 21.41 -10.18 28.32
CA ASP E 654 22.47 -9.68 29.20
C ASP E 654 23.63 -10.63 29.46
N GLU E 655 23.76 -11.71 28.69
CA GLU E 655 24.87 -12.62 28.90
C GLU E 655 25.53 -13.13 27.62
N ILE E 656 26.81 -13.49 27.73
CA ILE E 656 27.54 -14.06 26.63
C ILE E 656 28.25 -15.32 27.11
N GLN E 657 28.43 -16.26 26.20
CA GLN E 657 29.11 -17.50 26.52
C GLN E 657 30.21 -17.55 25.49
N VAL E 658 31.44 -17.64 25.97
CA VAL E 658 32.61 -17.62 25.11
C VAL E 658 33.47 -18.84 25.24
N GLY E 659 33.78 -19.48 24.12
CA GLY E 659 34.62 -20.65 24.15
C GLY E 659 36.06 -20.16 24.20
N CYS E 660 36.86 -20.76 25.08
CA CYS E 660 38.26 -20.38 25.25
C CYS E 660 39.18 -21.60 25.17
N ARG E 661 40.28 -21.44 24.45
CA ARG E 661 41.21 -22.53 24.25
C ARG E 661 41.81 -23.03 25.56
N THR E 662 42.00 -22.13 26.53
CA THR E 662 42.56 -22.52 27.82
C THR E 662 41.92 -21.71 28.94
N GLU E 663 42.01 -22.23 30.17
CA GLU E 663 41.48 -21.52 31.33
C GLU E 663 42.11 -20.13 31.44
N GLU E 664 43.41 -20.05 31.16
CA GLU E 664 44.12 -18.77 31.24
C GLU E 664 43.49 -17.71 30.36
N ILE E 665 43.07 -18.11 29.17
CA ILE E 665 42.43 -17.16 28.28
C ILE E 665 41.03 -16.83 28.82
N ALA E 666 40.34 -17.83 29.36
CA ALA E 666 39.01 -17.62 29.93
C ALA E 666 39.13 -16.52 30.96
N GLN E 667 40.20 -16.55 31.73
CA GLN E 667 40.39 -15.53 32.74
C GLN E 667 40.56 -14.15 32.11
N VAL E 668 41.25 -14.08 30.97
CA VAL E 668 41.45 -12.79 30.35
C VAL E 668 40.14 -12.30 29.78
N VAL E 669 39.37 -13.19 29.17
CA VAL E 669 38.06 -12.84 28.62
C VAL E 669 37.22 -12.21 29.72
N ILE E 670 37.12 -12.89 30.87
CA ILE E 670 36.35 -12.41 32.00
C ILE E 670 36.79 -11.03 32.49
N GLU E 671 38.08 -10.80 32.66
CA GLU E 671 38.55 -9.47 33.10
C GLU E 671 38.28 -8.41 32.03
N THR E 672 38.51 -8.76 30.78
CA THR E 672 38.27 -7.83 29.70
C THR E 672 36.81 -7.40 29.61
N ALA E 673 35.89 -8.36 29.79
CA ALA E 673 34.46 -8.06 29.72
C ALA E 673 34.11 -7.02 30.77
N GLN E 674 34.72 -7.12 31.93
CA GLN E 674 34.42 -6.15 32.98
C GLN E 674 35.02 -4.78 32.62
N GLU E 675 36.21 -4.75 32.01
CA GLU E 675 36.82 -3.49 31.59
C GLU E 675 35.97 -2.83 30.52
N ALA E 676 35.43 -3.64 29.62
CA ALA E 676 34.60 -3.12 28.55
C ALA E 676 33.28 -2.56 29.05
N MET E 677 32.71 -3.18 30.09
CA MET E 677 31.44 -2.72 30.64
C MET E 677 31.61 -1.36 31.30
N ARG E 678 32.76 -1.14 31.91
CA ARG E 678 33.02 0.15 32.56
C ARG E 678 33.27 1.18 31.47
N TRP E 679 33.88 0.75 30.38
CA TRP E 679 34.14 1.65 29.28
C TRP E 679 32.79 2.16 28.74
N VAL E 680 31.87 1.23 28.49
CA VAL E 680 30.54 1.53 27.99
C VAL E 680 29.86 2.51 28.92
N GLY E 681 30.00 2.29 30.22
CA GLY E 681 29.38 3.15 31.18
C GLY E 681 29.89 4.58 31.14
N ASP E 682 31.17 4.75 30.86
CA ASP E 682 31.76 6.08 30.78
C ASP E 682 31.43 6.71 29.43
N HIS E 683 31.49 5.88 28.40
CA HIS E 683 31.20 6.31 27.03
C HIS E 683 29.88 7.09 26.92
N TRP E 684 28.83 6.56 27.53
CA TRP E 684 27.52 7.22 27.47
C TRP E 684 27.18 7.99 28.73
N ASN E 685 28.21 8.40 29.47
CA ASN E 685 28.03 9.16 30.71
C ASN E 685 26.92 8.56 31.56
N PHE E 686 26.95 7.25 31.74
CA PHE E 686 25.93 6.56 32.51
C PHE E 686 25.98 6.99 33.98
N ARG E 687 24.82 7.30 34.56
CA ARG E 687 24.76 7.77 35.94
C ARG E 687 24.71 6.69 37.01
N CYS E 688 24.85 5.43 36.59
CA CYS E 688 24.89 4.32 37.52
C CYS E 688 26.07 3.46 37.10
N LEU E 689 26.85 2.99 38.07
CA LEU E 689 28.02 2.19 37.79
C LEU E 689 27.60 0.81 37.24
N LEU E 690 28.22 0.40 36.14
CA LEU E 690 27.90 -0.90 35.53
C LEU E 690 28.88 -1.99 35.91
N ASP E 691 28.39 -3.22 36.04
CA ASP E 691 29.26 -4.34 36.41
C ASP E 691 28.95 -5.64 35.69
N THR E 692 29.87 -6.60 35.79
CA THR E 692 29.70 -7.91 35.19
C THR E 692 30.26 -8.96 36.15
N GLU E 693 29.83 -10.21 35.99
CA GLU E 693 30.31 -11.31 36.81
C GLU E 693 30.57 -12.48 35.86
N GLY E 694 31.74 -13.11 36.00
CA GLY E 694 32.07 -14.22 35.13
C GLY E 694 32.33 -15.54 35.82
N LYS E 695 32.17 -16.63 35.08
CA LYS E 695 32.39 -17.97 35.60
C LYS E 695 33.03 -18.81 34.52
N MET E 696 34.03 -19.60 34.89
CA MET E 696 34.74 -20.47 33.96
C MET E 696 34.19 -21.89 34.14
N GLY E 697 34.20 -22.70 33.09
CA GLY E 697 33.68 -24.04 33.23
C GLY E 697 33.62 -24.79 31.92
N PRO E 698 33.31 -26.10 31.96
CA PRO E 698 33.25 -26.86 30.70
C PRO E 698 32.03 -26.64 29.81
N ASN E 699 30.91 -26.17 30.36
CA ASN E 699 29.71 -25.99 29.53
C ASN E 699 28.74 -24.94 30.08
N TRP E 700 27.60 -24.79 29.43
CA TRP E 700 26.61 -23.81 29.84
C TRP E 700 25.97 -24.08 31.21
N ALA E 701 25.95 -25.35 31.65
CA ALA E 701 25.36 -25.68 32.94
C ALA E 701 26.19 -25.15 34.08
N ILE E 702 27.50 -25.08 33.88
CA ILE E 702 28.40 -24.62 34.92
C ILE E 702 28.54 -23.10 34.89
N CYS E 703 28.54 -22.53 33.70
CA CYS E 703 28.68 -21.09 33.54
C CYS E 703 27.37 -20.36 33.71
N HIS E 704 26.70 -20.65 34.83
CA HIS E 704 25.42 -20.06 35.25
C HIS E 704 24.74 -21.02 36.22
N LYS F 3 -40.55 -52.26 29.46
CA LYS F 3 -40.42 -53.15 28.25
C LYS F 3 -39.05 -52.94 27.61
N ILE F 4 -38.44 -51.81 27.93
CA ILE F 4 -37.12 -51.46 27.43
C ILE F 4 -36.06 -52.00 28.39
N ILE F 5 -35.11 -52.75 27.84
CA ILE F 5 -34.06 -53.37 28.65
C ILE F 5 -32.78 -52.54 28.71
N HIS F 6 -32.30 -52.29 29.92
CA HIS F 6 -31.05 -51.55 30.13
C HIS F 6 -29.91 -52.52 29.83
N LEU F 7 -28.67 -52.09 29.97
CA LEU F 7 -27.55 -52.97 29.69
C LEU F 7 -26.28 -52.63 30.45
N THR F 8 -25.26 -53.47 30.25
CA THR F 8 -23.96 -53.31 30.86
C THR F 8 -23.00 -54.15 30.04
N ASP F 9 -21.73 -53.76 30.00
CA ASP F 9 -20.74 -54.49 29.23
C ASP F 9 -20.79 -55.98 29.56
N ASP F 10 -21.32 -56.29 30.74
CA ASP F 10 -21.43 -57.67 31.20
C ASP F 10 -22.70 -58.35 30.74
N SER F 11 -23.82 -58.01 31.38
CA SER F 11 -25.10 -58.62 31.05
C SER F 11 -25.42 -58.56 29.55
N PHE F 12 -24.72 -57.70 28.83
CA PHE F 12 -24.92 -57.57 27.39
C PHE F 12 -24.82 -58.93 26.71
N ASP F 13 -23.78 -59.68 27.04
CA ASP F 13 -23.58 -60.99 26.45
C ASP F 13 -24.79 -61.88 26.75
N THR F 14 -25.11 -62.01 28.03
CA THR F 14 -26.23 -62.82 28.49
C THR F 14 -27.54 -62.02 28.52
N ASP F 15 -27.92 -61.46 27.38
CA ASP F 15 -29.15 -60.68 27.24
C ASP F 15 -29.45 -60.32 25.79
N VAL F 16 -28.40 -60.10 25.00
CA VAL F 16 -28.57 -59.76 23.59
C VAL F 16 -28.04 -60.87 22.68
N LEU F 17 -26.84 -61.34 22.97
CA LEU F 17 -26.21 -62.40 22.18
C LEU F 17 -27.02 -63.70 22.21
N LYS F 18 -27.10 -64.31 23.38
CA LYS F 18 -27.85 -65.56 23.54
C LYS F 18 -29.32 -65.40 23.14
N ALA F 19 -30.13 -65.01 24.13
CA ALA F 19 -31.58 -64.78 23.98
C ALA F 19 -32.16 -64.99 22.59
N ASP F 20 -33.11 -65.92 22.51
CA ASP F 20 -33.78 -66.23 21.26
C ASP F 20 -34.78 -65.12 20.94
N GLY F 21 -34.94 -64.84 19.65
CA GLY F 21 -35.85 -63.79 19.25
C GLY F 21 -35.11 -62.61 18.65
N ALA F 22 -35.83 -61.52 18.37
CA ALA F 22 -35.22 -60.33 17.77
C ALA F 22 -35.06 -59.21 18.79
N ILE F 23 -33.90 -58.54 18.75
CA ILE F 23 -33.60 -57.45 19.65
C ILE F 23 -33.10 -56.21 18.89
N LEU F 24 -33.68 -55.06 19.19
CA LEU F 24 -33.28 -53.80 18.55
C LEU F 24 -32.54 -53.03 19.64
N VAL F 25 -31.23 -52.91 19.50
CA VAL F 25 -30.44 -52.21 20.49
C VAL F 25 -30.05 -50.79 20.08
N ASP F 26 -30.29 -49.86 21.01
CA ASP F 26 -29.98 -48.45 20.80
C ASP F 26 -28.74 -47.99 21.57
N PHE F 27 -27.75 -47.54 20.83
CA PHE F 27 -26.51 -47.03 21.42
C PHE F 27 -26.70 -45.52 21.51
N TRP F 28 -26.83 -45.01 22.73
CA TRP F 28 -27.03 -43.59 22.93
C TRP F 28 -26.03 -42.96 23.88
N ALA F 29 -26.18 -41.66 24.08
CA ALA F 29 -25.32 -40.90 24.98
C ALA F 29 -26.12 -39.72 25.51
N GLU F 30 -26.01 -39.48 26.82
CA GLU F 30 -26.75 -38.40 27.44
C GLU F 30 -26.55 -37.01 26.84
N TRP F 31 -25.42 -36.78 26.16
CA TRP F 31 -25.11 -35.49 25.54
C TRP F 31 -25.41 -35.38 24.04
N CYS F 32 -26.29 -36.23 23.52
CA CYS F 32 -26.60 -36.16 22.10
C CYS F 32 -28.05 -35.77 21.85
N GLY F 33 -28.24 -34.74 21.02
CA GLY F 33 -29.57 -34.27 20.72
C GLY F 33 -30.38 -35.38 20.06
N PRO F 34 -29.93 -35.85 18.89
CA PRO F 34 -30.62 -36.92 18.16
C PRO F 34 -30.92 -38.08 19.08
N CYS F 35 -29.98 -38.42 19.95
CA CYS F 35 -30.20 -39.52 20.88
C CYS F 35 -31.39 -39.32 21.78
N LYS F 36 -31.52 -38.14 22.37
CA LYS F 36 -32.62 -37.86 23.28
C LYS F 36 -34.00 -37.71 22.61
N MET F 37 -34.00 -37.34 21.33
CA MET F 37 -35.25 -37.17 20.61
C MET F 37 -35.82 -38.51 20.11
N ILE F 38 -34.95 -39.48 19.83
CA ILE F 38 -35.41 -40.76 19.35
C ILE F 38 -35.77 -41.70 20.50
N ALA F 39 -35.49 -41.26 21.72
CA ALA F 39 -35.82 -42.07 22.90
C ALA F 39 -37.34 -42.16 23.00
N PRO F 40 -38.04 -41.04 22.74
CA PRO F 40 -39.51 -41.03 22.79
C PRO F 40 -40.11 -42.02 21.78
N ILE F 41 -39.62 -41.95 20.54
CA ILE F 41 -40.08 -42.84 19.49
C ILE F 41 -39.84 -44.30 19.88
N LEU F 42 -38.75 -44.54 20.60
CA LEU F 42 -38.43 -45.90 21.04
C LEU F 42 -39.39 -46.34 22.14
N ASP F 43 -39.90 -45.38 22.90
CA ASP F 43 -40.86 -45.70 23.97
C ASP F 43 -42.08 -46.35 23.31
N GLU F 44 -42.62 -45.69 22.29
CA GLU F 44 -43.79 -46.16 21.56
C GLU F 44 -43.56 -47.52 20.90
N ILE F 45 -42.45 -47.64 20.18
CA ILE F 45 -42.10 -48.89 19.49
C ILE F 45 -41.88 -50.04 20.48
N ALA F 46 -41.30 -49.74 21.62
CA ALA F 46 -41.05 -50.75 22.64
C ALA F 46 -42.36 -51.27 23.17
N ASP F 47 -43.43 -50.51 22.93
CA ASP F 47 -44.76 -50.89 23.38
C ASP F 47 -45.51 -51.62 22.28
N GLU F 48 -45.52 -51.01 21.09
CA GLU F 48 -46.21 -51.59 19.93
C GLU F 48 -45.71 -52.97 19.54
N TYR F 49 -44.43 -53.07 19.20
CA TYR F 49 -43.85 -54.34 18.77
C TYR F 49 -43.54 -55.37 19.86
N GLN F 50 -44.21 -55.30 21.00
CA GLN F 50 -43.93 -56.28 22.04
C GLN F 50 -44.33 -57.70 21.59
N GLY F 51 -43.51 -58.67 21.93
CA GLY F 51 -43.79 -60.04 21.55
C GLY F 51 -43.26 -60.38 20.18
N LYS F 52 -42.76 -59.36 19.47
CA LYS F 52 -42.21 -59.56 18.14
C LYS F 52 -40.77 -59.03 18.10
N LEU F 53 -40.38 -58.32 19.15
CA LEU F 53 -39.04 -57.74 19.30
C LEU F 53 -38.93 -56.96 20.61
N THR F 54 -37.77 -57.01 21.23
CA THR F 54 -37.55 -56.30 22.49
C THR F 54 -36.47 -55.23 22.31
N VAL F 55 -36.72 -54.04 22.85
CA VAL F 55 -35.77 -52.95 22.73
C VAL F 55 -34.80 -52.95 23.91
N ALA F 56 -33.55 -52.57 23.63
CA ALA F 56 -32.50 -52.51 24.65
C ALA F 56 -31.58 -51.31 24.40
N LYS F 57 -31.45 -50.44 25.40
CA LYS F 57 -30.62 -49.25 25.28
C LYS F 57 -29.26 -49.44 25.97
N LEU F 58 -28.20 -48.94 25.34
CA LEU F 58 -26.85 -49.05 25.91
C LEU F 58 -26.10 -47.71 25.93
N ASN F 59 -25.87 -47.18 27.14
CA ASN F 59 -25.16 -45.90 27.32
C ASN F 59 -23.66 -46.06 27.10
N ILE F 60 -23.16 -45.55 25.99
CA ILE F 60 -21.74 -45.68 25.65
C ILE F 60 -20.73 -45.04 26.63
N ASP F 61 -21.20 -44.18 27.53
CA ASP F 61 -20.29 -43.56 28.50
C ASP F 61 -20.06 -44.46 29.70
N GLN F 62 -21.14 -45.08 30.18
CA GLN F 62 -21.08 -45.98 31.34
C GLN F 62 -20.52 -47.35 31.00
N ASN F 63 -20.69 -47.77 29.74
CA ASN F 63 -20.21 -49.07 29.28
C ASN F 63 -19.43 -48.84 28.00
N PRO F 64 -18.16 -48.43 28.14
CA PRO F 64 -17.26 -48.15 27.02
C PRO F 64 -16.72 -49.35 26.27
N GLY F 65 -16.81 -50.52 26.88
CA GLY F 65 -16.28 -51.73 26.26
C GLY F 65 -16.99 -52.32 25.05
N THR F 66 -18.32 -52.32 25.07
CA THR F 66 -19.11 -52.90 23.99
C THR F 66 -19.19 -52.13 22.67
N ALA F 67 -19.45 -50.84 22.74
CA ALA F 67 -19.58 -50.00 21.55
C ALA F 67 -18.43 -50.11 20.53
N PRO F 68 -17.17 -50.10 21.00
CA PRO F 68 -16.04 -50.20 20.08
C PRO F 68 -16.09 -51.45 19.21
N LYS F 69 -16.62 -52.54 19.79
CA LYS F 69 -16.74 -53.82 19.10
C LYS F 69 -17.55 -53.76 17.81
N TYR F 70 -18.59 -52.93 17.78
CA TYR F 70 -19.44 -52.83 16.60
C TYR F 70 -19.06 -51.70 15.66
N GLY F 71 -18.24 -50.78 16.15
CA GLY F 71 -17.81 -49.68 15.31
C GLY F 71 -18.75 -48.49 15.15
N ILE F 72 -19.15 -47.90 16.26
CA ILE F 72 -20.02 -46.72 16.24
C ILE F 72 -19.30 -45.57 15.54
N ARG F 73 -20.01 -44.89 14.64
CA ARG F 73 -19.45 -43.77 13.89
C ARG F 73 -20.31 -42.53 14.09
N GLY F 74 -21.42 -42.72 14.81
CA GLY F 74 -22.34 -41.63 15.07
C GLY F 74 -23.45 -42.20 15.93
N ILE F 75 -24.28 -41.33 16.49
CA ILE F 75 -25.37 -41.79 17.32
C ILE F 75 -26.62 -40.91 17.20
N PRO F 76 -27.78 -41.45 17.59
CA PRO F 76 -27.95 -42.81 18.11
C PRO F 76 -27.78 -43.87 17.02
N THR F 77 -27.37 -45.07 17.41
CA THR F 77 -27.22 -46.15 16.46
C THR F 77 -28.16 -47.29 16.85
N LEU F 78 -28.99 -47.69 15.89
CA LEU F 78 -29.94 -48.77 16.10
C LEU F 78 -29.42 -50.07 15.48
N LEU F 79 -29.19 -51.06 16.34
CA LEU F 79 -28.68 -52.35 15.90
C LEU F 79 -29.77 -53.41 16.02
N LEU F 80 -29.95 -54.20 14.97
CA LEU F 80 -30.96 -55.25 14.97
C LEU F 80 -30.31 -56.62 15.15
N PHE F 81 -30.48 -57.20 16.33
CA PHE F 81 -29.91 -58.50 16.66
C PHE F 81 -30.91 -59.65 16.58
N LYS F 82 -30.71 -60.53 15.60
CA LYS F 82 -31.59 -61.70 15.42
C LYS F 82 -30.92 -62.95 15.95
N ASN F 83 -31.55 -63.58 16.95
CA ASN F 83 -31.03 -64.81 17.55
C ASN F 83 -29.77 -64.48 18.34
N GLY F 84 -28.76 -63.96 17.63
CA GLY F 84 -27.50 -63.59 18.26
C GLY F 84 -26.56 -62.91 17.29
N GLU F 85 -27.06 -62.60 16.10
CA GLU F 85 -26.25 -61.96 15.07
C GLU F 85 -26.79 -60.57 14.67
N VAL F 86 -25.92 -59.76 14.08
CA VAL F 86 -26.29 -58.42 13.65
C VAL F 86 -27.06 -58.47 12.34
N ALA F 87 -28.37 -58.66 12.43
CA ALA F 87 -29.22 -58.74 11.26
C ALA F 87 -29.21 -57.47 10.42
N ALA F 88 -29.29 -56.31 11.09
CA ALA F 88 -29.30 -55.04 10.40
C ALA F 88 -29.10 -53.87 11.36
N THR F 89 -28.54 -52.77 10.86
CA THR F 89 -28.31 -51.60 11.69
C THR F 89 -28.68 -50.32 10.96
N LYS F 90 -29.21 -49.35 11.71
CA LYS F 90 -29.61 -48.07 11.14
C LYS F 90 -29.13 -46.96 12.05
N VAL F 91 -28.47 -45.95 11.46
CA VAL F 91 -27.96 -44.82 12.21
C VAL F 91 -28.76 -43.54 11.99
N GLY F 92 -29.23 -42.96 13.07
CA GLY F 92 -29.99 -41.74 12.97
C GLY F 92 -31.20 -41.68 13.87
N ALA F 93 -31.81 -40.50 13.94
CA ALA F 93 -33.00 -40.28 14.75
C ALA F 93 -34.24 -40.46 13.86
N LEU F 94 -34.53 -41.72 13.54
CA LEU F 94 -35.67 -42.07 12.70
C LEU F 94 -37.00 -41.58 13.27
N SER F 95 -37.96 -41.37 12.39
CA SER F 95 -39.30 -40.93 12.80
C SER F 95 -40.14 -42.17 13.01
N LYS F 96 -41.17 -42.06 13.84
CA LYS F 96 -42.07 -43.17 14.14
C LYS F 96 -42.43 -43.99 12.90
N GLY F 97 -42.66 -43.29 11.78
CA GLY F 97 -43.02 -43.95 10.54
C GLY F 97 -41.83 -44.63 9.88
N GLN F 98 -40.65 -44.05 10.04
CA GLN F 98 -39.44 -44.63 9.46
C GLN F 98 -38.99 -45.83 10.29
N LEU F 99 -39.15 -45.73 11.60
CA LEU F 99 -38.76 -46.81 12.50
C LEU F 99 -39.54 -48.06 12.17
N LYS F 100 -40.83 -47.91 11.88
CA LYS F 100 -41.68 -49.04 11.54
C LYS F 100 -41.16 -49.79 10.33
N GLU F 101 -41.12 -49.10 9.19
CA GLU F 101 -40.65 -49.69 7.94
C GLU F 101 -39.37 -50.52 8.14
N PHE F 102 -38.50 -50.04 9.02
CA PHE F 102 -37.24 -50.73 9.30
C PHE F 102 -37.50 -52.07 9.99
N LEU F 103 -38.44 -52.08 10.93
CA LEU F 103 -38.76 -53.29 11.68
C LEU F 103 -39.66 -54.24 10.89
N ASP F 104 -40.39 -53.69 9.92
CA ASP F 104 -41.29 -54.50 9.10
C ASP F 104 -40.58 -55.04 7.85
N ALA F 105 -39.26 -54.95 7.82
CA ALA F 105 -38.48 -55.41 6.68
C ALA F 105 -37.32 -56.31 7.13
N ASN F 106 -37.29 -56.62 8.43
CA ASN F 106 -36.25 -57.46 9.00
C ASN F 106 -36.77 -58.26 10.21
N LEU F 107 -37.71 -59.16 9.96
CA LEU F 107 -38.27 -60.00 11.02
C LEU F 107 -38.79 -61.33 10.49
N MET G 1 10.08 53.98 -7.08
CA MET G 1 9.81 52.64 -7.65
C MET G 1 11.09 51.90 -7.99
N ILE G 2 11.23 50.69 -7.46
CA ILE G 2 12.41 49.87 -7.72
C ILE G 2 12.00 48.53 -8.34
N VAL G 3 12.86 47.98 -9.18
CA VAL G 3 12.57 46.70 -9.80
C VAL G 3 13.51 45.68 -9.21
N SER G 4 13.01 44.50 -8.92
CA SER G 4 13.87 43.49 -8.32
C SER G 4 13.60 42.07 -8.72
N ALA G 5 14.53 41.22 -8.35
CA ALA G 5 14.47 39.78 -8.63
C ALA G 5 15.44 39.11 -7.68
N ILE G 6 15.19 37.84 -7.38
CA ILE G 6 16.05 37.11 -6.48
C ILE G 6 16.30 35.71 -6.99
N ALA G 7 17.06 34.96 -6.21
CA ALA G 7 17.37 33.58 -6.51
C ALA G 7 17.56 32.91 -5.17
N ALA G 8 16.97 31.72 -5.01
CA ALA G 8 17.08 30.95 -3.77
C ALA G 8 17.32 29.49 -4.12
N ASN G 9 17.59 28.67 -3.11
CA ASN G 9 17.90 27.27 -3.33
C ASN G 9 16.77 26.30 -3.71
N ALA G 10 15.52 26.76 -3.71
CA ALA G 10 14.40 25.89 -4.07
C ALA G 10 13.05 26.60 -4.18
N LEU G 11 12.03 25.82 -4.52
CA LEU G 11 10.67 26.34 -4.63
C LEU G 11 10.24 26.80 -3.24
N LEU G 12 9.19 27.61 -3.18
CA LEU G 12 8.70 28.12 -1.92
C LEU G 12 8.52 27.02 -0.86
N GLU G 13 7.99 25.89 -1.30
CA GLU G 13 7.74 24.75 -0.43
C GLU G 13 8.91 24.40 0.46
N SER G 14 10.10 24.26 -0.12
CA SER G 14 11.27 23.89 0.66
C SER G 14 12.49 24.78 0.52
N VAL G 15 12.28 26.09 0.48
CA VAL G 15 13.38 27.03 0.33
C VAL G 15 14.03 27.27 1.70
N THR G 16 15.35 27.31 1.75
CA THR G 16 16.05 27.52 3.02
C THR G 16 17.11 28.60 2.98
N LYS G 17 17.75 28.78 1.83
CA LYS G 17 18.80 29.79 1.74
C LYS G 17 18.67 30.76 0.57
N PHE G 18 18.87 32.04 0.88
CA PHE G 18 18.80 33.13 -0.08
C PHE G 18 20.13 33.29 -0.79
N HIS G 19 20.15 33.10 -2.11
CA HIS G 19 21.40 33.24 -2.85
C HIS G 19 21.72 34.69 -3.18
N CYS G 20 21.06 35.26 -4.19
CA CYS G 20 21.34 36.64 -4.55
C CYS G 20 20.11 37.44 -4.94
N GLY G 21 20.30 38.75 -5.09
CA GLY G 21 19.23 39.65 -5.49
C GLY G 21 19.73 40.95 -6.10
N VAL G 22 18.94 41.52 -7.00
CA VAL G 22 19.31 42.76 -7.66
C VAL G 22 18.18 43.78 -7.60
N ILE G 23 18.53 45.03 -7.28
CA ILE G 23 17.56 46.10 -7.20
C ILE G 23 17.90 47.25 -8.14
N TYR G 24 17.02 47.55 -9.07
CA TYR G 24 17.21 48.65 -10.00
C TYR G 24 16.32 49.80 -9.55
N ASP G 25 16.92 50.85 -9.02
CA ASP G 25 16.15 51.99 -8.55
C ASP G 25 15.95 52.93 -9.73
N TYR G 26 14.75 53.47 -9.88
CA TYR G 26 14.48 54.40 -10.98
C TYR G 26 15.01 55.79 -10.70
N SER G 27 14.97 56.19 -9.43
CA SER G 27 15.45 57.50 -9.05
C SER G 27 16.94 57.66 -9.39
N THR G 28 17.75 56.66 -9.06
CA THR G 28 19.19 56.73 -9.34
C THR G 28 19.54 56.29 -10.76
N ALA G 29 18.85 55.25 -11.24
CA ALA G 29 19.06 54.71 -12.57
C ALA G 29 20.17 53.68 -12.69
N GLU G 30 20.58 53.08 -11.56
CA GLU G 30 21.61 52.06 -11.60
C GLU G 30 21.32 50.86 -10.73
N TYR G 31 21.75 49.68 -11.21
CA TYR G 31 21.57 48.41 -10.51
C TYR G 31 22.45 48.28 -9.28
N VAL G 32 22.05 47.43 -8.34
CA VAL G 32 22.80 47.17 -7.11
C VAL G 32 22.66 45.69 -6.80
N SER G 33 23.80 45.00 -6.68
CA SER G 33 23.79 43.56 -6.41
C SER G 33 23.93 43.19 -4.94
N TYR G 34 23.35 42.04 -4.60
CA TYR G 34 23.40 41.55 -3.23
C TYR G 34 23.74 40.05 -3.19
N ARG G 35 24.79 39.73 -2.45
CA ARG G 35 25.22 38.34 -2.34
C ARG G 35 24.83 37.79 -0.97
N PRO G 36 24.91 36.46 -0.78
CA PRO G 36 24.56 35.80 0.48
C PRO G 36 24.76 36.63 1.75
N SER G 37 25.91 37.29 1.85
CA SER G 37 26.23 38.12 3.00
C SER G 37 25.42 39.41 3.07
N ASP G 38 24.85 39.81 1.94
CA ASP G 38 24.07 41.05 1.87
C ASP G 38 22.56 40.88 1.95
N PHE G 39 22.10 39.70 2.36
CA PHE G 39 20.67 39.47 2.46
C PHE G 39 20.03 40.48 3.42
N GLY G 40 20.70 40.71 4.55
CA GLY G 40 20.20 41.65 5.53
C GLY G 40 20.11 43.07 4.98
N ALA G 41 21.02 43.42 4.08
CA ALA G 41 21.02 44.76 3.50
C ALA G 41 19.97 44.87 2.39
N TYR G 42 19.83 43.78 1.62
CA TYR G 42 18.86 43.72 0.53
C TYR G 42 17.47 44.01 1.09
N LEU G 43 17.15 43.38 2.22
CA LEU G 43 15.86 43.57 2.87
C LEU G 43 15.68 44.99 3.39
N ASP G 44 16.78 45.65 3.76
CA ASP G 44 16.69 47.01 4.24
C ASP G 44 16.34 47.93 3.07
N ALA G 45 16.88 47.62 1.90
CA ALA G 45 16.60 48.41 0.72
C ALA G 45 15.09 48.37 0.46
N LEU G 46 14.54 47.16 0.43
CA LEU G 46 13.12 46.99 0.17
C LEU G 46 12.27 47.73 1.20
N GLU G 47 12.70 47.73 2.44
CA GLU G 47 11.93 48.38 3.50
C GLU G 47 11.98 49.90 3.43
N ALA G 48 13.02 50.43 2.79
CA ALA G 48 13.17 51.87 2.65
C ALA G 48 12.20 52.35 1.57
N GLU G 49 12.12 51.59 0.49
CA GLU G 49 11.23 51.91 -0.61
C GLU G 49 9.78 51.98 -0.11
N VAL G 50 9.50 51.21 0.94
CA VAL G 50 8.17 51.17 1.53
C VAL G 50 8.00 52.32 2.52
N ALA G 51 9.10 52.72 3.13
CA ALA G 51 9.08 53.80 4.11
C ALA G 51 8.87 55.15 3.42
N ARG G 52 9.25 55.23 2.15
CA ARG G 52 9.08 56.47 1.41
C ARG G 52 7.92 56.38 0.41
N GLY G 53 6.94 55.53 0.72
CA GLY G 53 5.77 55.36 -0.14
C GLY G 53 6.02 54.91 -1.58
N GLY G 54 7.16 54.27 -1.82
CA GLY G 54 7.48 53.83 -3.16
C GLY G 54 6.86 52.50 -3.54
N LEU G 55 7.25 51.98 -4.70
CA LEU G 55 6.74 50.70 -5.21
C LEU G 55 7.88 49.71 -5.43
N ILE G 56 7.57 48.42 -5.38
CA ILE G 56 8.57 47.37 -5.60
C ILE G 56 8.03 46.43 -6.66
N VAL G 57 8.72 46.33 -7.78
CA VAL G 57 8.29 45.49 -8.88
C VAL G 57 9.02 44.15 -8.93
N PHE G 58 8.25 43.07 -8.97
CA PHE G 58 8.82 41.72 -9.03
C PHE G 58 8.05 40.99 -10.10
N HIS G 59 8.67 40.01 -10.75
CA HIS G 59 7.94 39.22 -11.73
C HIS G 59 7.56 37.96 -10.95
N ASN G 60 6.26 37.72 -10.82
CA ASN G 60 5.74 36.56 -10.08
C ASN G 60 6.10 36.71 -8.62
N GLY G 61 6.03 37.94 -8.14
CA GLY G 61 6.35 38.22 -6.74
C GLY G 61 5.24 37.91 -5.73
N HIS G 62 3.99 38.05 -6.14
CA HIS G 62 2.92 37.77 -5.20
C HIS G 62 2.96 36.30 -4.76
N LYS G 63 3.21 35.39 -5.69
CA LYS G 63 3.22 33.97 -5.37
C LYS G 63 4.54 33.40 -4.89
N TYR G 64 5.67 33.98 -5.33
CA TYR G 64 6.96 33.48 -4.91
C TYR G 64 7.86 34.44 -4.09
N ASP G 65 8.49 35.38 -4.77
CA ASP G 65 9.39 36.33 -4.14
C ASP G 65 8.99 36.95 -2.79
N VAL G 66 7.82 37.55 -2.69
CA VAL G 66 7.43 38.16 -1.43
C VAL G 66 7.26 37.15 -0.28
N PRO G 67 6.51 36.06 -0.50
CA PRO G 67 6.39 35.12 0.62
C PRO G 67 7.70 34.39 0.86
N ALA G 68 8.52 34.28 -0.17
CA ALA G 68 9.83 33.63 -0.04
C ALA G 68 10.72 34.49 0.83
N LEU G 69 10.65 35.81 0.66
CA LEU G 69 11.47 36.71 1.45
C LEU G 69 11.02 36.74 2.90
N THR G 70 9.75 36.41 3.14
CA THR G 70 9.21 36.40 4.49
C THR G 70 9.65 35.13 5.21
N LYS G 71 9.73 34.04 4.47
CA LYS G 71 10.12 32.76 5.03
C LYS G 71 11.62 32.78 5.30
N LEU G 72 12.42 33.20 4.32
CA LEU G 72 13.86 33.25 4.48
C LEU G 72 14.33 34.25 5.50
N ALA G 73 13.68 35.41 5.58
CA ALA G 73 14.11 36.42 6.54
C ALA G 73 13.86 35.95 7.97
N LYS G 74 13.02 34.94 8.12
CA LYS G 74 12.69 34.41 9.43
C LYS G 74 13.65 33.33 9.89
N LEU G 75 13.97 32.40 9.01
CA LEU G 75 14.86 31.32 9.38
C LEU G 75 16.35 31.63 9.20
N GLN G 76 16.67 32.76 8.58
CA GLN G 76 18.08 33.12 8.40
C GLN G 76 18.49 34.29 9.29
N LEU G 77 17.70 35.36 9.27
CA LEU G 77 18.02 36.53 10.07
C LEU G 77 17.09 36.61 11.27
N ASN G 78 16.20 35.62 11.39
CA ASN G 78 15.23 35.59 12.47
C ASN G 78 14.55 36.96 12.50
N ARG G 79 14.38 37.53 11.32
CA ARG G 79 13.78 38.86 11.18
C ARG G 79 12.36 38.81 10.62
N GLU G 80 11.51 39.72 11.10
CA GLU G 80 10.15 39.79 10.62
C GLU G 80 10.13 40.66 9.39
N PHE G 81 9.78 40.06 8.26
CA PHE G 81 9.73 40.79 7.00
C PHE G 81 8.36 40.63 6.32
N HIS G 82 7.63 41.73 6.21
CA HIS G 82 6.31 41.70 5.58
C HIS G 82 6.06 42.89 4.67
N LEU G 83 6.31 42.70 3.38
CA LEU G 83 6.09 43.76 2.39
C LEU G 83 4.60 44.00 2.23
N PRO G 84 4.14 45.23 2.49
CA PRO G 84 2.71 45.50 2.35
C PRO G 84 2.22 45.28 0.92
N ARG G 85 1.04 44.68 0.81
CA ARG G 85 0.44 44.40 -0.48
C ARG G 85 0.41 45.64 -1.39
N GLU G 86 0.06 46.81 -0.85
CA GLU G 86 -0.01 48.02 -1.66
C GLU G 86 1.29 48.59 -2.24
N ASN G 87 2.44 48.05 -1.81
CA ASN G 87 3.71 48.55 -2.32
C ASN G 87 4.27 47.63 -3.37
N CYS G 88 3.59 46.53 -3.65
CA CYS G 88 4.09 45.55 -4.61
C CYS G 88 3.40 45.51 -5.95
N ILE G 89 4.20 45.35 -6.98
CA ILE G 89 3.71 45.28 -8.34
C ILE G 89 4.24 43.96 -8.90
N ASP G 90 3.41 43.27 -9.66
CA ASP G 90 3.79 41.99 -10.21
C ASP G 90 3.56 41.97 -11.72
N THR G 91 4.65 41.99 -12.47
CA THR G 91 4.59 41.97 -13.92
C THR G 91 3.90 40.72 -14.45
N LEU G 92 4.04 39.60 -13.75
CA LEU G 92 3.38 38.40 -14.22
C LEU G 92 1.86 38.60 -14.15
N VAL G 93 1.44 39.38 -13.16
CA VAL G 93 0.03 39.68 -12.99
C VAL G 93 -0.44 40.65 -14.06
N LEU G 94 0.31 41.74 -14.29
CA LEU G 94 -0.08 42.69 -15.34
C LEU G 94 -0.04 41.99 -16.68
N SER G 95 0.98 41.17 -16.89
CA SER G 95 1.11 40.45 -18.14
C SER G 95 -0.12 39.61 -18.44
N ARG G 96 -0.64 38.89 -17.44
CA ARG G 96 -1.82 38.07 -17.64
C ARG G 96 -3.09 38.86 -17.80
N LEU G 97 -3.05 40.12 -17.38
CA LEU G 97 -4.21 40.97 -17.49
C LEU G 97 -4.22 41.65 -18.86
N ILE G 98 -3.11 42.28 -19.20
CA ILE G 98 -2.99 43.01 -20.46
C ILE G 98 -2.89 42.13 -21.71
N HIS G 99 -2.06 41.09 -21.65
CA HIS G 99 -1.89 40.17 -22.78
C HIS G 99 -2.56 38.85 -22.43
N SER G 100 -3.89 38.85 -22.36
CA SER G 100 -4.63 37.65 -22.00
C SER G 100 -5.04 36.83 -23.21
N ASN G 101 -4.36 37.06 -24.33
CA ASN G 101 -4.67 36.34 -25.55
C ASN G 101 -3.39 35.95 -26.27
N LEU G 102 -2.32 35.70 -25.49
CA LEU G 102 -1.03 35.33 -26.05
C LEU G 102 -1.08 34.10 -26.96
N LYS G 103 -2.02 33.20 -26.69
CA LYS G 103 -2.17 31.99 -27.49
C LYS G 103 -2.40 32.29 -28.98
N ASP G 104 -2.61 33.55 -29.30
CA ASP G 104 -2.82 33.96 -30.67
C ASP G 104 -1.75 34.94 -31.12
N THR G 105 -1.44 35.90 -30.25
CA THR G 105 -0.42 36.91 -30.54
C THR G 105 0.90 36.21 -30.86
N ASP G 106 1.17 35.14 -30.12
CA ASP G 106 2.40 34.36 -30.27
C ASP G 106 2.40 33.45 -31.49
N MET G 107 1.23 33.10 -32.00
CA MET G 107 1.14 32.23 -33.17
C MET G 107 2.07 32.70 -34.27
N GLY G 108 2.18 34.02 -34.43
CA GLY G 108 3.05 34.59 -35.44
C GLY G 108 4.51 34.51 -35.07
N LEU G 109 4.80 34.59 -33.78
CA LEU G 109 6.18 34.53 -33.28
C LEU G 109 6.76 33.12 -33.34
N LEU G 110 5.88 32.13 -33.46
CA LEU G 110 6.28 30.74 -33.53
C LEU G 110 6.81 30.43 -34.94
N ARG G 111 6.04 30.81 -35.96
CA ARG G 111 6.46 30.59 -37.35
C ARG G 111 7.70 31.39 -37.69
N SER G 112 7.64 32.70 -37.45
CA SER G 112 8.75 33.60 -37.74
C SER G 112 10.08 33.10 -37.19
N GLY G 113 10.07 32.67 -35.94
CA GLY G 113 11.28 32.18 -35.32
C GLY G 113 11.80 33.21 -34.34
N LYS G 114 11.39 33.06 -33.09
CA LYS G 114 11.80 33.95 -32.00
C LYS G 114 11.05 33.56 -30.75
N LEU G 115 10.39 32.40 -30.81
CA LEU G 115 9.63 31.86 -29.68
C LEU G 115 9.84 30.35 -29.68
N PRO G 116 10.85 29.87 -28.94
CA PRO G 116 11.27 28.47 -28.77
C PRO G 116 10.22 27.37 -28.61
N GLY G 117 9.07 27.53 -29.26
CA GLY G 117 8.02 26.52 -29.21
C GLY G 117 7.47 26.12 -27.84
N LYS G 118 8.33 25.65 -26.96
CA LYS G 118 7.90 25.24 -25.62
C LYS G 118 7.39 26.47 -24.88
N ARG G 119 7.85 27.64 -25.32
CA ARG G 119 7.46 28.91 -24.71
C ARG G 119 6.19 29.46 -25.32
N PHE G 120 5.55 28.67 -26.18
CA PHE G 120 4.33 29.09 -26.84
C PHE G 120 3.18 29.41 -25.89
N GLY G 121 2.96 30.70 -25.65
CA GLY G 121 1.87 31.11 -24.77
C GLY G 121 2.25 31.24 -23.32
N SER G 122 3.55 31.31 -23.05
CA SER G 122 4.04 31.44 -21.69
C SER G 122 4.15 32.89 -21.27
N HIS G 123 3.84 33.17 -20.00
CA HIS G 123 3.96 34.52 -19.47
C HIS G 123 5.23 34.57 -18.62
N ALA G 124 5.97 33.47 -18.62
CA ALA G 124 7.21 33.39 -17.84
C ALA G 124 8.17 34.49 -18.26
N LEU G 125 9.11 34.84 -17.38
CA LEU G 125 10.08 35.87 -17.70
C LEU G 125 10.85 35.55 -18.97
N GLU G 126 11.44 34.36 -19.01
CA GLU G 126 12.19 33.95 -20.18
C GLU G 126 11.32 34.18 -21.41
N ALA G 127 10.13 33.57 -21.42
CA ALA G 127 9.22 33.71 -22.55
C ALA G 127 9.11 35.18 -23.01
N TRP G 128 8.95 36.11 -22.09
CA TRP G 128 8.85 37.51 -22.47
C TRP G 128 10.19 38.00 -22.98
N GLY G 129 11.27 37.44 -22.45
CA GLY G 129 12.59 37.84 -22.88
C GLY G 129 12.77 37.65 -24.37
N TYR G 130 12.01 36.73 -24.96
CA TYR G 130 12.09 36.48 -26.40
C TYR G 130 11.15 37.38 -27.18
N ARG G 131 10.05 37.77 -26.57
CA ARG G 131 9.08 38.64 -27.23
C ARG G 131 9.58 40.08 -27.26
N LEU G 132 10.50 40.41 -26.37
CA LEU G 132 11.01 41.78 -26.31
C LEU G 132 12.42 41.88 -26.88
N GLY G 133 13.01 40.72 -27.19
CA GLY G 133 14.36 40.72 -27.73
C GLY G 133 15.35 41.16 -26.67
N GLU G 134 15.22 40.60 -25.47
CA GLU G 134 16.09 40.92 -24.35
C GLU G 134 16.89 39.68 -23.96
N MET G 135 16.53 38.55 -24.55
CA MET G 135 17.20 37.29 -24.24
C MET G 135 18.56 37.10 -24.92
N LYS G 136 19.59 36.93 -24.10
CA LYS G 136 20.94 36.69 -24.57
C LYS G 136 21.33 35.27 -24.20
N GLY G 137 20.65 34.73 -23.19
CA GLY G 137 20.90 33.37 -22.75
C GLY G 137 20.08 33.01 -21.53
N GLU G 138 20.24 31.77 -21.06
CA GLU G 138 19.53 31.28 -19.89
C GLU G 138 20.50 30.63 -18.91
N TYR G 139 20.28 30.86 -17.62
CA TYR G 139 21.14 30.31 -16.58
C TYR G 139 21.30 28.79 -16.68
N LYS G 140 20.18 28.07 -16.62
CA LYS G 140 20.21 26.62 -16.69
C LYS G 140 21.02 26.10 -17.87
N ASP G 141 20.71 26.60 -19.07
CA ASP G 141 21.41 26.17 -20.28
C ASP G 141 22.89 26.55 -20.25
N ASP G 142 23.22 27.60 -19.52
CA ASP G 142 24.59 28.07 -19.41
C ASP G 142 25.24 27.30 -18.26
N PHE G 143 24.45 26.43 -17.63
CA PHE G 143 24.90 25.62 -16.51
C PHE G 143 25.11 24.17 -16.93
N LYS G 144 24.12 23.61 -17.64
CA LYS G 144 24.20 22.24 -18.10
C LYS G 144 25.41 22.03 -19.01
N ARG G 145 25.54 22.86 -20.04
CA ARG G 145 26.68 22.75 -20.95
C ARG G 145 27.95 23.10 -20.19
N MET G 146 27.84 24.02 -19.24
CA MET G 146 28.97 24.43 -18.43
C MET G 146 29.34 23.25 -17.53
N LEU G 147 28.46 22.25 -17.51
CA LEU G 147 28.68 21.07 -16.70
C LEU G 147 29.20 19.93 -17.57
N GLU G 148 29.50 20.24 -18.83
CA GLU G 148 30.03 19.24 -19.74
C GLU G 148 31.52 19.15 -19.48
N GLU G 149 32.06 20.21 -18.88
CA GLU G 149 33.47 20.28 -18.53
C GLU G 149 33.67 19.39 -17.30
N GLN G 150 32.79 18.40 -17.17
CA GLN G 150 32.82 17.44 -16.07
C GLN G 150 32.05 16.19 -16.49
N GLY G 151 31.21 16.34 -17.51
CA GLY G 151 30.43 15.21 -18.00
C GLY G 151 29.75 14.47 -16.87
N GLU G 152 29.02 15.20 -16.03
CA GLU G 152 28.33 14.59 -14.89
C GLU G 152 26.92 14.11 -15.23
N GLU G 153 26.11 13.89 -14.20
CA GLU G 153 24.75 13.40 -14.38
C GLU G 153 23.69 14.51 -14.31
N TYR G 154 24.02 15.62 -13.66
CA TYR G 154 23.08 16.74 -13.52
C TYR G 154 21.73 16.29 -12.95
N VAL G 155 21.51 16.56 -11.67
CA VAL G 155 20.26 16.19 -11.04
C VAL G 155 19.18 17.19 -11.44
N ASP G 156 17.95 16.70 -11.58
CA ASP G 156 16.83 17.55 -11.97
C ASP G 156 16.81 18.86 -11.19
N GLY G 157 17.13 19.96 -11.88
CA GLY G 157 17.13 21.26 -11.24
C GLY G 157 18.09 21.34 -10.07
N MET G 158 19.39 21.36 -10.36
CA MET G 158 20.41 21.42 -9.33
C MET G 158 21.29 22.65 -9.54
N GLU G 159 20.84 23.55 -10.40
CA GLU G 159 21.58 24.77 -10.68
C GLU G 159 21.38 25.80 -9.58
N TRP G 160 20.42 25.54 -8.68
CA TRP G 160 20.13 26.47 -7.59
C TRP G 160 20.62 26.04 -6.21
N TRP G 161 21.34 24.94 -6.15
CA TRP G 161 21.83 24.46 -4.86
C TRP G 161 22.82 25.41 -4.20
N ASN G 162 23.73 25.98 -4.98
CA ASN G 162 24.72 26.88 -4.41
C ASN G 162 24.94 28.14 -5.24
N PHE G 163 25.25 29.23 -4.55
CA PHE G 163 25.49 30.52 -5.18
C PHE G 163 26.83 30.55 -5.89
N ASN G 164 26.86 31.22 -7.04
CA ASN G 164 28.08 31.36 -7.83
C ASN G 164 27.96 32.63 -8.66
N GLU G 165 29.08 33.28 -8.93
CA GLU G 165 29.07 34.54 -9.68
C GLU G 165 28.34 34.58 -11.02
N GLU G 166 28.02 33.41 -11.60
CA GLU G 166 27.31 33.40 -12.87
C GLU G 166 25.81 33.43 -12.61
N MET G 167 25.42 33.17 -11.37
CA MET G 167 24.03 33.20 -10.96
C MET G 167 23.64 34.67 -10.77
N MET G 168 24.59 35.46 -10.27
CA MET G 168 24.36 36.88 -10.06
C MET G 168 24.50 37.63 -11.38
N ASP G 169 24.72 36.87 -12.45
CA ASP G 169 24.85 37.45 -13.77
C ASP G 169 23.48 37.41 -14.41
N TYR G 170 22.91 36.21 -14.46
CA TYR G 170 21.59 36.03 -15.04
C TYR G 170 20.53 36.62 -14.12
N ASN G 171 20.90 36.86 -12.87
CA ASN G 171 19.98 37.45 -11.92
C ASN G 171 19.76 38.88 -12.39
N VAL G 172 20.85 39.54 -12.77
CA VAL G 172 20.82 40.90 -13.28
C VAL G 172 20.00 40.95 -14.56
N GLN G 173 20.23 39.98 -15.44
CA GLN G 173 19.50 39.93 -16.69
C GLN G 173 18.00 39.88 -16.44
N ASP G 174 17.58 38.92 -15.62
CA ASP G 174 16.15 38.76 -15.31
C ASP G 174 15.54 40.04 -14.75
N VAL G 175 16.37 40.91 -14.17
CA VAL G 175 15.88 42.16 -13.66
C VAL G 175 15.67 43.12 -14.83
N VAL G 176 16.64 43.20 -15.74
CA VAL G 176 16.50 44.10 -16.87
C VAL G 176 15.30 43.65 -17.69
N VAL G 177 15.07 42.34 -17.78
CA VAL G 177 13.92 41.86 -18.54
C VAL G 177 12.65 42.21 -17.77
N THR G 178 12.75 42.27 -16.44
CA THR G 178 11.61 42.63 -15.62
C THR G 178 11.31 44.10 -15.84
N LYS G 179 12.35 44.93 -15.89
CA LYS G 179 12.18 46.36 -16.11
C LYS G 179 11.65 46.64 -17.52
N ALA G 180 12.07 45.83 -18.48
CA ALA G 180 11.64 45.99 -19.86
C ALA G 180 10.21 45.49 -20.05
N LEU G 181 9.80 44.50 -19.27
CA LEU G 181 8.44 43.95 -19.35
C LEU G 181 7.50 44.99 -18.77
N LEU G 182 7.93 45.63 -17.70
CA LEU G 182 7.14 46.64 -17.01
C LEU G 182 6.85 47.86 -17.88
N GLU G 183 7.89 48.41 -18.49
CA GLU G 183 7.72 49.59 -19.34
C GLU G 183 6.86 49.23 -20.56
N LYS G 184 7.03 48.01 -21.06
CA LYS G 184 6.23 47.52 -22.20
C LYS G 184 4.75 47.40 -21.79
N LEU G 185 4.52 47.19 -20.49
CA LEU G 185 3.15 47.05 -19.99
C LEU G 185 2.59 48.41 -19.61
N LEU G 186 3.44 49.29 -19.10
CA LEU G 186 3.01 50.62 -18.70
C LEU G 186 2.72 51.48 -19.93
N SER G 187 3.16 51.05 -21.11
CA SER G 187 2.93 51.83 -22.31
C SER G 187 1.59 51.53 -22.97
N ASP G 188 0.78 50.65 -22.35
CA ASP G 188 -0.53 50.33 -22.91
C ASP G 188 -1.50 51.38 -22.37
N LYS G 189 -1.75 52.41 -23.17
CA LYS G 189 -2.63 53.52 -22.81
C LYS G 189 -4.02 53.13 -22.31
N HIS G 190 -4.40 51.88 -22.51
CA HIS G 190 -5.71 51.45 -22.06
C HIS G 190 -5.75 51.22 -20.56
N TYR G 191 -4.64 50.74 -20.00
CA TYR G 191 -4.57 50.47 -18.56
C TYR G 191 -3.77 51.51 -17.78
N PHE G 192 -2.95 52.28 -18.48
CA PHE G 192 -2.14 53.30 -17.81
C PHE G 192 -2.14 54.59 -18.60
N PRO G 193 -3.04 55.53 -18.26
CA PRO G 193 -3.12 56.82 -18.96
C PRO G 193 -1.74 57.45 -19.18
N PRO G 194 -1.51 58.00 -20.38
CA PRO G 194 -0.23 58.64 -20.75
C PRO G 194 0.14 59.94 -20.02
N GLU G 195 -0.84 60.59 -19.39
CA GLU G 195 -0.58 61.84 -18.70
C GLU G 195 0.31 61.65 -17.47
N ILE G 196 0.16 60.51 -16.82
CA ILE G 196 0.94 60.21 -15.61
C ILE G 196 2.15 59.37 -15.97
N ASP G 197 3.26 59.59 -15.27
CA ASP G 197 4.45 58.78 -15.49
C ASP G 197 4.46 57.77 -14.36
N PHE G 198 4.05 56.54 -14.64
CA PHE G 198 3.97 55.53 -13.60
C PHE G 198 5.29 54.98 -13.08
N THR G 199 6.38 55.27 -13.76
CA THR G 199 7.68 54.79 -13.29
C THR G 199 8.20 55.80 -12.28
N ASP G 200 7.43 56.85 -12.05
CA ASP G 200 7.85 57.90 -11.12
C ASP G 200 6.72 58.46 -10.24
N VAL G 201 6.00 57.58 -9.55
CA VAL G 201 4.91 58.00 -8.66
C VAL G 201 4.83 57.12 -7.41
N GLY G 202 4.18 57.64 -6.37
CA GLY G 202 4.03 56.88 -5.14
C GLY G 202 2.98 55.81 -5.33
N TYR G 203 2.89 54.86 -4.41
CA TYR G 203 1.93 53.77 -4.54
C TYR G 203 0.48 54.18 -4.56
N THR G 204 0.11 55.22 -3.80
CA THR G 204 -1.28 55.65 -3.79
C THR G 204 -1.71 56.21 -5.16
N THR G 205 -0.81 56.91 -5.84
CA THR G 205 -1.15 57.44 -7.16
C THR G 205 -1.16 56.33 -8.20
N PHE G 206 -0.26 55.38 -8.05
CA PHE G 206 -0.18 54.28 -8.99
C PHE G 206 -1.49 53.49 -9.05
N TRP G 207 -2.08 53.19 -7.90
CA TRP G 207 -3.33 52.45 -7.87
C TRP G 207 -4.47 53.36 -8.29
N SER G 208 -4.39 54.60 -7.86
CA SER G 208 -5.41 55.61 -8.14
C SER G 208 -5.63 55.96 -9.61
N GLU G 209 -4.54 56.20 -10.35
CA GLU G 209 -4.67 56.59 -11.75
C GLU G 209 -4.71 55.49 -12.79
N SER G 210 -4.43 54.26 -12.42
CA SER G 210 -4.49 53.18 -13.40
C SER G 210 -5.91 52.64 -13.51
N LEU G 211 -6.13 51.78 -14.51
CA LEU G 211 -7.42 51.16 -14.70
C LEU G 211 -7.70 50.32 -13.43
N GLU G 212 -8.96 50.28 -13.00
CA GLU G 212 -9.34 49.53 -11.80
C GLU G 212 -8.90 48.07 -11.88
N ALA G 213 -8.96 47.49 -13.08
CA ALA G 213 -8.56 46.11 -13.27
C ALA G 213 -7.15 45.85 -12.74
N VAL G 214 -6.27 46.83 -12.85
CA VAL G 214 -4.89 46.68 -12.40
C VAL G 214 -4.77 46.41 -10.91
N ASP G 215 -5.57 47.15 -10.13
CA ASP G 215 -5.61 47.02 -8.68
C ASP G 215 -6.34 45.72 -8.28
N ILE G 216 -7.45 45.44 -8.94
CA ILE G 216 -8.18 44.24 -8.62
C ILE G 216 -7.35 42.98 -8.84
N GLU G 217 -6.72 42.84 -10.02
CA GLU G 217 -5.92 41.65 -10.28
C GLU G 217 -4.78 41.51 -9.30
N HIS G 218 -4.25 42.62 -8.80
CA HIS G 218 -3.16 42.54 -7.84
C HIS G 218 -3.64 42.14 -6.44
N ARG G 219 -4.85 42.55 -6.08
CA ARG G 219 -5.37 42.19 -4.79
C ARG G 219 -5.79 40.74 -4.85
N ALA G 220 -6.32 40.32 -5.99
CA ALA G 220 -6.74 38.92 -6.15
C ALA G 220 -5.57 37.94 -6.22
N ALA G 221 -4.44 38.35 -6.79
CA ALA G 221 -3.29 37.45 -6.86
C ALA G 221 -2.68 37.28 -5.48
N TRP G 222 -2.66 38.38 -4.73
CA TRP G 222 -2.10 38.37 -3.38
C TRP G 222 -2.91 37.42 -2.51
N LEU G 223 -4.23 37.60 -2.55
CA LEU G 223 -5.14 36.78 -1.77
C LEU G 223 -5.11 35.30 -2.21
N LEU G 224 -5.10 35.02 -3.52
CA LEU G 224 -5.09 33.64 -3.96
C LEU G 224 -3.76 32.97 -3.66
N ALA G 225 -2.68 33.72 -3.66
CA ALA G 225 -1.37 33.14 -3.31
C ALA G 225 -1.54 32.63 -1.88
N LYS G 226 -2.07 33.50 -1.02
CA LYS G 226 -2.32 33.18 0.37
C LYS G 226 -3.19 31.91 0.54
N GLN G 227 -4.20 31.76 -0.30
CA GLN G 227 -5.08 30.60 -0.23
C GLN G 227 -4.33 29.30 -0.58
N GLU G 228 -3.42 29.37 -1.56
CA GLU G 228 -2.65 28.22 -1.97
C GLU G 228 -1.81 27.72 -0.79
N ARG G 229 -1.25 28.66 -0.02
CA ARG G 229 -0.42 28.32 1.12
C ARG G 229 -1.20 27.80 2.31
N ASN G 230 -2.45 28.25 2.46
CA ASN G 230 -3.29 27.74 3.55
C ASN G 230 -3.51 26.25 3.25
N GLY G 231 -3.88 25.95 2.01
CA GLY G 231 -4.12 24.59 1.61
C GLY G 231 -5.52 24.16 2.02
N PHE G 232 -5.98 23.04 1.50
CA PHE G 232 -7.31 22.53 1.83
C PHE G 232 -7.10 21.24 2.65
N PRO G 233 -7.46 21.24 3.94
CA PRO G 233 -7.30 20.04 4.79
C PRO G 233 -7.91 18.84 4.07
N PHE G 234 -7.20 17.71 4.08
CA PHE G 234 -7.64 16.53 3.35
C PHE G 234 -7.56 15.24 4.17
N ASP G 235 -8.63 14.43 4.12
CA ASP G 235 -8.68 13.18 4.89
C ASP G 235 -8.11 11.98 4.09
N THR G 236 -6.80 11.80 4.20
CA THR G 236 -6.07 10.73 3.52
C THR G 236 -6.58 9.32 3.80
N LYS G 237 -6.72 8.97 5.08
CA LYS G 237 -7.20 7.63 5.44
C LYS G 237 -8.54 7.30 4.75
N ALA G 238 -9.45 8.28 4.68
CA ALA G 238 -10.75 8.04 4.03
C ALA G 238 -10.58 7.80 2.51
N ILE G 239 -9.78 8.63 1.84
CA ILE G 239 -9.57 8.44 0.41
C ILE G 239 -8.81 7.13 0.18
N GLU G 240 -7.93 6.78 1.10
CA GLU G 240 -7.18 5.54 0.98
C GLU G 240 -8.14 4.35 1.14
N GLU G 241 -9.09 4.47 2.06
CA GLU G 241 -10.07 3.41 2.28
C GLU G 241 -11.03 3.27 1.09
N LEU G 242 -11.44 4.40 0.54
CA LEU G 242 -12.33 4.39 -0.61
C LEU G 242 -11.66 3.70 -1.77
N TYR G 243 -10.37 3.99 -1.96
CA TYR G 243 -9.59 3.40 -3.04
C TYR G 243 -9.60 1.88 -2.97
N VAL G 244 -9.50 1.34 -1.76
CA VAL G 244 -9.51 -0.10 -1.60
C VAL G 244 -10.86 -0.65 -2.02
N GLU G 245 -11.94 0.05 -1.64
CA GLU G 245 -13.27 -0.43 -2.01
C GLU G 245 -13.46 -0.35 -3.52
N LEU G 246 -13.10 0.79 -4.12
CA LEU G 246 -13.26 0.97 -5.56
C LEU G 246 -12.41 -0.03 -6.34
N ALA G 247 -11.16 -0.21 -5.93
CA ALA G 247 -10.27 -1.15 -6.61
C ALA G 247 -10.81 -2.60 -6.57
N ALA G 248 -11.38 -2.99 -5.43
CA ALA G 248 -11.95 -4.34 -5.30
C ALA G 248 -13.17 -4.46 -6.21
N ARG G 249 -13.91 -3.37 -6.37
CA ARG G 249 -15.07 -3.41 -7.24
C ARG G 249 -14.58 -3.41 -8.69
N ARG G 250 -13.50 -2.70 -8.95
CA ARG G 250 -12.95 -2.64 -10.31
C ARG G 250 -12.53 -4.06 -10.71
N SER G 251 -11.88 -4.76 -9.77
CA SER G 251 -11.40 -6.11 -10.01
C SER G 251 -12.54 -7.10 -10.23
N GLU G 252 -13.60 -6.98 -9.45
CA GLU G 252 -14.72 -7.87 -9.61
C GLU G 252 -15.39 -7.60 -10.96
N LEU G 253 -15.51 -6.34 -11.34
CA LEU G 253 -16.13 -6.01 -12.62
C LEU G 253 -15.30 -6.48 -13.81
N LEU G 254 -13.98 -6.35 -13.71
CA LEU G 254 -13.10 -6.79 -14.79
C LEU G 254 -13.33 -8.28 -14.99
N ARG G 255 -13.30 -9.03 -13.90
CA ARG G 255 -13.52 -10.47 -13.94
C ARG G 255 -14.78 -10.85 -14.70
N LYS G 256 -15.92 -10.30 -14.30
CA LYS G 256 -17.18 -10.61 -14.96
C LYS G 256 -17.26 -10.19 -16.42
N LEU G 257 -16.69 -9.03 -16.74
CA LEU G 257 -16.74 -8.56 -18.11
C LEU G 257 -15.84 -9.41 -19.03
N THR G 258 -14.70 -9.88 -18.51
CA THR G 258 -13.81 -10.71 -19.32
C THR G 258 -14.48 -12.07 -19.58
N GLU G 259 -15.30 -12.52 -18.65
CA GLU G 259 -16.00 -13.79 -18.83
C GLU G 259 -17.07 -13.61 -19.90
N THR G 260 -17.65 -12.42 -19.98
CA THR G 260 -18.69 -12.16 -20.98
C THR G 260 -18.16 -11.84 -22.38
N PHE G 261 -17.06 -11.10 -22.47
CA PHE G 261 -16.52 -10.73 -23.77
C PHE G 261 -15.24 -11.43 -24.17
N GLY G 262 -14.58 -12.04 -23.20
CA GLY G 262 -13.35 -12.77 -23.48
C GLY G 262 -12.28 -11.99 -24.22
N SER G 263 -11.51 -12.72 -25.02
CA SER G 263 -10.44 -12.10 -25.79
C SER G 263 -10.62 -12.48 -27.24
N TRP G 264 -9.79 -11.89 -28.10
CA TRP G 264 -9.87 -12.13 -29.53
C TRP G 264 -8.64 -11.58 -30.22
N TYR G 265 -8.61 -11.69 -31.53
CA TYR G 265 -7.49 -11.20 -32.30
C TYR G 265 -7.91 -9.96 -33.10
N GLN G 266 -7.01 -9.01 -33.25
CA GLN G 266 -7.30 -7.82 -34.04
C GLN G 266 -6.05 -7.31 -34.75
N PRO G 267 -6.23 -6.68 -35.91
CA PRO G 267 -5.06 -6.18 -36.63
C PRO G 267 -4.23 -5.15 -35.89
N LYS G 268 -2.92 -5.23 -36.05
CA LYS G 268 -2.03 -4.27 -35.42
C LYS G 268 -0.66 -4.34 -36.06
N GLY G 269 -0.25 -3.24 -36.68
CA GLY G 269 1.07 -3.22 -37.30
C GLY G 269 1.06 -3.05 -38.80
N GLY G 270 0.07 -3.64 -39.46
CA GLY G 270 -0.01 -3.52 -40.91
C GLY G 270 0.34 -2.12 -41.39
N THR G 271 1.01 -2.05 -42.53
CA THR G 271 1.40 -0.76 -43.09
C THR G 271 0.81 -0.49 -44.47
N GLU G 272 0.83 -1.49 -45.36
CA GLU G 272 0.30 -1.28 -46.70
C GLU G 272 -1.14 -1.70 -46.92
N MET G 273 -1.71 -1.18 -48.01
CA MET G 273 -3.08 -1.42 -48.40
C MET G 273 -3.20 -2.79 -49.04
N PHE G 274 -4.16 -3.59 -48.59
CA PHE G 274 -4.38 -4.91 -49.16
C PHE G 274 -4.98 -4.73 -50.53
N CYS G 275 -4.45 -5.47 -51.51
CA CYS G 275 -4.95 -5.37 -52.87
C CYS G 275 -5.72 -6.60 -53.32
N HIS G 276 -6.88 -6.38 -53.94
CA HIS G 276 -7.72 -7.46 -54.44
C HIS G 276 -6.84 -8.45 -55.21
N PRO G 277 -7.07 -9.77 -55.03
CA PRO G 277 -6.32 -10.83 -55.69
C PRO G 277 -6.38 -10.90 -57.23
N ARG G 278 -7.59 -10.95 -57.79
CA ARG G 278 -7.76 -11.01 -59.25
C ARG G 278 -7.34 -9.68 -59.88
N THR G 279 -8.09 -8.63 -59.56
CA THR G 279 -7.76 -7.30 -60.03
C THR G 279 -6.57 -6.95 -59.15
N GLY G 280 -6.17 -5.70 -59.10
CA GLY G 280 -5.07 -5.36 -58.22
C GLY G 280 -5.43 -4.13 -57.43
N LYS G 281 -6.72 -3.81 -57.40
CA LYS G 281 -7.16 -2.61 -56.73
C LYS G 281 -7.06 -2.59 -55.21
N PRO G 282 -6.65 -1.44 -54.68
CA PRO G 282 -6.50 -1.22 -53.23
C PRO G 282 -7.84 -1.37 -52.53
N LEU G 283 -7.89 -2.20 -51.50
CA LEU G 283 -9.11 -2.40 -50.73
C LEU G 283 -8.93 -1.77 -49.34
N PRO G 284 -9.34 -0.50 -49.20
CA PRO G 284 -9.25 0.30 -47.98
C PRO G 284 -9.96 -0.28 -46.78
N LYS G 285 -11.11 -0.93 -47.00
CA LYS G 285 -11.88 -1.47 -45.88
C LYS G 285 -11.40 -2.79 -45.26
N TYR G 286 -10.24 -3.29 -45.67
CA TYR G 286 -9.67 -4.50 -45.08
C TYR G 286 -8.50 -4.02 -44.26
N PRO G 287 -8.22 -4.68 -43.14
CA PRO G 287 -7.08 -4.25 -42.32
C PRO G 287 -5.82 -4.10 -43.19
N ARG G 288 -4.91 -3.22 -42.81
CA ARG G 288 -3.68 -3.03 -43.56
C ARG G 288 -2.86 -4.31 -43.38
N ILE G 289 -1.97 -4.60 -44.32
CA ILE G 289 -1.15 -5.81 -44.25
C ILE G 289 0.33 -5.51 -44.20
N LYS G 290 1.12 -6.57 -44.13
CA LYS G 290 2.58 -6.47 -44.09
C LYS G 290 3.15 -7.36 -45.19
N THR G 291 4.07 -6.82 -45.98
CA THR G 291 4.68 -7.59 -47.05
C THR G 291 6.15 -7.85 -46.74
N PRO G 292 6.49 -9.08 -46.34
CA PRO G 292 7.88 -9.43 -46.02
C PRO G 292 8.80 -9.30 -47.22
N LYS G 293 9.96 -8.67 -47.03
CA LYS G 293 10.93 -8.47 -48.10
C LYS G 293 12.02 -9.54 -48.07
N VAL G 294 11.94 -10.43 -47.09
CA VAL G 294 12.91 -11.51 -46.96
C VAL G 294 12.27 -12.72 -46.30
N GLY G 295 13.09 -13.72 -45.99
CA GLY G 295 12.59 -14.92 -45.35
C GLY G 295 11.99 -15.95 -46.30
N GLY G 296 12.77 -16.41 -47.26
CA GLY G 296 12.28 -17.39 -48.21
C GLY G 296 12.07 -18.76 -47.57
N ILE G 297 12.60 -19.79 -48.22
CA ILE G 297 12.47 -21.16 -47.72
C ILE G 297 13.82 -21.89 -47.78
N PHE G 298 14.82 -21.23 -48.37
CA PHE G 298 16.17 -21.77 -48.49
C PHE G 298 17.17 -20.63 -48.63
N LYS G 299 18.41 -20.86 -48.20
CA LYS G 299 19.46 -19.85 -48.31
C LYS G 299 20.64 -20.40 -49.10
N LEU G 315 18.04 -23.89 -47.04
CA LEU G 315 16.88 -24.25 -46.22
C LEU G 315 16.46 -23.02 -45.43
N ASP G 316 15.34 -23.10 -44.71
CA ASP G 316 14.84 -21.98 -43.92
C ASP G 316 13.64 -22.32 -43.03
N THR G 317 13.69 -21.87 -41.78
CA THR G 317 12.62 -22.12 -40.83
C THR G 317 11.91 -20.83 -40.42
N ARG G 318 12.31 -19.72 -41.05
CA ARG G 318 11.71 -18.41 -40.79
C ARG G 318 10.22 -18.52 -41.15
N GLU G 319 9.35 -18.09 -40.24
CA GLU G 319 7.91 -18.16 -40.45
C GLU G 319 7.38 -17.45 -41.69
N TYR G 320 7.89 -16.26 -41.99
CA TYR G 320 7.43 -15.51 -43.16
C TYR G 320 8.04 -16.04 -44.46
N VAL G 321 7.49 -15.57 -45.57
CA VAL G 321 7.95 -15.94 -46.90
C VAL G 321 7.91 -14.68 -47.74
N ALA G 322 9.07 -14.26 -48.23
CA ALA G 322 9.16 -13.05 -49.05
C ALA G 322 8.10 -13.10 -50.16
N GLY G 323 7.14 -12.19 -50.09
CA GLY G 323 6.09 -12.14 -51.09
C GLY G 323 4.70 -12.31 -50.48
N ALA G 324 4.47 -13.45 -49.82
CA ALA G 324 3.17 -13.75 -49.21
C ALA G 324 2.73 -12.73 -48.15
N PRO G 325 1.71 -11.92 -48.45
CA PRO G 325 1.25 -10.92 -47.49
C PRO G 325 0.43 -11.54 -46.36
N TYR G 326 0.60 -11.03 -45.15
CA TYR G 326 -0.15 -11.51 -44.00
C TYR G 326 -0.61 -10.31 -43.18
N THR G 327 -1.69 -10.50 -42.42
CA THR G 327 -2.23 -9.45 -41.57
C THR G 327 -1.74 -9.63 -40.14
N PRO G 328 -0.90 -8.70 -39.65
CA PRO G 328 -0.37 -8.77 -38.29
C PRO G 328 -1.54 -8.73 -37.31
N VAL G 329 -1.49 -9.54 -36.26
CA VAL G 329 -2.57 -9.57 -35.28
C VAL G 329 -2.05 -9.72 -33.86
N GLU G 330 -2.68 -8.99 -32.95
CA GLU G 330 -2.31 -9.06 -31.55
C GLU G 330 -3.49 -9.76 -30.91
N HIS G 331 -3.26 -10.36 -29.75
CA HIS G 331 -4.36 -11.02 -29.05
C HIS G 331 -4.68 -10.06 -27.91
N VAL G 332 -5.96 -9.72 -27.71
CA VAL G 332 -6.28 -8.80 -26.63
C VAL G 332 -7.39 -9.30 -25.73
N VAL G 333 -7.25 -9.01 -24.45
CA VAL G 333 -8.27 -9.36 -23.48
C VAL G 333 -9.13 -8.13 -23.38
N PHE G 334 -10.44 -8.32 -23.27
CA PHE G 334 -11.35 -7.20 -23.16
C PHE G 334 -10.87 -6.20 -22.12
N ASN G 335 -10.90 -4.93 -22.48
CA ASN G 335 -10.51 -3.85 -21.58
C ASN G 335 -11.70 -2.91 -21.56
N PRO G 336 -12.46 -2.88 -20.46
CA PRO G 336 -13.62 -1.99 -20.43
C PRO G 336 -13.28 -0.51 -20.59
N SER G 337 -12.04 -0.14 -20.32
CA SER G 337 -11.63 1.26 -20.44
C SER G 337 -11.41 1.64 -21.88
N SER G 338 -11.58 0.70 -22.80
CA SER G 338 -11.35 1.00 -24.20
C SER G 338 -12.64 1.23 -24.97
N ARG G 339 -12.84 2.47 -25.41
CA ARG G 339 -14.04 2.82 -26.17
C ARG G 339 -14.00 1.95 -27.41
N ASP G 340 -12.81 1.72 -27.93
CA ASP G 340 -12.65 0.89 -29.11
C ASP G 340 -13.07 -0.56 -28.84
N HIS G 341 -12.66 -1.12 -27.71
CA HIS G 341 -13.06 -2.49 -27.39
C HIS G 341 -14.56 -2.60 -27.17
N ILE G 342 -15.16 -1.57 -26.58
CA ILE G 342 -16.59 -1.59 -26.31
C ILE G 342 -17.37 -1.56 -27.63
N GLN G 343 -16.95 -0.66 -28.49
CA GLN G 343 -17.55 -0.47 -29.80
C GLN G 343 -17.41 -1.71 -30.69
N LYS G 344 -16.29 -2.41 -30.58
CA LYS G 344 -16.09 -3.61 -31.39
C LYS G 344 -17.01 -4.74 -30.92
N LYS G 345 -17.02 -5.01 -29.61
CA LYS G 345 -17.87 -6.05 -29.05
C LYS G 345 -19.37 -5.78 -29.24
N LEU G 346 -19.79 -4.53 -29.08
CA LEU G 346 -21.20 -4.23 -29.23
C LEU G 346 -21.68 -4.37 -30.66
N GLN G 347 -20.93 -3.83 -31.63
CA GLN G 347 -21.34 -3.93 -33.02
C GLN G 347 -21.43 -5.40 -33.41
N GLU G 348 -20.44 -6.18 -32.96
CA GLU G 348 -20.40 -7.61 -33.23
C GLU G 348 -21.66 -8.28 -32.69
N ALA G 349 -22.27 -7.67 -31.69
CA ALA G 349 -23.46 -8.22 -31.08
C ALA G 349 -24.75 -7.72 -31.71
N GLY G 350 -24.63 -6.92 -32.76
CA GLY G 350 -25.81 -6.42 -33.42
C GLY G 350 -26.13 -4.95 -33.17
N TRP G 351 -25.15 -4.19 -32.69
CA TRP G 351 -25.38 -2.78 -32.46
C TRP G 351 -24.97 -1.99 -33.69
N VAL G 352 -25.87 -1.14 -34.17
CA VAL G 352 -25.58 -0.32 -35.32
C VAL G 352 -25.43 1.13 -34.88
N PRO G 353 -24.20 1.63 -34.78
CA PRO G 353 -23.93 3.00 -34.37
C PRO G 353 -24.68 4.00 -35.24
N THR G 354 -25.12 5.08 -34.61
CA THR G 354 -25.85 6.13 -35.31
C THR G 354 -25.02 7.39 -35.45
N LYS G 355 -24.33 7.78 -34.38
CA LYS G 355 -23.51 8.98 -34.42
C LYS G 355 -22.01 8.68 -34.40
N TYR G 356 -21.28 9.31 -35.32
CA TYR G 356 -19.84 9.11 -35.42
C TYR G 356 -19.06 10.38 -35.11
N THR G 357 -17.76 10.20 -34.86
CA THR G 357 -16.86 11.31 -34.55
C THR G 357 -16.30 11.85 -35.86
N ASP G 358 -15.59 12.97 -35.78
CA ASP G 358 -15.00 13.60 -36.96
C ASP G 358 -14.00 12.71 -37.69
N LYS G 359 -13.13 12.03 -36.94
CA LYS G 359 -12.13 11.16 -37.55
C LYS G 359 -12.71 9.83 -38.08
N GLY G 360 -13.99 9.59 -37.82
CA GLY G 360 -14.63 8.38 -38.31
C GLY G 360 -15.19 7.40 -37.29
N ALA G 361 -14.43 7.14 -36.23
CA ALA G 361 -14.87 6.20 -35.20
C ALA G 361 -16.25 6.52 -34.62
N PRO G 362 -17.00 5.49 -34.21
CA PRO G 362 -18.34 5.68 -33.63
C PRO G 362 -18.24 6.22 -32.20
N VAL G 363 -19.16 7.13 -31.86
CA VAL G 363 -19.19 7.72 -30.52
C VAL G 363 -19.66 6.67 -29.52
N VAL G 364 -19.00 6.59 -28.38
CA VAL G 364 -19.39 5.61 -27.37
C VAL G 364 -19.36 6.25 -25.99
N ASP G 365 -19.98 7.42 -25.87
CA ASP G 365 -20.03 8.11 -24.60
C ASP G 365 -21.10 7.50 -23.70
N ASP G 366 -21.33 8.09 -22.53
CA ASP G 366 -22.32 7.58 -21.59
C ASP G 366 -23.70 7.76 -22.18
N GLU G 367 -23.87 8.83 -22.93
CA GLU G 367 -25.14 9.12 -23.58
C GLU G 367 -25.62 7.96 -24.46
N VAL G 368 -24.88 7.68 -25.54
CA VAL G 368 -25.28 6.62 -26.45
C VAL G 368 -25.30 5.24 -25.79
N LEU G 369 -24.37 5.03 -24.86
CA LEU G 369 -24.25 3.77 -24.15
C LEU G 369 -25.53 3.38 -23.40
N GLU G 370 -26.18 4.35 -22.77
CA GLU G 370 -27.39 4.06 -22.02
C GLU G 370 -28.55 3.70 -22.96
N GLY G 371 -28.36 3.95 -24.25
CA GLY G 371 -29.39 3.65 -25.24
C GLY G 371 -29.16 2.44 -26.12
N VAL G 372 -27.99 1.82 -26.01
CA VAL G 372 -27.67 0.65 -26.82
C VAL G 372 -28.55 -0.55 -26.46
N ARG G 373 -29.00 -1.27 -27.49
CA ARG G 373 -29.85 -2.43 -27.29
C ARG G 373 -29.42 -3.54 -28.23
N VAL G 374 -29.11 -4.70 -27.67
CA VAL G 374 -28.70 -5.84 -28.48
C VAL G 374 -29.50 -7.07 -28.05
N ASP G 375 -29.71 -7.99 -28.97
CA ASP G 375 -30.48 -9.20 -28.70
C ASP G 375 -29.94 -10.15 -27.64
N ASP G 376 -28.62 -10.19 -27.46
CA ASP G 376 -28.08 -11.09 -26.44
C ASP G 376 -28.27 -10.50 -25.06
N PRO G 377 -29.17 -11.08 -24.26
CA PRO G 377 -29.43 -10.60 -22.89
C PRO G 377 -28.16 -10.44 -22.07
N GLU G 378 -27.30 -11.45 -22.07
CA GLU G 378 -26.06 -11.36 -21.31
C GLU G 378 -25.27 -10.12 -21.72
N LYS G 379 -25.02 -9.97 -23.01
CA LYS G 379 -24.27 -8.83 -23.50
C LYS G 379 -24.96 -7.50 -23.21
N GLN G 380 -26.29 -7.50 -23.25
CA GLN G 380 -27.03 -6.29 -22.97
C GLN G 380 -26.80 -5.87 -21.51
N ALA G 381 -26.93 -6.82 -20.60
CA ALA G 381 -26.76 -6.59 -19.18
C ALA G 381 -25.35 -6.17 -18.81
N ALA G 382 -24.40 -6.51 -19.69
CA ALA G 382 -23.01 -6.17 -19.44
C ALA G 382 -22.76 -4.69 -19.66
N ILE G 383 -23.57 -4.06 -20.51
CA ILE G 383 -23.42 -2.64 -20.78
C ILE G 383 -23.46 -1.84 -19.46
N ASP G 384 -24.40 -2.15 -18.56
CA ASP G 384 -24.44 -1.43 -17.30
C ASP G 384 -23.19 -1.71 -16.45
N LEU G 385 -22.59 -2.89 -16.62
CA LEU G 385 -21.36 -3.20 -15.87
C LEU G 385 -20.21 -2.39 -16.47
N ILE G 386 -20.31 -2.04 -17.75
CA ILE G 386 -19.28 -1.25 -18.40
C ILE G 386 -19.40 0.21 -17.94
N LYS G 387 -20.63 0.70 -17.85
CA LYS G 387 -20.82 2.08 -17.40
C LYS G 387 -20.30 2.22 -15.98
N GLU G 388 -20.62 1.28 -15.10
CA GLU G 388 -20.14 1.35 -13.72
C GLU G 388 -18.63 1.33 -13.70
N TYR G 389 -18.04 0.46 -14.51
CA TYR G 389 -16.60 0.35 -14.59
C TYR G 389 -15.93 1.68 -15.01
N LEU G 390 -16.45 2.33 -16.05
CA LEU G 390 -15.86 3.61 -16.50
C LEU G 390 -15.92 4.67 -15.39
N MET G 391 -17.02 4.66 -14.67
CA MET G 391 -17.21 5.59 -13.58
C MET G 391 -16.23 5.24 -12.46
N ILE G 392 -16.11 3.94 -12.13
CA ILE G 392 -15.18 3.55 -11.08
C ILE G 392 -13.79 4.04 -11.49
N GLN G 393 -13.40 3.74 -12.72
CA GLN G 393 -12.10 4.14 -13.20
C GLN G 393 -11.84 5.65 -13.08
N LYS G 394 -12.82 6.47 -13.42
CA LYS G 394 -12.63 7.91 -13.32
C LYS G 394 -12.35 8.35 -11.88
N ARG G 395 -13.12 7.85 -10.92
CA ARG G 395 -12.89 8.20 -9.52
C ARG G 395 -11.50 7.76 -9.08
N ILE G 396 -11.16 6.50 -9.33
CA ILE G 396 -9.83 5.98 -8.97
C ILE G 396 -8.75 6.84 -9.62
N GLY G 397 -8.96 7.21 -10.88
CA GLY G 397 -8.00 8.02 -11.61
C GLY G 397 -7.78 9.35 -10.95
N GLN G 398 -8.86 10.00 -10.55
CA GLN G 398 -8.74 11.31 -9.92
C GLN G 398 -8.26 11.28 -8.47
N SER G 399 -8.69 10.28 -7.72
CA SER G 399 -8.32 10.19 -6.31
C SER G 399 -7.01 9.50 -6.00
N ALA G 400 -6.58 8.54 -6.80
CA ALA G 400 -5.36 7.84 -6.46
C ALA G 400 -4.30 7.50 -7.52
N GLU G 401 -4.72 7.00 -8.68
CA GLU G 401 -3.76 6.59 -9.71
C GLU G 401 -3.31 7.58 -10.76
N GLY G 402 -4.11 8.60 -11.07
CA GLY G 402 -3.70 9.55 -12.07
C GLY G 402 -2.42 10.28 -11.70
N ASP G 403 -1.73 10.82 -12.68
CA ASP G 403 -0.48 11.53 -12.40
C ASP G 403 -0.74 12.69 -11.47
N LYS G 404 -1.95 13.24 -11.54
CA LYS G 404 -2.31 14.36 -10.69
C LYS G 404 -3.37 14.07 -9.65
N ALA G 405 -3.38 12.83 -9.15
CA ALA G 405 -4.33 12.38 -8.14
C ALA G 405 -4.11 13.01 -6.76
N TRP G 406 -5.18 13.09 -5.98
CA TRP G 406 -5.09 13.70 -4.66
C TRP G 406 -4.08 13.05 -3.73
N LEU G 407 -4.08 11.72 -3.65
CA LEU G 407 -3.13 11.04 -2.77
C LEU G 407 -1.69 11.44 -3.08
N ARG G 408 -1.42 11.80 -4.34
CA ARG G 408 -0.06 12.21 -4.69
C ARG G 408 0.25 13.64 -4.27
N TYR G 409 -0.75 14.46 -3.95
CA TYR G 409 -0.50 15.86 -3.56
C TYR G 409 -0.60 16.21 -2.09
N VAL G 410 -1.21 15.36 -1.26
CA VAL G 410 -1.30 15.68 0.16
C VAL G 410 0.08 15.97 0.68
N ALA G 411 0.27 17.10 1.35
CA ALA G 411 1.57 17.43 1.89
C ALA G 411 1.66 16.81 3.30
N GLU G 412 2.82 16.91 3.94
CA GLU G 412 3.01 16.34 5.28
C GLU G 412 2.03 16.98 6.27
N ASP G 413 1.73 18.26 6.03
CA ASP G 413 0.82 19.00 6.92
C ASP G 413 -0.64 18.55 6.80
N GLY G 414 -0.86 17.47 6.03
CA GLY G 414 -2.20 16.94 5.83
C GLY G 414 -3.16 17.81 5.03
N LYS G 415 -2.63 18.62 4.13
CA LYS G 415 -3.45 19.50 3.32
C LYS G 415 -3.06 19.39 1.86
N ILE G 416 -3.96 19.79 0.96
CA ILE G 416 -3.65 19.79 -0.45
C ILE G 416 -3.51 21.24 -0.89
N HIS G 417 -2.34 21.58 -1.43
CA HIS G 417 -2.05 22.94 -1.86
C HIS G 417 -2.25 23.13 -3.35
N GLY G 418 -3.51 23.25 -3.75
CA GLY G 418 -3.83 23.42 -5.16
C GLY G 418 -3.33 24.75 -5.69
N SER G 419 -2.87 24.73 -6.92
CA SER G 419 -2.36 25.94 -7.55
C SER G 419 -3.53 26.69 -8.17
N VAL G 420 -3.41 28.01 -8.29
CA VAL G 420 -4.48 28.82 -8.87
C VAL G 420 -3.98 30.02 -9.65
N ASN G 421 -4.30 30.07 -10.95
CA ASN G 421 -3.94 31.20 -11.79
C ASN G 421 -5.18 32.08 -11.71
N PRO G 422 -5.09 33.19 -10.97
CA PRO G 422 -6.19 34.14 -10.78
C PRO G 422 -6.87 34.65 -12.02
N ASN G 423 -6.11 34.78 -13.10
CA ASN G 423 -6.62 35.31 -14.37
C ASN G 423 -6.27 34.37 -15.54
N GLY G 424 -6.56 33.08 -15.36
CA GLY G 424 -6.24 32.10 -16.38
C GLY G 424 -7.11 31.90 -17.60
N ALA G 425 -8.42 32.15 -17.49
CA ALA G 425 -9.31 31.99 -18.64
C ALA G 425 -9.51 33.33 -19.31
N VAL G 426 -9.79 33.34 -20.62
CA VAL G 426 -9.97 34.58 -21.37
C VAL G 426 -10.98 35.57 -20.78
N THR G 427 -12.07 35.03 -20.23
CA THR G 427 -13.14 35.82 -19.65
C THR G 427 -12.78 36.47 -18.32
N GLY G 428 -11.64 36.06 -17.77
CA GLY G 428 -11.25 36.60 -16.49
C GLY G 428 -11.50 35.60 -15.39
N ARG G 429 -12.06 34.44 -15.73
CA ARG G 429 -12.26 33.41 -14.71
C ARG G 429 -10.88 32.93 -14.33
N ALA G 430 -10.77 32.31 -13.16
CA ALA G 430 -9.49 31.74 -12.72
C ALA G 430 -9.48 30.30 -13.22
N THR G 431 -8.29 29.70 -13.23
CA THR G 431 -8.12 28.31 -13.63
C THR G 431 -7.48 27.63 -12.45
N HIS G 432 -7.75 26.35 -12.25
CA HIS G 432 -7.23 25.59 -11.11
C HIS G 432 -6.49 24.33 -11.52
N ALA G 433 -5.36 24.04 -10.87
CA ALA G 433 -4.60 22.87 -11.23
C ALA G 433 -3.62 22.39 -10.18
N PHE G 434 -3.12 21.17 -10.39
CA PHE G 434 -2.11 20.54 -9.55
C PHE G 434 -2.41 20.30 -8.08
N PRO G 435 -3.56 19.68 -7.76
CA PRO G 435 -4.61 19.19 -8.65
C PRO G 435 -5.69 20.26 -8.81
N ASN G 436 -6.62 20.03 -9.72
CA ASN G 436 -7.73 20.95 -9.97
C ASN G 436 -8.80 20.76 -8.89
N LEU G 437 -8.68 21.49 -7.80
CA LEU G 437 -9.66 21.40 -6.72
C LEU G 437 -11.03 21.97 -7.13
N ALA G 438 -11.14 22.35 -8.39
CA ALA G 438 -12.38 22.91 -8.91
C ALA G 438 -13.14 21.83 -9.69
N GLN G 439 -12.67 20.60 -9.62
CA GLN G 439 -13.37 19.52 -10.33
C GLN G 439 -13.55 18.23 -9.52
N ILE G 440 -13.75 18.37 -8.21
CA ILE G 440 -13.98 17.24 -7.33
C ILE G 440 -15.43 16.82 -7.58
N PRO G 441 -15.70 15.52 -7.82
CA PRO G 441 -17.09 15.14 -8.07
C PRO G 441 -18.08 15.77 -7.07
N GLY G 442 -19.24 16.18 -7.56
CA GLY G 442 -20.23 16.79 -6.68
C GLY G 442 -20.94 15.75 -5.84
N VAL G 443 -21.58 16.18 -4.75
CA VAL G 443 -22.28 15.26 -3.86
C VAL G 443 -23.41 14.52 -4.56
N ARG G 444 -23.80 14.98 -5.75
CA ARG G 444 -24.88 14.35 -6.50
C ARG G 444 -24.43 13.26 -7.46
N SER G 445 -23.12 13.05 -7.62
CA SER G 445 -22.68 12.00 -8.52
C SER G 445 -22.07 10.87 -7.69
N PRO G 446 -22.04 9.64 -8.25
CA PRO G 446 -21.49 8.44 -7.59
C PRO G 446 -20.18 8.68 -6.84
N TYR G 447 -20.19 8.30 -5.56
CA TYR G 447 -19.05 8.44 -4.68
C TYR G 447 -18.69 9.89 -4.40
N GLY G 448 -19.49 10.81 -4.93
CA GLY G 448 -19.22 12.22 -4.74
C GLY G 448 -19.33 12.64 -3.29
N GLU G 449 -20.25 12.05 -2.57
CA GLU G 449 -20.44 12.35 -1.17
C GLU G 449 -19.15 11.99 -0.40
N GLN G 450 -18.63 10.78 -0.61
CA GLN G 450 -17.40 10.38 0.09
C GLN G 450 -16.22 11.26 -0.33
N CYS G 451 -16.16 11.61 -1.61
CA CYS G 451 -15.10 12.44 -2.14
C CYS G 451 -15.07 13.83 -1.51
N ARG G 452 -16.22 14.50 -1.52
CA ARG G 452 -16.32 15.85 -0.96
C ARG G 452 -16.00 15.88 0.52
N ALA G 453 -16.48 14.88 1.27
CA ALA G 453 -16.23 14.89 2.70
C ALA G 453 -14.74 14.80 3.05
N ALA G 454 -13.93 14.30 2.12
CA ALA G 454 -12.51 14.18 2.39
C ALA G 454 -11.84 15.57 2.39
N PHE G 455 -12.50 16.55 1.80
CA PHE G 455 -11.96 17.91 1.80
C PHE G 455 -12.80 18.70 2.80
N GLY G 456 -12.19 19.06 3.93
CA GLY G 456 -12.94 19.82 4.91
C GLY G 456 -12.11 20.37 6.05
N ALA G 457 -12.55 21.50 6.60
CA ALA G 457 -11.85 22.12 7.72
C ALA G 457 -11.82 21.17 8.92
N GLU G 458 -12.79 20.27 9.01
CA GLU G 458 -12.77 19.33 10.12
C GLU G 458 -11.49 18.50 10.13
N HIS G 459 -10.81 18.38 8.99
CA HIS G 459 -9.58 17.57 8.96
C HIS G 459 -8.33 18.33 9.42
N HIS G 460 -8.53 19.57 9.86
CA HIS G 460 -7.47 20.39 10.38
C HIS G 460 -7.76 20.52 11.86
N LEU G 461 -6.80 20.15 12.70
CA LEU G 461 -7.02 20.26 14.13
C LEU G 461 -6.33 21.53 14.60
N ASP G 462 -7.05 22.33 15.39
CA ASP G 462 -6.49 23.59 15.86
C ASP G 462 -5.16 23.39 16.54
N GLY G 463 -4.21 24.28 16.26
CA GLY G 463 -2.88 24.19 16.83
C GLY G 463 -2.73 24.44 18.32
N ILE G 464 -3.78 24.96 18.97
CA ILE G 464 -3.74 25.22 20.41
C ILE G 464 -4.67 24.25 21.16
N THR G 465 -5.96 24.31 20.83
CA THR G 465 -6.97 23.48 21.48
C THR G 465 -7.04 22.01 21.02
N GLY G 466 -6.51 21.73 19.84
CA GLY G 466 -6.57 20.37 19.32
C GLY G 466 -7.93 20.04 18.72
N LYS G 467 -8.89 20.98 18.76
CA LYS G 467 -10.21 20.71 18.23
C LYS G 467 -10.33 20.95 16.73
N PRO G 468 -11.15 20.15 16.03
CA PRO G 468 -11.28 20.36 14.58
C PRO G 468 -11.96 21.67 14.24
N TRP G 469 -11.53 22.28 13.15
CA TRP G 469 -12.07 23.54 12.67
C TRP G 469 -13.41 23.27 11.99
N VAL G 470 -14.10 24.33 11.65
CA VAL G 470 -15.39 24.21 11.00
C VAL G 470 -15.32 24.88 9.62
N GLN G 471 -16.29 24.59 8.79
CA GLN G 471 -16.29 25.13 7.46
C GLN G 471 -17.47 26.03 7.15
N ALA G 472 -17.24 27.02 6.31
CA ALA G 472 -18.27 27.92 5.87
C ALA G 472 -18.29 27.86 4.34
N GLY G 473 -19.43 27.48 3.79
CA GLY G 473 -19.56 27.37 2.35
C GLY G 473 -20.42 28.50 1.83
N ILE G 474 -19.85 29.34 0.97
CA ILE G 474 -20.62 30.46 0.46
C ILE G 474 -20.59 30.61 -1.04
N ASP G 475 -21.75 30.81 -1.63
CA ASP G 475 -21.84 31.00 -3.07
C ASP G 475 -22.75 32.17 -3.45
N ALA G 476 -22.51 32.72 -4.63
CA ALA G 476 -23.29 33.82 -5.16
C ALA G 476 -24.56 33.24 -5.77
N SER G 477 -25.70 33.81 -5.43
CA SER G 477 -26.96 33.29 -5.92
C SER G 477 -27.28 33.66 -7.36
N GLY G 478 -27.45 32.64 -8.20
CA GLY G 478 -27.78 32.83 -9.60
C GLY G 478 -27.10 34.01 -10.26
N LEU G 479 -25.78 34.07 -10.09
CA LEU G 479 -24.98 35.16 -10.63
C LEU G 479 -25.08 35.41 -12.15
N GLU G 480 -25.16 34.36 -12.96
CA GLU G 480 -25.24 34.57 -14.41
C GLU G 480 -26.50 35.26 -14.89
N LEU G 481 -27.67 34.77 -14.49
CA LEU G 481 -28.91 35.40 -14.92
C LEU G 481 -29.02 36.78 -14.31
N ARG G 482 -28.33 37.00 -13.21
CA ARG G 482 -28.37 38.31 -12.58
C ARG G 482 -27.54 39.31 -13.39
N CYS G 483 -26.37 38.88 -13.87
CA CYS G 483 -25.52 39.75 -14.69
C CYS G 483 -26.26 40.07 -15.99
N LEU G 484 -27.05 39.12 -16.48
CA LEU G 484 -27.82 39.30 -17.71
C LEU G 484 -28.90 40.35 -17.49
N ALA G 485 -29.47 40.36 -16.29
CA ALA G 485 -30.51 41.33 -16.00
C ALA G 485 -29.90 42.73 -15.93
N HIS G 486 -28.64 42.80 -15.52
CA HIS G 486 -27.97 44.10 -15.45
C HIS G 486 -27.70 44.69 -16.83
N PHE G 487 -27.29 43.85 -17.77
CA PHE G 487 -26.98 44.34 -19.11
C PHE G 487 -28.19 44.63 -19.97
N MET G 488 -29.31 43.97 -19.70
CA MET G 488 -30.48 44.25 -20.51
C MET G 488 -31.31 45.35 -19.87
N ALA G 489 -30.85 45.85 -18.73
CA ALA G 489 -31.53 46.92 -18.01
C ALA G 489 -31.54 48.23 -18.81
N ARG G 490 -30.58 48.41 -19.70
CA ARG G 490 -30.54 49.64 -20.48
C ARG G 490 -31.51 49.55 -21.66
N PHE G 491 -32.13 48.39 -21.83
CA PHE G 491 -33.09 48.15 -22.90
C PHE G 491 -34.46 47.91 -22.29
N ASP G 492 -34.52 47.70 -20.99
CA ASP G 492 -35.80 47.45 -20.32
C ASP G 492 -35.94 48.07 -18.94
N ASN G 493 -35.03 48.98 -18.60
CA ASN G 493 -35.02 49.67 -17.31
C ASN G 493 -35.43 48.73 -16.18
N GLY G 494 -34.52 47.85 -15.78
CA GLY G 494 -34.83 46.90 -14.73
C GLY G 494 -35.83 45.94 -15.33
N GLU G 495 -36.85 45.55 -14.58
CA GLU G 495 -37.87 44.65 -15.10
C GLU G 495 -37.41 43.20 -15.01
N TYR G 496 -36.51 42.80 -15.90
CA TYR G 496 -36.03 41.43 -15.83
C TYR G 496 -35.34 41.29 -14.48
N ALA G 497 -34.61 42.34 -14.09
CA ALA G 497 -33.91 42.35 -12.81
C ALA G 497 -34.98 42.28 -11.73
N HIS G 498 -36.09 42.96 -11.96
CA HIS G 498 -37.19 42.99 -11.02
C HIS G 498 -37.81 41.61 -10.94
N GLU G 499 -37.89 40.92 -12.07
CA GLU G 499 -38.47 39.59 -12.08
C GLU G 499 -37.55 38.60 -11.42
N ILE G 500 -36.25 38.89 -11.38
CA ILE G 500 -35.30 38.01 -10.71
C ILE G 500 -35.64 38.09 -9.23
N LEU G 501 -35.62 39.31 -8.71
CA LEU G 501 -35.92 39.59 -7.31
C LEU G 501 -37.30 39.07 -6.92
N ASN G 502 -38.22 39.04 -7.89
CA ASN G 502 -39.56 38.54 -7.64
C ASN G 502 -39.50 37.09 -7.17
N GLY G 503 -38.53 36.32 -7.65
CA GLY G 503 -38.41 34.95 -7.19
C GLY G 503 -38.40 33.73 -8.11
N ASP G 504 -39.08 33.78 -9.25
CA ASP G 504 -39.08 32.57 -10.08
C ASP G 504 -38.75 32.79 -11.55
N ILE G 505 -37.57 33.36 -11.81
CA ILE G 505 -37.13 33.63 -13.17
C ILE G 505 -37.29 32.45 -14.13
N HIS G 506 -37.07 31.24 -13.65
CA HIS G 506 -37.21 30.07 -14.52
C HIS G 506 -38.64 29.84 -14.95
N THR G 507 -39.58 30.24 -14.11
CA THR G 507 -40.97 30.11 -14.48
C THR G 507 -41.22 31.19 -15.53
N LYS G 508 -40.64 32.38 -15.33
CA LYS G 508 -40.84 33.46 -16.30
C LYS G 508 -40.29 33.09 -17.67
N ASN G 509 -39.13 32.45 -17.70
CA ASN G 509 -38.53 32.05 -18.97
C ASN G 509 -39.36 30.91 -19.57
N GLN G 510 -39.89 30.04 -18.72
CA GLN G 510 -40.70 28.93 -19.20
C GLN G 510 -41.88 29.50 -19.97
N ILE G 511 -42.64 30.36 -19.31
CA ILE G 511 -43.78 31.00 -19.93
C ILE G 511 -43.39 31.72 -21.23
N ALA G 512 -42.24 32.40 -21.23
CA ALA G 512 -41.82 33.13 -22.42
C ALA G 512 -41.43 32.23 -23.59
N ALA G 513 -40.78 31.11 -23.30
CA ALA G 513 -40.35 30.19 -24.35
C ALA G 513 -41.44 29.15 -24.61
N GLU G 514 -42.50 29.23 -23.82
CA GLU G 514 -43.63 28.31 -23.93
C GLU G 514 -43.21 26.84 -23.88
N LEU G 515 -42.45 26.50 -22.84
CA LEU G 515 -41.97 25.14 -22.63
C LEU G 515 -42.84 24.37 -21.64
N PRO G 516 -42.87 23.03 -21.75
CA PRO G 516 -43.68 22.17 -20.87
C PRO G 516 -43.32 22.09 -19.39
N THR G 517 -42.03 22.14 -19.07
CA THR G 517 -41.62 22.05 -17.66
C THR G 517 -40.60 23.11 -17.23
N ARG G 518 -40.56 23.35 -15.92
CA ARG G 518 -39.63 24.29 -15.33
C ARG G 518 -38.20 23.82 -15.59
N ASP G 519 -37.99 22.50 -15.51
CA ASP G 519 -36.66 21.97 -15.76
C ASP G 519 -36.21 22.25 -17.19
N ASN G 520 -37.11 22.07 -18.15
CA ASN G 520 -36.79 22.33 -19.54
C ASN G 520 -36.31 23.77 -19.74
N ALA G 521 -36.96 24.69 -19.03
CA ALA G 521 -36.64 26.11 -19.11
C ALA G 521 -35.26 26.44 -18.53
N LYS G 522 -34.88 25.77 -17.44
CA LYS G 522 -33.58 26.01 -16.82
C LYS G 522 -32.54 25.57 -17.82
N THR G 523 -32.73 24.40 -18.43
CA THR G 523 -31.78 23.92 -19.41
C THR G 523 -31.87 24.65 -20.75
N PHE G 524 -32.91 25.44 -20.92
CA PHE G 524 -33.10 26.22 -22.14
C PHE G 524 -32.31 27.53 -22.09
N ILE G 525 -32.57 28.32 -21.07
CA ILE G 525 -31.93 29.61 -20.94
C ILE G 525 -30.41 29.57 -21.04
N TYR G 526 -29.78 28.62 -20.34
CA TYR G 526 -28.32 28.52 -20.38
C TYR G 526 -27.85 28.10 -21.76
N GLY G 527 -28.46 27.07 -22.32
CA GLY G 527 -28.08 26.63 -23.64
C GLY G 527 -28.28 27.75 -24.65
N PHE G 528 -29.41 28.43 -24.55
CA PHE G 528 -29.75 29.53 -25.46
C PHE G 528 -28.85 30.75 -25.37
N LEU G 529 -28.54 31.16 -24.15
CA LEU G 529 -27.70 32.34 -23.98
C LEU G 529 -26.27 32.13 -24.40
N TYR G 530 -25.81 30.89 -24.33
CA TYR G 530 -24.42 30.63 -24.66
C TYR G 530 -24.13 30.19 -26.09
N GLY G 531 -25.16 30.09 -26.93
CA GLY G 531 -24.91 29.74 -28.32
C GLY G 531 -25.42 28.45 -28.92
N ALA G 532 -26.13 27.63 -28.14
CA ALA G 532 -26.65 26.37 -28.65
C ALA G 532 -27.39 26.53 -29.97
N GLY G 533 -27.18 25.56 -30.86
CA GLY G 533 -27.84 25.59 -32.15
C GLY G 533 -29.29 25.19 -32.00
N ASP G 534 -30.05 25.29 -33.10
CA ASP G 534 -31.46 24.95 -33.06
C ASP G 534 -31.73 23.47 -32.78
N GLU G 535 -30.79 22.61 -33.13
CA GLU G 535 -30.96 21.18 -32.91
C GLU G 535 -30.92 20.80 -31.43
N LYS G 536 -29.88 21.25 -30.73
CA LYS G 536 -29.76 20.94 -29.31
C LYS G 536 -30.94 21.53 -28.55
N ILE G 537 -31.34 22.75 -28.92
CA ILE G 537 -32.46 23.43 -28.28
C ILE G 537 -33.74 22.63 -28.48
N GLY G 538 -33.96 22.18 -29.71
CA GLY G 538 -35.15 21.41 -29.99
C GLY G 538 -35.15 20.08 -29.24
N GLN G 539 -33.97 19.51 -29.05
CA GLN G 539 -33.86 18.24 -28.35
C GLN G 539 -34.18 18.30 -26.87
N ILE G 540 -34.34 19.51 -26.34
CA ILE G 540 -34.68 19.66 -24.94
C ILE G 540 -36.06 19.05 -24.74
N VAL G 541 -36.97 19.33 -25.67
CA VAL G 541 -38.33 18.80 -25.60
C VAL G 541 -38.57 17.59 -26.49
N GLY G 542 -37.50 16.82 -26.73
CA GLY G 542 -37.62 15.64 -27.55
C GLY G 542 -38.04 15.88 -28.99
N ALA G 543 -37.43 16.89 -29.61
CA ALA G 543 -37.72 17.23 -31.00
C ALA G 543 -36.40 17.56 -31.71
N GLY G 544 -36.45 18.45 -32.70
CA GLY G 544 -35.23 18.80 -33.42
C GLY G 544 -35.13 20.22 -33.94
N LYS G 545 -34.41 20.38 -35.05
CA LYS G 545 -34.20 21.68 -35.67
C LYS G 545 -35.45 22.54 -35.75
N GLU G 546 -36.54 22.00 -36.29
CA GLU G 546 -37.77 22.77 -36.44
C GLU G 546 -38.27 23.35 -35.11
N ARG G 547 -38.35 22.51 -34.09
CA ARG G 547 -38.83 22.97 -32.80
C ARG G 547 -37.84 23.97 -32.22
N GLY G 548 -36.59 23.86 -32.65
CA GLY G 548 -35.55 24.76 -32.16
C GLY G 548 -35.78 26.20 -32.59
N LYS G 549 -35.65 26.47 -33.88
CA LYS G 549 -35.84 27.81 -34.40
C LYS G 549 -37.15 28.41 -33.89
N GLU G 550 -38.12 27.54 -33.64
CA GLU G 550 -39.41 27.99 -33.17
C GLU G 550 -39.35 28.38 -31.69
N LEU G 551 -38.58 27.60 -30.94
CA LEU G 551 -38.42 27.83 -29.51
C LEU G 551 -37.66 29.13 -29.24
N LYS G 552 -36.60 29.38 -30.01
CA LYS G 552 -35.80 30.58 -29.85
C LYS G 552 -36.56 31.85 -30.20
N LYS G 553 -37.18 31.85 -31.37
CA LYS G 553 -37.94 33.00 -31.85
C LYS G 553 -39.08 33.38 -30.92
N LYS G 554 -39.68 32.39 -30.27
CA LYS G 554 -40.77 32.67 -29.36
C LYS G 554 -40.19 33.39 -28.17
N PHE G 555 -39.13 32.82 -27.61
CA PHE G 555 -38.45 33.40 -26.45
C PHE G 555 -38.01 34.84 -26.72
N LEU G 556 -37.46 35.09 -27.90
CA LEU G 556 -36.99 36.42 -28.26
C LEU G 556 -38.12 37.40 -28.46
N GLU G 557 -39.25 36.91 -28.98
CA GLU G 557 -40.41 37.75 -29.21
C GLU G 557 -40.96 38.21 -27.87
N ASN G 558 -40.96 37.29 -26.91
CA ASN G 558 -41.46 37.57 -25.56
C ASN G 558 -40.48 38.30 -24.65
N THR G 559 -39.21 38.31 -25.00
CA THR G 559 -38.21 38.98 -24.16
C THR G 559 -37.35 39.92 -25.02
N PRO G 560 -37.97 40.92 -25.67
CA PRO G 560 -37.36 41.92 -26.54
C PRO G 560 -35.99 42.42 -26.08
N ALA G 561 -35.88 42.68 -24.78
CA ALA G 561 -34.63 43.18 -24.22
C ALA G 561 -33.45 42.25 -24.51
N ILE G 562 -33.66 40.94 -24.42
CA ILE G 562 -32.57 39.99 -24.70
C ILE G 562 -32.26 40.08 -26.17
N ALA G 563 -33.30 40.18 -26.99
CA ALA G 563 -33.12 40.31 -28.43
C ALA G 563 -32.30 41.56 -28.73
N ALA G 564 -32.63 42.67 -28.06
CA ALA G 564 -31.92 43.94 -28.26
C ALA G 564 -30.47 43.88 -27.80
N LEU G 565 -30.24 43.27 -26.66
CA LEU G 565 -28.89 43.16 -26.09
C LEU G 565 -28.01 42.34 -27.04
N ARG G 566 -28.53 41.20 -27.47
CA ARG G 566 -27.77 40.34 -28.37
C ARG G 566 -27.39 41.10 -29.64
N GLU G 567 -28.36 41.83 -30.21
CA GLU G 567 -28.12 42.62 -31.41
C GLU G 567 -27.07 43.73 -31.22
N SER G 568 -27.13 44.45 -30.11
CA SER G 568 -26.17 45.51 -29.89
C SER G 568 -24.78 44.89 -29.81
N ILE G 569 -24.68 43.69 -29.27
CA ILE G 569 -23.40 43.01 -29.15
C ILE G 569 -22.90 42.60 -30.54
N GLN G 570 -23.79 42.10 -31.39
CA GLN G 570 -23.39 41.72 -32.75
C GLN G 570 -22.87 42.94 -33.51
N GLN G 571 -23.69 43.99 -33.55
CA GLN G 571 -23.36 45.23 -34.24
C GLN G 571 -22.05 45.89 -33.81
N THR G 572 -21.68 45.72 -32.55
CA THR G 572 -20.45 46.32 -32.08
C THR G 572 -19.25 45.48 -32.51
N LEU G 573 -19.45 44.17 -32.61
CA LEU G 573 -18.35 43.25 -32.92
C LEU G 573 -18.08 42.79 -34.34
N VAL G 574 -19.13 42.41 -35.05
CA VAL G 574 -18.99 41.87 -36.40
C VAL G 574 -19.38 42.75 -37.57
N GLU G 575 -18.53 42.76 -38.60
CA GLU G 575 -18.84 43.52 -39.81
C GLU G 575 -19.54 42.52 -40.73
N SER G 576 -19.00 41.30 -40.79
CA SER G 576 -19.57 40.24 -41.61
C SER G 576 -19.05 38.86 -41.21
N SER G 577 -19.82 37.82 -41.54
CA SER G 577 -19.43 36.46 -41.22
C SER G 577 -19.95 35.52 -42.29
N GLN G 578 -19.37 34.33 -42.36
CA GLN G 578 -19.81 33.38 -43.36
C GLN G 578 -19.41 31.95 -42.98
N TRP G 579 -20.20 30.98 -43.44
CA TRP G 579 -19.91 29.58 -43.17
C TRP G 579 -19.16 28.92 -44.33
N VAL G 580 -18.04 28.29 -44.00
CA VAL G 580 -17.23 27.59 -44.99
C VAL G 580 -16.82 26.24 -44.43
N ALA G 581 -17.33 25.18 -45.05
CA ALA G 581 -17.02 23.80 -44.64
C ALA G 581 -17.26 23.55 -43.16
N GLY G 582 -18.45 23.88 -42.66
CA GLY G 582 -18.75 23.65 -41.26
C GLY G 582 -18.14 24.63 -40.26
N GLU G 583 -17.15 25.41 -40.67
CA GLU G 583 -16.55 26.38 -39.75
C GLU G 583 -17.07 27.78 -40.11
N GLN G 584 -17.14 28.66 -39.12
CA GLN G 584 -17.59 30.02 -39.38
C GLN G 584 -16.37 30.93 -39.49
N GLN G 585 -16.37 31.80 -40.51
CA GLN G 585 -15.28 32.74 -40.75
C GLN G 585 -15.81 34.13 -40.48
N VAL G 586 -15.16 34.84 -39.57
CA VAL G 586 -15.63 36.16 -39.21
C VAL G 586 -14.72 37.33 -39.50
N LYS G 587 -15.33 38.45 -39.86
CA LYS G 587 -14.60 39.70 -40.10
C LYS G 587 -15.08 40.61 -38.97
N TRP G 588 -14.14 41.02 -38.12
CA TRP G 588 -14.44 41.85 -36.95
C TRP G 588 -14.20 43.35 -37.12
N LYS G 589 -14.93 44.12 -36.31
CA LYS G 589 -14.79 45.57 -36.25
C LYS G 589 -13.92 45.78 -35.02
N ARG G 590 -14.20 44.99 -33.99
CA ARG G 590 -13.47 45.01 -32.72
C ARG G 590 -13.49 43.59 -32.18
N ARG G 591 -12.38 43.15 -31.57
CA ARG G 591 -12.31 41.80 -31.04
C ARG G 591 -12.46 41.73 -29.53
N TRP G 592 -12.93 42.81 -28.91
CA TRP G 592 -13.08 42.79 -27.47
C TRP G 592 -14.24 43.59 -26.94
N ILE G 593 -14.67 43.21 -25.74
CA ILE G 593 -15.76 43.86 -25.02
C ILE G 593 -15.11 44.44 -23.78
N LYS G 594 -15.64 45.54 -23.27
CA LYS G 594 -15.11 46.15 -22.06
C LYS G 594 -15.69 45.45 -20.83
N GLY G 595 -14.84 45.18 -19.84
CA GLY G 595 -15.33 44.52 -18.64
C GLY G 595 -15.79 45.49 -17.56
N LEU G 596 -16.41 44.95 -16.51
CA LEU G 596 -16.91 45.77 -15.42
C LEU G 596 -15.85 46.70 -14.83
N ASP G 597 -14.59 46.25 -14.84
CA ASP G 597 -13.52 47.06 -14.27
C ASP G 597 -12.63 47.70 -15.33
N GLY G 598 -13.16 47.81 -16.54
CA GLY G 598 -12.42 48.42 -17.63
C GLY G 598 -11.49 47.63 -18.53
N ARG G 599 -11.14 46.41 -18.17
CA ARG G 599 -10.22 45.62 -19.01
C ARG G 599 -10.85 45.23 -20.32
N LYS G 600 -10.00 44.83 -21.27
CA LYS G 600 -10.45 44.36 -22.56
C LYS G 600 -10.64 42.86 -22.42
N VAL G 601 -11.85 42.38 -22.71
CA VAL G 601 -12.11 40.95 -22.64
C VAL G 601 -12.23 40.41 -24.07
N HIS G 602 -11.22 39.68 -24.50
CA HIS G 602 -11.18 39.09 -25.84
C HIS G 602 -12.38 38.18 -26.11
N VAL G 603 -12.95 38.31 -27.30
CA VAL G 603 -14.09 37.50 -27.71
C VAL G 603 -13.65 36.58 -28.84
N ARG G 604 -13.83 35.27 -28.65
CA ARG G 604 -13.43 34.26 -29.65
C ARG G 604 -14.42 34.06 -30.76
N SER G 605 -15.70 34.03 -30.44
CA SER G 605 -16.70 33.78 -31.46
C SER G 605 -18.03 34.51 -31.27
N PRO G 606 -18.62 34.98 -32.37
CA PRO G 606 -19.89 35.70 -32.31
C PRO G 606 -21.04 35.02 -31.53
N HIS G 607 -21.28 33.73 -31.79
CA HIS G 607 -22.37 33.05 -31.11
C HIS G 607 -22.11 32.93 -29.60
N ALA G 608 -20.87 33.11 -29.19
CA ALA G 608 -20.50 33.04 -27.78
C ALA G 608 -20.17 34.42 -27.16
N ALA G 609 -20.48 35.53 -27.83
CA ALA G 609 -20.14 36.83 -27.27
C ALA G 609 -20.92 37.16 -25.99
N LEU G 610 -22.21 36.88 -25.99
CA LEU G 610 -23.02 37.14 -24.80
C LEU G 610 -22.48 36.29 -23.64
N ASN G 611 -22.02 35.08 -23.93
CA ASN G 611 -21.46 34.24 -22.87
C ASN G 611 -20.19 34.90 -22.35
N THR G 612 -19.37 35.42 -23.25
CA THR G 612 -18.14 36.09 -22.82
C THR G 612 -18.47 37.22 -21.85
N LEU G 613 -19.47 38.03 -22.19
CA LEU G 613 -19.90 39.15 -21.36
C LEU G 613 -20.41 38.70 -19.98
N LEU G 614 -21.25 37.65 -19.92
CA LEU G 614 -21.78 37.19 -18.64
C LEU G 614 -20.79 36.41 -17.78
N GLN G 615 -19.93 35.62 -18.40
CA GLN G 615 -18.97 34.85 -17.63
C GLN G 615 -17.91 35.82 -17.14
N SER G 616 -17.65 36.86 -17.92
CA SER G 616 -16.67 37.85 -17.49
C SER G 616 -17.21 38.65 -16.31
N ALA G 617 -18.47 39.04 -16.38
CA ALA G 617 -19.06 39.81 -15.30
C ALA G 617 -19.06 38.98 -14.04
N GLY G 618 -19.54 37.74 -14.15
CA GLY G 618 -19.59 36.85 -12.99
C GLY G 618 -18.20 36.67 -12.40
N ALA G 619 -17.21 36.54 -13.25
CA ALA G 619 -15.85 36.36 -12.75
C ALA G 619 -15.35 37.59 -12.02
N LEU G 620 -15.54 38.76 -12.62
CA LEU G 620 -15.06 40.00 -12.00
C LEU G 620 -15.80 40.32 -10.73
N ILE G 621 -17.10 40.03 -10.69
CA ILE G 621 -17.87 40.28 -9.49
C ILE G 621 -17.38 39.40 -8.37
N CYS G 622 -17.16 38.12 -8.66
CA CYS G 622 -16.68 37.18 -7.63
C CYS G 622 -15.29 37.55 -7.19
N LYS G 623 -14.47 38.00 -8.13
CA LYS G 623 -13.12 38.36 -7.77
C LYS G 623 -13.15 39.51 -6.76
N LEU G 624 -13.93 40.55 -7.05
CA LEU G 624 -14.01 41.72 -6.17
C LEU G 624 -14.57 41.29 -4.83
N TRP G 625 -15.63 40.49 -4.89
CA TRP G 625 -16.32 39.98 -3.71
C TRP G 625 -15.43 39.23 -2.72
N ILE G 626 -14.66 38.25 -3.19
CA ILE G 626 -13.84 37.51 -2.24
C ILE G 626 -12.73 38.38 -1.69
N ILE G 627 -12.40 39.45 -2.40
CA ILE G 627 -11.38 40.39 -1.97
C ILE G 627 -11.96 41.26 -0.86
N LYS G 628 -13.16 41.78 -1.10
CA LYS G 628 -13.82 42.64 -0.14
C LYS G 628 -14.23 41.87 1.11
N THR G 629 -14.58 40.60 0.96
CA THR G 629 -14.95 39.81 2.13
C THR G 629 -13.73 39.70 3.03
N GLU G 630 -12.59 39.31 2.49
CA GLU G 630 -11.39 39.19 3.32
C GLU G 630 -11.00 40.52 3.98
N GLU G 631 -11.09 41.63 3.25
CA GLU G 631 -10.77 42.93 3.85
C GLU G 631 -11.74 43.28 4.99
N MET G 632 -13.02 42.99 4.81
CA MET G 632 -13.99 43.28 5.86
C MET G 632 -13.71 42.39 7.06
N LEU G 633 -13.36 41.13 6.83
CA LEU G 633 -13.07 40.23 7.95
C LEU G 633 -11.84 40.68 8.71
N VAL G 634 -10.80 41.06 7.96
CA VAL G 634 -9.57 41.54 8.56
C VAL G 634 -9.76 42.87 9.29
N GLU G 635 -10.67 43.72 8.80
CA GLU G 635 -10.92 45.00 9.46
C GLU G 635 -11.85 44.82 10.67
N LYS G 636 -12.50 43.66 10.76
CA LYS G 636 -13.38 43.40 11.89
C LYS G 636 -12.55 42.76 13.00
N GLY G 637 -11.27 42.52 12.74
CA GLY G 637 -10.43 41.94 13.78
C GLY G 637 -9.96 40.51 13.57
N LEU G 638 -10.62 39.77 12.67
CA LEU G 638 -10.22 38.40 12.42
C LEU G 638 -8.84 38.32 11.74
N LYS G 639 -8.08 37.31 12.10
CA LYS G 639 -6.75 37.08 11.58
C LYS G 639 -6.81 35.97 10.53
N HIS G 640 -6.23 36.22 9.36
CA HIS G 640 -6.25 35.24 8.28
C HIS G 640 -5.07 34.24 8.33
N GLY G 641 -5.39 32.98 8.57
CA GLY G 641 -4.39 31.92 8.64
C GLY G 641 -4.77 30.84 9.66
N TRP G 642 -4.11 29.70 9.62
CA TRP G 642 -4.44 28.62 10.55
C TRP G 642 -4.08 29.00 11.98
N ASP G 643 -3.05 29.83 12.11
CA ASP G 643 -2.61 30.28 13.44
C ASP G 643 -3.54 31.41 13.84
N GLY G 644 -4.62 31.60 13.07
CA GLY G 644 -5.56 32.67 13.32
C GLY G 644 -7.02 32.31 13.55
N ASP G 645 -7.91 32.99 12.83
CA ASP G 645 -9.34 32.77 12.99
C ASP G 645 -10.09 32.09 11.85
N PHE G 646 -9.66 32.34 10.62
CA PHE G 646 -10.29 31.76 9.45
C PHE G 646 -9.22 31.61 8.38
N ALA G 647 -9.49 30.78 7.38
CA ALA G 647 -8.54 30.55 6.30
C ALA G 647 -9.24 30.18 5.00
N TYR G 648 -9.00 30.97 3.95
CA TYR G 648 -9.57 30.70 2.64
C TYR G 648 -9.01 29.35 2.17
N MET G 649 -9.86 28.46 1.69
CA MET G 649 -9.38 27.14 1.25
C MET G 649 -9.57 26.94 -0.27
N ALA G 650 -10.71 27.37 -0.79
CA ALA G 650 -10.96 27.20 -2.20
C ALA G 650 -11.92 28.25 -2.71
N TRP G 651 -11.70 28.67 -3.94
CA TRP G 651 -12.57 29.62 -4.62
C TRP G 651 -12.87 28.93 -5.94
N VAL G 652 -14.12 28.50 -6.12
CA VAL G 652 -14.53 27.77 -7.31
C VAL G 652 -15.56 28.57 -8.07
N HIS G 653 -15.07 29.57 -8.81
CA HIS G 653 -15.90 30.46 -9.63
C HIS G 653 -16.86 31.30 -8.78
N ASP G 654 -18.11 30.88 -8.62
CA ASP G 654 -19.05 31.66 -7.82
C ASP G 654 -19.22 31.15 -6.39
N GLU G 655 -18.20 30.47 -5.86
CA GLU G 655 -18.29 29.90 -4.52
C GLU G 655 -16.96 29.88 -3.74
N ILE G 656 -17.01 30.16 -2.44
CA ILE G 656 -15.81 30.08 -1.63
C ILE G 656 -16.06 29.11 -0.50
N GLN G 657 -14.98 28.51 -0.02
CA GLN G 657 -15.03 27.56 1.08
C GLN G 657 -13.99 28.08 2.05
N VAL G 658 -14.44 28.44 3.25
CA VAL G 658 -13.57 29.03 4.26
C VAL G 658 -13.46 28.23 5.53
N GLY G 659 -12.23 28.01 5.98
CA GLY G 659 -12.03 27.28 7.22
C GLY G 659 -12.16 28.27 8.35
N CYS G 660 -12.83 27.87 9.43
CA CYS G 660 -13.06 28.74 10.58
C CYS G 660 -12.75 28.01 11.88
N ARG G 661 -12.01 28.67 12.77
CA ARG G 661 -11.63 28.05 14.04
C ARG G 661 -12.83 27.65 14.90
N THR G 662 -13.91 28.40 14.81
CA THR G 662 -15.09 28.09 15.59
C THR G 662 -16.32 28.39 14.75
N GLU G 663 -17.46 27.79 15.08
CA GLU G 663 -18.64 28.08 14.30
C GLU G 663 -19.17 29.50 14.51
N GLU G 664 -18.73 30.18 15.56
CA GLU G 664 -19.17 31.56 15.79
C GLU G 664 -18.46 32.45 14.74
N ILE G 665 -17.24 32.08 14.40
CA ILE G 665 -16.49 32.81 13.38
C ILE G 665 -17.14 32.50 12.02
N ALA G 666 -17.49 31.23 11.80
CA ALA G 666 -18.14 30.83 10.55
C ALA G 666 -19.35 31.72 10.32
N GLN G 667 -20.12 31.94 11.38
CA GLN G 667 -21.29 32.76 11.21
C GLN G 667 -20.94 34.19 10.84
N VAL G 668 -19.83 34.72 11.36
CA VAL G 668 -19.47 36.08 11.01
C VAL G 668 -18.98 36.12 9.57
N VAL G 669 -18.29 35.07 9.15
CA VAL G 669 -17.80 34.97 7.78
C VAL G 669 -18.98 35.00 6.81
N ILE G 670 -20.00 34.19 7.08
CA ILE G 670 -21.20 34.13 6.24
C ILE G 670 -21.93 35.50 6.13
N GLU G 671 -22.13 36.20 7.23
CA GLU G 671 -22.79 37.52 7.19
C GLU G 671 -21.91 38.55 6.46
N THR G 672 -20.61 38.48 6.68
CA THR G 672 -19.69 39.41 6.04
C THR G 672 -19.71 39.23 4.54
N ALA G 673 -19.70 37.97 4.09
CA ALA G 673 -19.71 37.65 2.65
C ALA G 673 -20.91 38.30 1.99
N GLN G 674 -22.04 38.26 2.68
CA GLN G 674 -23.25 38.87 2.14
C GLN G 674 -23.14 40.40 2.15
N GLU G 675 -22.43 40.98 3.12
CA GLU G 675 -22.26 42.44 3.17
C GLU G 675 -21.38 42.89 1.99
N ALA G 676 -20.31 42.14 1.75
CA ALA G 676 -19.40 42.46 0.67
C ALA G 676 -20.04 42.36 -0.70
N MET G 677 -20.87 41.33 -0.91
CA MET G 677 -21.53 41.15 -2.19
C MET G 677 -22.45 42.33 -2.48
N ARG G 678 -23.02 42.92 -1.43
CA ARG G 678 -23.89 44.07 -1.64
C ARG G 678 -23.04 45.29 -1.93
N TRP G 679 -21.90 45.38 -1.26
CA TRP G 679 -20.96 46.47 -1.48
C TRP G 679 -20.54 46.46 -2.95
N VAL G 680 -20.12 45.28 -3.44
CA VAL G 680 -19.68 45.12 -4.82
C VAL G 680 -20.77 45.55 -5.80
N GLY G 681 -22.01 45.21 -5.48
CA GLY G 681 -23.11 45.55 -6.36
C GLY G 681 -23.40 47.03 -6.38
N ASP G 682 -22.99 47.74 -5.33
CA ASP G 682 -23.22 49.17 -5.27
C ASP G 682 -22.04 49.91 -5.85
N HIS G 683 -20.86 49.33 -5.68
CA HIS G 683 -19.62 49.89 -6.18
C HIS G 683 -19.64 50.07 -7.70
N TRP G 684 -20.18 49.09 -8.41
CA TRP G 684 -20.25 49.16 -9.86
C TRP G 684 -21.63 49.51 -10.38
N ASN G 685 -22.43 50.19 -9.55
CA ASN G 685 -23.76 50.61 -9.92
C ASN G 685 -24.51 49.49 -10.63
N PHE G 686 -24.41 48.29 -10.07
CA PHE G 686 -25.07 47.15 -10.68
C PHE G 686 -26.58 47.35 -10.72
N ARG G 687 -27.20 47.09 -11.87
CA ARG G 687 -28.64 47.30 -12.01
C ARG G 687 -29.53 46.16 -11.58
N CYS G 688 -28.92 45.14 -11.01
CA CYS G 688 -29.65 44.00 -10.47
C CYS G 688 -29.04 43.76 -9.11
N LEU G 689 -29.87 43.42 -8.14
CA LEU G 689 -29.39 43.18 -6.79
C LEU G 689 -28.60 41.87 -6.70
N LEU G 690 -27.51 41.87 -5.95
CA LEU G 690 -26.67 40.68 -5.80
C LEU G 690 -26.79 40.04 -4.43
N ASP G 691 -26.83 38.71 -4.40
CA ASP G 691 -26.94 37.99 -3.13
C ASP G 691 -26.01 36.80 -3.03
N THR G 692 -25.96 36.24 -1.82
CA THR G 692 -25.13 35.08 -1.55
C THR G 692 -25.91 34.24 -0.55
N GLU G 693 -25.48 33.00 -0.38
CA GLU G 693 -26.10 32.09 0.56
C GLU G 693 -24.99 31.22 1.13
N GLY G 694 -24.97 31.06 2.45
CA GLY G 694 -23.93 30.26 3.07
C GLY G 694 -24.44 29.10 3.91
N LYS G 695 -23.55 28.19 4.25
CA LYS G 695 -23.86 27.02 5.08
C LYS G 695 -22.63 26.66 5.89
N MET G 696 -22.85 26.24 7.13
CA MET G 696 -21.77 25.86 8.03
C MET G 696 -21.70 24.33 8.08
N GLY G 697 -20.53 23.76 8.38
CA GLY G 697 -20.42 22.33 8.42
C GLY G 697 -19.00 21.84 8.56
N PRO G 698 -18.77 20.54 8.74
CA PRO G 698 -17.39 20.06 8.89
C PRO G 698 -16.58 19.93 7.60
N ASN G 699 -17.22 19.75 6.46
CA ASN G 699 -16.50 19.60 5.20
C ASN G 699 -17.24 20.10 3.96
N TRP G 700 -16.66 19.86 2.79
CA TRP G 700 -17.24 20.32 1.54
C TRP G 700 -18.56 19.62 1.14
N ALA G 701 -18.77 18.40 1.64
CA ALA G 701 -19.98 17.65 1.31
C ALA G 701 -21.21 18.25 1.98
N ILE G 702 -21.01 18.86 3.15
CA ILE G 702 -22.11 19.44 3.89
C ILE G 702 -22.40 20.87 3.46
N CYS G 703 -21.34 21.58 3.12
CA CYS G 703 -21.47 22.96 2.69
C CYS G 703 -21.91 23.01 1.22
N HIS G 704 -22.81 22.08 0.89
CA HIS G 704 -23.40 21.91 -0.44
C HIS G 704 -24.63 21.00 -0.33
N LYS H 3 -8.46 -31.93 -49.94
CA LYS H 3 -8.89 -32.95 -48.94
C LYS H 3 -8.73 -32.39 -47.52
N ILE H 4 -9.59 -31.45 -47.14
CA ILE H 4 -9.53 -30.84 -45.80
C ILE H 4 -10.88 -30.38 -45.27
N ILE H 5 -11.10 -30.60 -43.96
CA ILE H 5 -12.35 -30.23 -43.31
C ILE H 5 -12.17 -28.98 -42.44
N HIS H 6 -13.28 -28.41 -41.98
CA HIS H 6 -13.25 -27.22 -41.14
C HIS H 6 -13.25 -27.62 -39.66
N LEU H 7 -12.10 -27.50 -39.02
CA LEU H 7 -11.92 -27.85 -37.61
C LEU H 7 -12.87 -27.09 -36.68
N THR H 8 -12.81 -27.46 -35.41
CA THR H 8 -13.62 -26.84 -34.37
C THR H 8 -12.90 -27.06 -33.04
N ASP H 9 -13.41 -26.46 -31.97
CA ASP H 9 -12.78 -26.59 -30.67
C ASP H 9 -12.95 -27.97 -30.07
N ASP H 10 -14.14 -28.54 -30.19
CA ASP H 10 -14.43 -29.86 -29.64
C ASP H 10 -13.46 -30.92 -30.18
N SER H 11 -13.47 -31.13 -31.50
CA SER H 11 -12.60 -32.11 -32.12
C SER H 11 -11.14 -31.70 -31.94
N PHE H 12 -10.42 -31.54 -33.04
CA PHE H 12 -9.03 -31.13 -32.96
C PHE H 12 -8.26 -32.15 -32.11
N ASP H 13 -7.29 -31.65 -31.33
CA ASP H 13 -6.47 -32.48 -30.44
C ASP H 13 -5.50 -33.39 -31.21
N THR H 14 -5.85 -34.67 -31.34
CA THR H 14 -5.00 -35.62 -32.03
C THR H 14 -4.81 -35.20 -33.48
N ASP H 15 -5.51 -34.16 -33.88
CA ASP H 15 -5.45 -33.64 -35.24
C ASP H 15 -4.21 -32.77 -35.52
N VAL H 16 -3.35 -32.63 -34.51
CA VAL H 16 -2.11 -31.86 -34.63
C VAL H 16 -1.08 -32.35 -33.60
N LEU H 17 -1.56 -32.71 -32.41
CA LEU H 17 -0.68 -33.19 -31.35
C LEU H 17 -0.84 -34.70 -31.16
N LYS H 18 -0.02 -35.28 -30.29
CA LYS H 18 -0.03 -36.71 -30.00
C LYS H 18 0.38 -37.50 -31.24
N ALA H 19 -0.53 -37.58 -32.21
CA ALA H 19 -0.27 -38.29 -33.46
C ALA H 19 0.13 -37.27 -34.52
N ASP H 20 0.99 -36.33 -34.12
CA ASP H 20 1.47 -35.28 -35.01
C ASP H 20 2.13 -35.86 -36.27
N GLY H 21 3.46 -35.92 -36.25
CA GLY H 21 4.18 -36.45 -37.40
C GLY H 21 3.73 -35.80 -38.69
N ALA H 22 4.29 -34.62 -38.98
CA ALA H 22 3.94 -33.87 -40.18
C ALA H 22 2.45 -33.49 -40.15
N ILE H 23 2.14 -32.44 -39.41
CA ILE H 23 0.77 -31.94 -39.28
C ILE H 23 0.66 -30.46 -39.61
N LEU H 24 -0.42 -30.09 -40.30
CA LEU H 24 -0.64 -28.70 -40.69
C LEU H 24 -2.09 -28.20 -40.52
N VAL H 25 -2.29 -26.89 -40.65
CA VAL H 25 -3.63 -26.29 -40.52
C VAL H 25 -3.65 -24.83 -40.95
N ASP H 26 -4.84 -24.32 -41.25
CA ASP H 26 -5.04 -22.94 -41.67
C ASP H 26 -5.91 -22.14 -40.70
N PHE H 27 -5.28 -21.18 -40.01
CA PHE H 27 -6.01 -20.33 -39.09
C PHE H 27 -6.36 -19.07 -39.86
N TRP H 28 -7.65 -18.87 -40.11
CA TRP H 28 -8.09 -17.70 -40.85
C TRP H 28 -9.11 -16.84 -40.12
N ALA H 29 -9.55 -15.78 -40.77
CA ALA H 29 -10.54 -14.87 -40.23
C ALA H 29 -11.25 -14.17 -41.39
N GLU H 30 -12.58 -14.10 -41.32
CA GLU H 30 -13.36 -13.47 -42.37
C GLU H 30 -12.88 -12.07 -42.72
N TRP H 31 -12.51 -11.28 -41.71
CA TRP H 31 -12.05 -9.92 -41.91
C TRP H 31 -10.59 -9.78 -42.36
N CYS H 32 -9.96 -10.85 -42.81
CA CYS H 32 -8.57 -10.75 -43.24
C CYS H 32 -8.41 -10.87 -44.75
N GLY H 33 -7.70 -9.92 -45.35
CA GLY H 33 -7.48 -9.93 -46.80
C GLY H 33 -6.67 -11.13 -47.26
N PRO H 34 -5.43 -11.26 -46.77
CA PRO H 34 -4.57 -12.39 -47.15
C PRO H 34 -5.30 -13.71 -46.90
N CYS H 35 -6.09 -13.76 -45.84
CA CYS H 35 -6.85 -14.97 -45.54
C CYS H 35 -7.83 -15.36 -46.63
N LYS H 36 -8.61 -14.40 -47.12
CA LYS H 36 -9.60 -14.69 -48.15
C LYS H 36 -9.01 -15.10 -49.50
N MET H 37 -7.83 -14.60 -49.83
CA MET H 37 -7.20 -14.94 -51.11
C MET H 37 -6.49 -16.29 -51.12
N ILE H 38 -5.82 -16.64 -50.02
CA ILE H 38 -5.11 -17.91 -49.94
C ILE H 38 -6.09 -19.09 -49.76
N ALA H 39 -7.38 -18.78 -49.69
CA ALA H 39 -8.40 -19.82 -49.54
C ALA H 39 -8.55 -20.62 -50.83
N PRO H 40 -8.65 -19.92 -51.98
CA PRO H 40 -8.79 -20.59 -53.27
C PRO H 40 -7.57 -21.43 -53.62
N ILE H 41 -6.38 -20.91 -53.30
CA ILE H 41 -5.15 -21.64 -53.57
C ILE H 41 -5.15 -22.94 -52.79
N LEU H 42 -5.92 -22.96 -51.69
CA LEU H 42 -6.03 -24.16 -50.87
C LEU H 42 -7.08 -25.10 -51.45
N ASP H 43 -7.59 -26.02 -50.63
CA ASP H 43 -8.58 -27.02 -51.05
C ASP H 43 -7.81 -28.17 -51.70
N GLU H 44 -7.28 -27.89 -52.89
CA GLU H 44 -6.49 -28.86 -53.64
C GLU H 44 -5.21 -29.13 -52.85
N ILE H 45 -4.09 -28.71 -53.41
CA ILE H 45 -2.78 -28.88 -52.78
C ILE H 45 -2.39 -30.32 -52.47
N ALA H 46 -3.12 -30.96 -51.54
CA ALA H 46 -2.84 -32.34 -51.14
C ALA H 46 -3.06 -33.35 -52.26
N ASP H 47 -2.51 -33.06 -53.44
CA ASP H 47 -2.65 -33.93 -54.60
C ASP H 47 -1.36 -34.71 -54.89
N GLU H 48 -0.21 -34.03 -54.79
CA GLU H 48 1.09 -34.65 -55.06
C GLU H 48 1.93 -34.85 -53.79
N TYR H 49 1.76 -33.94 -52.82
CA TYR H 49 2.50 -34.01 -51.57
C TYR H 49 1.78 -34.84 -50.51
N GLN H 50 0.67 -35.47 -50.88
CA GLN H 50 -0.11 -36.29 -49.94
C GLN H 50 0.75 -37.41 -49.37
N GLY H 51 0.86 -37.43 -48.05
CA GLY H 51 1.67 -38.43 -47.36
C GLY H 51 2.53 -37.69 -46.36
N LYS H 52 2.57 -36.37 -46.51
CA LYS H 52 3.32 -35.47 -45.65
C LYS H 52 2.78 -34.06 -45.81
N LEU H 53 1.49 -33.90 -45.48
CA LEU H 53 0.77 -32.62 -45.57
C LEU H 53 -0.66 -32.79 -45.02
N THR H 54 -0.82 -32.48 -43.73
CA THR H 54 -2.12 -32.58 -43.05
C THR H 54 -2.61 -31.23 -42.56
N VAL H 55 -3.06 -30.38 -43.48
CA VAL H 55 -3.55 -29.04 -43.16
C VAL H 55 -5.09 -28.98 -43.04
N ALA H 56 -5.59 -28.08 -42.19
CA ALA H 56 -7.03 -27.93 -42.00
C ALA H 56 -7.45 -26.45 -41.97
N LYS H 57 -8.74 -26.20 -41.78
CA LYS H 57 -9.25 -24.82 -41.74
C LYS H 57 -9.96 -24.46 -40.44
N LEU H 58 -9.36 -23.56 -39.66
CA LEU H 58 -9.94 -23.13 -38.38
C LEU H 58 -10.13 -21.61 -38.24
N ASN H 59 -11.37 -21.19 -38.02
CA ASN H 59 -11.70 -19.77 -37.87
C ASN H 59 -11.54 -19.26 -36.44
N ILE H 60 -10.44 -18.54 -36.22
CA ILE H 60 -10.10 -18.00 -34.90
C ILE H 60 -11.16 -17.19 -34.15
N ASP H 61 -12.17 -16.64 -34.83
CA ASP H 61 -13.19 -15.89 -34.13
C ASP H 61 -14.24 -16.79 -33.47
N GLN H 62 -14.53 -17.92 -34.12
CA GLN H 62 -15.52 -18.86 -33.59
C GLN H 62 -14.86 -19.93 -32.73
N ASN H 63 -13.53 -19.94 -32.72
CA ASN H 63 -12.74 -20.90 -31.97
C ASN H 63 -11.64 -20.13 -31.26
N PRO H 64 -12.03 -19.25 -30.32
CA PRO H 64 -11.11 -18.42 -29.56
C PRO H 64 -10.12 -19.16 -28.66
N GLY H 65 -10.44 -20.41 -28.33
CA GLY H 65 -9.57 -21.18 -27.45
C GLY H 65 -8.33 -21.84 -28.04
N THR H 66 -8.49 -22.44 -29.21
CA THR H 66 -7.40 -23.15 -29.87
C THR H 66 -6.20 -22.31 -30.34
N ALA H 67 -6.48 -21.24 -31.07
CA ALA H 67 -5.41 -20.37 -31.62
C ALA H 67 -4.39 -19.86 -30.61
N PRO H 68 -4.85 -19.35 -29.46
CA PRO H 68 -3.92 -18.82 -28.45
C PRO H 68 -2.88 -19.86 -28.03
N LYS H 69 -3.27 -21.13 -28.08
CA LYS H 69 -2.39 -22.24 -27.71
C LYS H 69 -1.17 -22.37 -28.61
N TYR H 70 -1.07 -21.48 -29.60
CA TYR H 70 0.06 -21.45 -30.53
C TYR H 70 0.39 -19.97 -30.68
N GLY H 71 1.66 -19.66 -30.93
CA GLY H 71 2.08 -18.27 -31.04
C GLY H 71 1.57 -17.43 -32.21
N ILE H 72 0.28 -17.57 -32.55
CA ILE H 72 -0.32 -16.81 -33.65
C ILE H 72 -0.06 -15.30 -33.52
N ARG H 73 0.78 -14.76 -34.40
CA ARG H 73 1.09 -13.33 -34.40
C ARG H 73 0.70 -12.69 -35.75
N GLY H 74 -0.01 -13.47 -36.56
CA GLY H 74 -0.42 -12.99 -37.86
C GLY H 74 -1.22 -14.07 -38.58
N ILE H 75 -2.04 -13.67 -39.55
CA ILE H 75 -2.83 -14.63 -40.31
C ILE H 75 -2.90 -14.24 -41.79
N PRO H 76 -3.19 -15.21 -42.67
CA PRO H 76 -3.47 -16.62 -42.35
C PRO H 76 -2.22 -17.37 -41.88
N THR H 77 -2.41 -18.34 -41.00
CA THR H 77 -1.29 -19.12 -40.51
C THR H 77 -1.42 -20.59 -40.88
N LEU H 78 -0.31 -21.17 -41.32
CA LEU H 78 -0.23 -22.57 -41.72
C LEU H 78 0.84 -23.26 -40.89
N LEU H 79 0.43 -24.16 -39.99
CA LEU H 79 1.39 -24.86 -39.13
C LEU H 79 1.82 -26.22 -39.68
N LEU H 80 3.06 -26.63 -39.37
CA LEU H 80 3.56 -27.93 -39.82
C LEU H 80 4.58 -28.56 -38.87
N PHE H 81 4.18 -29.64 -38.20
CA PHE H 81 5.04 -30.34 -37.25
C PHE H 81 5.42 -31.72 -37.77
N LYS H 82 10.17 -31.08 -34.86
CA LYS H 82 9.10 -31.95 -35.32
C LYS H 82 8.34 -32.57 -34.14
N ASN H 83 7.27 -33.30 -34.44
CA ASN H 83 6.45 -33.94 -33.43
C ASN H 83 5.82 -32.95 -32.46
N GLY H 84 5.04 -32.00 -33.00
CA GLY H 84 4.39 -31.00 -32.16
C GLY H 84 5.33 -29.94 -31.61
N GLU H 85 6.59 -30.01 -31.99
CA GLU H 85 7.60 -29.05 -31.55
C GLU H 85 7.98 -28.12 -32.70
N VAL H 86 7.48 -26.90 -32.66
CA VAL H 86 7.75 -25.90 -33.70
C VAL H 86 9.15 -25.99 -34.30
N ALA H 87 9.21 -26.03 -35.62
CA ALA H 87 10.47 -26.12 -36.33
C ALA H 87 10.24 -25.94 -37.83
N ALA H 88 8.97 -25.85 -38.24
CA ALA H 88 8.63 -25.69 -39.65
C ALA H 88 7.16 -25.38 -39.95
N THR H 89 6.74 -24.14 -39.72
CA THR H 89 5.38 -23.71 -40.00
C THR H 89 5.47 -22.43 -40.83
N LYS H 90 4.40 -22.07 -41.54
CA LYS H 90 4.44 -20.88 -42.37
C LYS H 90 3.32 -19.87 -42.18
N VAL H 91 3.70 -18.61 -42.05
CA VAL H 91 2.77 -17.51 -41.87
C VAL H 91 2.71 -16.63 -43.11
N GLY H 92 1.53 -16.54 -43.72
CA GLY H 92 1.38 -15.73 -44.91
C GLY H 92 0.53 -16.33 -46.00
N ALA H 93 0.21 -15.51 -46.99
CA ALA H 93 -0.61 -15.93 -48.12
C ALA H 93 0.30 -16.49 -49.22
N LEU H 94 0.70 -17.74 -49.07
CA LEU H 94 1.56 -18.40 -50.04
C LEU H 94 0.86 -18.64 -51.37
N SER H 95 1.64 -18.60 -52.46
CA SER H 95 1.09 -18.82 -53.79
C SER H 95 1.01 -20.31 -54.08
N LYS H 96 0.25 -20.68 -55.11
CA LYS H 96 0.09 -22.08 -55.49
C LYS H 96 1.46 -22.73 -55.60
N GLY H 97 2.40 -22.00 -56.19
CA GLY H 97 3.75 -22.51 -56.37
C GLY H 97 4.62 -22.44 -55.13
N GLN H 98 4.27 -21.56 -54.19
CA GLN H 98 5.03 -21.44 -52.95
C GLN H 98 4.54 -22.44 -51.92
N LEU H 99 3.22 -22.64 -51.87
CA LEU H 99 2.65 -23.58 -50.90
C LEU H 99 3.30 -24.94 -51.11
N LYS H 100 3.53 -25.28 -52.37
CA LYS H 100 4.17 -26.54 -52.72
C LYS H 100 5.65 -26.42 -52.40
N GLU H 101 6.23 -25.30 -52.82
CA GLU H 101 7.64 -25.00 -52.62
C GLU H 101 8.11 -25.16 -51.17
N PHE H 102 7.31 -24.68 -50.21
CA PHE H 102 7.69 -24.76 -48.80
C PHE H 102 7.74 -26.20 -48.29
N LEU H 103 6.92 -27.06 -48.88
CA LEU H 103 6.89 -28.46 -48.48
C LEU H 103 8.23 -29.13 -48.80
N ASP H 104 9.20 -28.33 -49.25
CA ASP H 104 10.54 -28.80 -49.61
C ASP H 104 11.61 -28.42 -48.59
N ALA H 105 11.19 -27.91 -47.43
CA ALA H 105 12.15 -27.52 -46.39
C ALA H 105 11.62 -27.84 -45.00
N ASN H 106 10.31 -28.06 -44.89
CA ASN H 106 9.68 -28.38 -43.63
C ASN H 106 9.36 -29.88 -43.55
N LEU H 107 10.01 -30.64 -44.42
CA LEU H 107 9.82 -32.10 -44.47
C LEU H 107 11.16 -32.82 -44.67
#